data_3ETI
#
_entry.id   3ETI
#
_cell.length_a   218.990
_cell.length_b   218.990
_cell.length_c   218.990
_cell.angle_alpha   90.000
_cell.angle_beta   90.000
_cell.angle_gamma   90.000
#
_symmetry.space_group_name_H-M   'P 21 3'
#
loop_
_entity.id
_entity.type
_entity.pdbx_description
1 polymer 'macro domain of Non-structural protein 3'
2 water water
#
_entity_poly.entity_id   1
_entity_poly.type   'polypeptide(L)'
_entity_poly.pdbx_seq_one_letter_code
;DLILPFYKAGKVSFYQGDLDVLINFLEPDVLVNAANGDLRHVGGVARAIDVFTGGKLTKRSKEYLKSSKAIAPGNAVLFE
NVLEHLSVMNAVGPRNGDSRVEGKLCNVYKAIAKCDGKILTPLISVGIFKVKLEVSLQCLLKTVTDRDLNVFVYTDQERV
TIENFFNG
;
_entity_poly.pdbx_strand_id   A,B,C,D,E,F,G,H
#
# COMPACT_ATOMS: atom_id res chain seq x y z
N ASP A 1 -64.89 20.26 36.98
CA ASP A 1 -63.58 20.92 36.75
C ASP A 1 -63.22 22.02 37.77
N LEU A 2 -62.02 21.87 38.34
CA LEU A 2 -61.43 22.84 39.22
C LEU A 2 -61.10 24.09 38.41
N ILE A 3 -60.50 23.93 37.24
CA ILE A 3 -60.06 25.06 36.45
C ILE A 3 -60.97 25.22 35.23
N LEU A 4 -61.66 26.36 35.15
CA LEU A 4 -62.63 26.64 34.07
C LEU A 4 -62.11 27.77 33.17
N PRO A 5 -62.47 27.75 31.86
CA PRO A 5 -61.95 28.81 31.00
C PRO A 5 -62.61 30.19 31.25
N PHE A 6 -61.86 31.25 31.00
CA PHE A 6 -62.41 32.60 31.02
C PHE A 6 -63.11 33.01 29.72
N TYR A 7 -62.90 32.25 28.66
CA TYR A 7 -63.57 32.49 27.41
C TYR A 7 -63.57 31.21 26.59
N LYS A 8 -64.59 31.08 25.76
CA LYS A 8 -64.68 29.95 24.90
C LYS A 8 -65.21 30.42 23.53
N ALA A 9 -64.41 30.29 22.48
CA ALA A 9 -64.83 30.67 21.14
C ALA A 9 -64.90 29.42 20.29
N GLY A 10 -66.12 28.94 20.06
CA GLY A 10 -66.34 27.71 19.34
C GLY A 10 -65.68 26.63 20.16
N LYS A 11 -64.81 25.85 19.53
CA LYS A 11 -64.11 24.76 20.23
C LYS A 11 -62.79 25.19 20.92
N VAL A 12 -62.53 26.49 20.92
CA VAL A 12 -61.28 26.98 21.49
C VAL A 12 -61.58 27.53 22.87
N SER A 13 -61.02 26.91 23.92
CA SER A 13 -61.16 27.39 25.30
C SER A 13 -59.91 28.13 25.77
N PHE A 14 -60.11 29.24 26.49
CA PHE A 14 -59.02 30.10 26.94
C PHE A 14 -58.94 30.06 28.46
N TYR A 15 -57.69 29.89 28.95
CA TYR A 15 -57.43 29.72 30.40
C TYR A 15 -56.36 30.67 30.89
N GLN A 16 -56.45 31.07 32.16
CA GLN A 16 -55.36 31.77 32.84
C GLN A 16 -54.86 30.91 34.03
N GLY A 17 -53.54 30.71 34.19
CA GLY A 17 -53.03 29.93 35.32
C GLY A 17 -51.57 29.57 35.14
N ASP A 18 -50.92 29.07 36.20
CA ASP A 18 -49.54 28.60 36.08
C ASP A 18 -49.57 27.36 35.21
N LEU A 19 -48.52 27.14 34.43
CA LEU A 19 -48.44 26.00 33.51
C LEU A 19 -48.61 24.64 34.22
N ASP A 20 -47.87 24.43 35.33
CA ASP A 20 -47.93 23.12 36.01
C ASP A 20 -49.36 22.83 36.47
N VAL A 21 -50.05 23.87 36.96
CA VAL A 21 -51.42 23.67 37.48
C VAL A 21 -52.37 23.37 36.32
N LEU A 22 -52.21 24.08 35.19
CA LEU A 22 -53.07 23.76 34.03
C LEU A 22 -52.85 22.33 33.50
N ILE A 23 -51.58 21.89 33.51
CA ILE A 23 -51.31 20.54 33.00
C ILE A 23 -51.95 19.49 33.93
N ASN A 24 -51.71 19.66 35.23
CA ASN A 24 -52.23 18.78 36.23
C ASN A 24 -53.73 18.63 36.11
N PHE A 25 -54.44 19.75 35.99
CA PHE A 25 -55.90 19.72 36.04
C PHE A 25 -56.59 19.58 34.67
N LEU A 26 -55.99 20.09 33.60
CA LEU A 26 -56.62 19.97 32.27
C LEU A 26 -56.17 18.71 31.57
N GLU A 27 -55.10 18.08 32.05
CA GLU A 27 -54.73 16.74 31.51
C GLU A 27 -54.50 16.66 29.99
N PRO A 28 -53.65 17.55 29.44
CA PRO A 28 -53.38 17.47 27.99
C PRO A 28 -52.57 16.21 27.58
N ASP A 29 -52.77 15.76 26.33
CA ASP A 29 -51.86 14.81 25.68
C ASP A 29 -50.68 15.54 25.03
N VAL A 30 -50.91 16.75 24.50
CA VAL A 30 -49.89 17.50 23.74
C VAL A 30 -49.74 18.88 24.36
N LEU A 31 -48.52 19.25 24.73
CA LEU A 31 -48.25 20.58 25.28
C LEU A 31 -47.43 21.29 24.23
N VAL A 32 -47.85 22.47 23.80
CA VAL A 32 -47.10 23.21 22.80
C VAL A 32 -46.10 24.06 23.57
N ASN A 33 -44.84 23.97 23.15
CA ASN A 33 -43.76 24.76 23.69
C ASN A 33 -43.54 25.99 22.82
N ALA A 34 -43.36 27.16 23.45
CA ALA A 34 -42.96 28.37 22.73
C ALA A 34 -41.45 28.30 22.49
N ALA A 35 -41.01 27.56 21.48
CA ALA A 35 -39.60 27.28 21.33
C ALA A 35 -38.81 28.37 20.60
N ASN A 36 -37.51 28.39 20.83
CA ASN A 36 -36.54 29.11 19.97
CA ASN A 36 -36.66 29.12 19.89
C ASN A 36 -35.95 28.13 18.95
N GLY A 37 -35.45 28.65 17.84
CA GLY A 37 -34.95 27.70 16.82
C GLY A 37 -33.83 26.77 17.30
N ASP A 38 -33.01 27.23 18.26
CA ASP A 38 -31.95 26.32 18.72
CA ASP A 38 -31.91 26.44 18.84
C ASP A 38 -32.37 25.47 19.89
N LEU A 39 -33.64 25.51 20.26
CA LEU A 39 -34.17 24.65 21.31
C LEU A 39 -33.50 24.83 22.68
N ARG A 40 -33.00 26.00 22.98
CA ARG A 40 -32.59 26.30 24.35
C ARG A 40 -33.86 26.78 25.07
N HIS A 41 -34.26 26.04 26.11
CA HIS A 41 -35.60 26.19 26.68
C HIS A 41 -35.67 27.25 27.80
N VAL A 42 -35.67 28.52 27.39
CA VAL A 42 -35.64 29.64 28.34
C VAL A 42 -36.97 30.41 28.24
N GLY A 43 -37.34 31.11 29.30
CA GLY A 43 -38.63 31.83 29.25
C GLY A 43 -39.77 31.18 30.01
N GLY A 44 -40.83 31.96 30.21
CA GLY A 44 -41.92 31.57 31.07
C GLY A 44 -42.63 30.28 30.62
N VAL A 45 -42.61 29.97 29.32
CA VAL A 45 -43.25 28.72 28.87
C VAL A 45 -42.21 27.58 28.79
N ALA A 46 -41.15 27.81 28.02
CA ALA A 46 -40.19 26.75 27.73
C ALA A 46 -39.43 26.24 28.99
N ARG A 47 -38.96 27.13 29.86
CA ARG A 47 -38.31 26.67 31.09
CA ARG A 47 -38.32 26.71 31.11
C ARG A 47 -39.30 25.95 32.00
N ALA A 48 -40.53 26.45 32.11
CA ALA A 48 -41.53 25.77 32.99
C ALA A 48 -41.84 24.37 32.48
N ILE A 49 -41.95 24.20 31.16
CA ILE A 49 -42.18 22.85 30.62
C ILE A 49 -40.97 21.94 30.86
N ASP A 50 -39.79 22.42 30.52
CA ASP A 50 -38.58 21.65 30.79
C ASP A 50 -38.54 21.16 32.25
N VAL A 51 -38.73 22.07 33.20
CA VAL A 51 -38.71 21.74 34.61
C VAL A 51 -39.79 20.70 34.97
N PHE A 52 -40.98 20.87 34.43
CA PHE A 52 -42.07 19.95 34.66
C PHE A 52 -41.70 18.53 34.21
N THR A 53 -40.87 18.44 33.16
CA THR A 53 -40.47 17.12 32.68
C THR A 53 -39.16 16.66 33.30
N GLY A 54 -38.72 17.29 34.39
CA GLY A 54 -37.45 16.89 35.01
C GLY A 54 -36.24 17.11 34.10
N GLY A 55 -36.28 18.09 33.18
CA GLY A 55 -35.14 18.25 32.29
C GLY A 55 -35.16 17.33 31.06
N LYS A 56 -36.13 16.46 30.94
CA LYS A 56 -36.20 15.56 29.79
C LYS A 56 -36.43 16.22 28.45
N LEU A 57 -37.23 17.30 28.43
CA LEU A 57 -37.36 18.05 27.17
C LEU A 57 -35.98 18.44 26.63
N THR A 58 -35.13 19.00 27.48
CA THR A 58 -33.77 19.41 27.03
C THR A 58 -32.91 18.19 26.61
N LYS A 59 -33.02 17.09 27.33
CA LYS A 59 -32.33 15.87 26.89
C LYS A 59 -32.73 15.41 25.52
N ARG A 60 -34.05 15.39 25.26
CA ARG A 60 -34.52 15.01 23.95
C ARG A 60 -34.11 16.02 22.89
N SER A 61 -34.04 17.31 23.25
CA SER A 61 -33.68 18.37 22.29
C SER A 61 -32.25 18.21 21.83
N LYS A 62 -31.34 17.95 22.75
CA LYS A 62 -29.95 17.74 22.41
CA LYS A 62 -29.96 17.79 22.34
C LYS A 62 -29.84 16.49 21.53
N GLU A 63 -30.60 15.46 21.89
CA GLU A 63 -30.56 14.27 21.04
C GLU A 63 -31.03 14.60 19.63
N TYR A 64 -32.17 15.30 19.57
CA TYR A 64 -32.79 15.68 18.28
C TYR A 64 -31.73 16.35 17.35
N LEU A 65 -30.94 17.27 17.92
CA LEU A 65 -30.10 18.13 17.06
C LEU A 65 -28.86 17.35 16.59
N LYS A 66 -28.62 16.16 17.14
CA LYS A 66 -27.52 15.33 16.65
C LYS A 66 -27.79 14.76 15.28
N SER A 67 -29.06 14.66 14.85
CA SER A 67 -29.39 14.01 13.59
C SER A 67 -30.51 14.70 12.84
N SER A 68 -30.85 15.94 13.19
CA SER A 68 -32.12 16.50 12.68
C SER A 68 -31.98 17.96 12.46
N LYS A 69 -32.78 18.38 11.48
CA LYS A 69 -32.83 19.76 10.97
C LYS A 69 -33.18 20.75 12.11
N ALA A 70 -32.38 21.81 12.26
CA ALA A 70 -32.84 22.92 13.15
C ALA A 70 -34.24 23.46 12.74
N ILE A 71 -34.97 23.93 13.73
CA ILE A 71 -36.37 24.28 13.48
C ILE A 71 -36.42 25.72 13.09
N ALA A 72 -36.78 25.99 11.83
CA ALA A 72 -36.92 27.37 11.35
C ALA A 72 -38.29 27.97 11.75
N PRO A 73 -38.34 29.30 11.91
CA PRO A 73 -39.61 29.96 12.21
C PRO A 73 -40.67 29.59 11.18
N GLY A 74 -41.90 29.41 11.64
CA GLY A 74 -42.93 28.90 10.77
C GLY A 74 -43.12 27.39 10.87
N ASN A 75 -42.23 26.69 11.61
CA ASN A 75 -42.33 25.25 11.74
C ASN A 75 -42.45 24.76 13.19
N ALA A 76 -42.89 23.52 13.37
CA ALA A 76 -42.97 22.91 14.71
C ALA A 76 -42.62 21.41 14.61
N VAL A 77 -41.95 20.87 15.64
CA VAL A 77 -41.62 19.45 15.69
C VAL A 77 -42.16 18.84 16.98
N LEU A 78 -42.87 17.72 16.84
CA LEU A 78 -43.43 17.02 17.98
C LEU A 78 -42.46 16.01 18.56
N PHE A 79 -42.15 16.14 19.86
CA PHE A 79 -41.43 15.07 20.58
C PHE A 79 -42.49 14.27 21.31
N GLU A 80 -42.68 13.01 20.94
CA GLU A 80 -43.76 12.22 21.49
C GLU A 80 -43.44 11.66 22.86
N ASN A 81 -44.41 11.69 23.76
CA ASN A 81 -44.20 11.19 25.09
C ASN A 81 -42.87 11.59 25.74
N VAL A 82 -42.63 12.88 25.87
CA VAL A 82 -41.45 13.30 26.65
C VAL A 82 -41.60 12.73 28.06
N LEU A 83 -42.83 12.74 28.56
CA LEU A 83 -43.20 11.96 29.72
C LEU A 83 -44.28 11.08 29.19
N GLU A 84 -44.60 9.99 29.91
CA GLU A 84 -45.67 9.09 29.48
C GLU A 84 -47.00 9.88 29.28
N HIS A 85 -47.54 9.81 28.06
CA HIS A 85 -48.76 10.55 27.67
C HIS A 85 -48.68 12.09 27.80
N LEU A 86 -47.47 12.64 27.64
CA LEU A 86 -47.29 14.07 27.49
C LEU A 86 -46.23 14.33 26.40
N SER A 87 -46.72 14.64 25.19
CA SER A 87 -45.88 15.01 24.05
C SER A 87 -45.68 16.51 24.08
N VAL A 88 -44.52 16.95 23.60
CA VAL A 88 -44.24 18.37 23.55
C VAL A 88 -44.03 18.76 22.11
N MET A 89 -44.87 19.68 21.65
CA MET A 89 -44.86 20.17 20.28
C MET A 89 -44.01 21.46 20.27
N ASN A 90 -42.81 21.35 19.73
CA ASN A 90 -41.88 22.49 19.77
C ASN A 90 -42.16 23.42 18.58
N ALA A 91 -42.89 24.50 18.84
CA ALA A 91 -43.35 25.42 17.79
C ALA A 91 -42.46 26.66 17.79
N VAL A 92 -41.85 26.93 16.65
CA VAL A 92 -40.94 28.05 16.56
C VAL A 92 -41.65 29.12 15.71
N GLY A 93 -42.10 30.18 16.37
CA GLY A 93 -42.75 31.29 15.68
C GLY A 93 -41.77 32.33 15.10
N PRO A 94 -42.27 33.22 14.21
CA PRO A 94 -41.52 34.39 13.73
C PRO A 94 -41.36 35.46 14.80
N ARG A 95 -40.45 36.38 14.55
CA ARG A 95 -40.19 37.49 15.44
C ARG A 95 -40.77 38.74 14.75
N ASN A 96 -41.09 39.73 15.55
CA ASN A 96 -41.59 41.00 15.04
C ASN A 96 -40.69 41.46 13.88
N GLY A 97 -41.26 41.85 12.76
CA GLY A 97 -40.39 42.39 11.72
C GLY A 97 -39.61 41.37 10.89
N ASP A 98 -39.90 40.08 11.09
CA ASP A 98 -39.45 39.09 10.12
C ASP A 98 -40.31 39.28 8.87
N SER A 99 -39.95 38.64 7.77
CA SER A 99 -40.85 38.61 6.64
C SER A 99 -41.95 37.58 6.88
N ARG A 100 -43.17 37.86 6.44
CA ARG A 100 -44.23 36.86 6.43
CA ARG A 100 -44.20 36.82 6.43
C ARG A 100 -44.60 36.37 7.84
N VAL A 101 -44.68 37.32 8.76
CA VAL A 101 -45.03 36.99 10.10
C VAL A 101 -46.33 36.22 10.15
N GLU A 102 -47.33 36.67 9.38
CA GLU A 102 -48.62 36.07 9.49
C GLU A 102 -48.67 34.69 8.85
N GLY A 103 -48.03 34.53 7.70
CA GLY A 103 -47.98 33.23 7.03
C GLY A 103 -47.25 32.22 7.91
N LYS A 104 -46.13 32.61 8.49
CA LYS A 104 -45.35 31.69 9.35
C LYS A 104 -46.14 31.32 10.61
N LEU A 105 -46.73 32.32 11.26
CA LEU A 105 -47.56 32.08 12.45
C LEU A 105 -48.70 31.16 12.18
N CYS A 106 -49.46 31.47 11.13
CA CYS A 106 -50.54 30.63 10.71
C CYS A 106 -50.09 29.19 10.39
N ASN A 107 -48.91 29.03 9.75
CA ASN A 107 -48.38 27.70 9.47
C ASN A 107 -48.05 26.90 10.75
N VAL A 108 -47.52 27.59 11.77
CA VAL A 108 -47.29 26.99 13.07
C VAL A 108 -48.60 26.43 13.64
N TYR A 109 -49.67 27.20 13.58
CA TYR A 109 -50.95 26.73 14.13
C TYR A 109 -51.53 25.56 13.33
N LYS A 110 -51.27 25.57 12.02
CA LYS A 110 -51.70 24.47 11.17
C LYS A 110 -50.98 23.17 11.62
N ALA A 111 -49.69 23.28 11.88
CA ALA A 111 -48.91 22.14 12.40
C ALA A 111 -49.45 21.69 13.76
N ILE A 112 -49.69 22.65 14.65
CA ILE A 112 -50.21 22.30 15.98
C ILE A 112 -51.54 21.52 15.89
N ALA A 113 -52.43 21.96 15.00
CA ALA A 113 -53.78 21.38 14.92
C ALA A 113 -53.75 19.91 14.42
N LYS A 114 -52.69 19.53 13.73
CA LYS A 114 -52.57 18.13 13.28
C LYS A 114 -52.22 17.13 14.36
N CYS A 115 -51.82 17.60 15.53
CA CYS A 115 -51.48 16.69 16.64
C CYS A 115 -52.73 15.94 17.10
N ASP A 116 -52.53 14.80 17.76
CA ASP A 116 -53.64 14.01 18.29
C ASP A 116 -53.94 14.33 19.74
N GLY A 117 -55.21 14.29 20.10
CA GLY A 117 -55.61 14.31 21.48
C GLY A 117 -55.78 15.72 22.01
N LYS A 118 -55.73 15.83 23.32
CA LYS A 118 -56.01 17.10 23.93
C LYS A 118 -54.75 17.99 23.92
N ILE A 119 -54.89 19.17 23.31
CA ILE A 119 -53.78 20.11 23.14
C ILE A 119 -53.91 21.34 24.05
N LEU A 120 -52.80 21.68 24.69
CA LEU A 120 -52.74 22.88 25.53
C LEU A 120 -51.59 23.74 24.97
N THR A 121 -51.89 24.99 24.60
CA THR A 121 -50.96 25.82 23.86
C THR A 121 -50.92 27.26 24.35
N PRO A 122 -49.71 27.91 24.32
CA PRO A 122 -49.72 29.38 24.55
C PRO A 122 -50.01 30.06 23.21
N LEU A 123 -50.10 31.39 23.21
CA LEU A 123 -50.09 32.13 21.93
C LEU A 123 -48.65 32.28 21.44
N ILE A 124 -48.35 31.71 20.27
CA ILE A 124 -47.03 31.71 19.70
C ILE A 124 -46.57 33.14 19.32
N SER A 125 -45.32 33.46 19.64
CA SER A 125 -44.62 34.68 19.22
C SER A 125 -45.01 35.94 20.02
N VAL A 126 -45.88 35.73 21.01
CA VAL A 126 -46.37 36.83 21.83
C VAL A 126 -45.44 36.94 23.06
N GLY A 127 -44.97 38.14 23.37
CA GLY A 127 -43.99 38.28 24.47
C GLY A 127 -42.62 38.60 23.89
N ILE A 128 -41.63 37.78 24.17
CA ILE A 128 -40.30 38.19 23.66
C ILE A 128 -40.07 38.22 22.16
N PHE A 129 -40.86 37.51 21.36
CA PHE A 129 -40.69 37.62 19.92
C PHE A 129 -41.48 38.86 19.43
N LYS A 130 -42.25 39.45 20.33
CA LYS A 130 -42.85 40.77 20.12
C LYS A 130 -43.92 40.88 19.01
N VAL A 131 -44.53 39.76 18.61
CA VAL A 131 -45.67 39.83 17.74
C VAL A 131 -46.85 40.24 18.59
N LYS A 132 -47.69 41.13 18.07
CA LYS A 132 -48.89 41.59 18.80
C LYS A 132 -49.82 40.40 19.11
N LEU A 133 -50.31 40.33 20.34
CA LEU A 133 -51.19 39.25 20.77
C LEU A 133 -52.33 38.96 19.75
N GLU A 134 -52.98 40.05 19.30
CA GLU A 134 -54.12 39.91 18.39
CA GLU A 134 -54.10 39.97 18.37
C GLU A 134 -53.74 39.30 17.06
N VAL A 135 -52.52 39.59 16.55
CA VAL A 135 -52.04 38.96 15.31
C VAL A 135 -51.93 37.43 15.48
N SER A 136 -51.33 37.01 16.60
CA SER A 136 -51.21 35.57 16.90
C SER A 136 -52.58 34.95 17.13
N LEU A 137 -53.39 35.61 17.93
CA LEU A 137 -54.74 35.13 18.18
C LEU A 137 -55.54 34.95 16.86
N GLN A 138 -55.56 35.97 15.99
CA GLN A 138 -56.26 35.87 14.69
CA GLN A 138 -56.24 35.91 14.69
C GLN A 138 -55.76 34.71 13.83
N CYS A 139 -54.44 34.49 13.77
CA CYS A 139 -53.96 33.32 13.03
C CYS A 139 -54.46 32.02 13.68
N LEU A 140 -54.49 31.99 15.00
CA LEU A 140 -55.00 30.78 15.61
C LEU A 140 -56.47 30.54 15.22
N LEU A 141 -57.32 31.55 15.40
CA LEU A 141 -58.76 31.40 15.16
C LEU A 141 -59.06 31.05 13.71
N LYS A 142 -58.31 31.67 12.81
CA LYS A 142 -58.47 31.50 11.39
C LYS A 142 -58.01 30.12 10.91
N THR A 143 -57.03 29.55 11.61
CA THR A 143 -56.41 28.32 11.14
C THR A 143 -57.01 27.13 11.82
N VAL A 144 -57.22 27.20 13.14
CA VAL A 144 -57.70 26.04 13.87
C VAL A 144 -59.23 26.10 14.04
N THR A 145 -59.93 25.69 13.00
CA THR A 145 -61.34 26.10 12.85
C THR A 145 -62.36 25.08 13.32
N ASP A 146 -62.01 23.81 13.36
CA ASP A 146 -63.01 22.88 13.84
C ASP A 146 -62.35 21.79 14.66
N ARG A 147 -61.67 22.22 15.74
CA ARG A 147 -60.75 21.34 16.47
C ARG A 147 -60.74 21.85 17.93
N ASP A 148 -60.99 20.95 18.89
CA ASP A 148 -60.88 21.31 20.30
C ASP A 148 -59.47 21.81 20.54
N LEU A 149 -59.34 22.92 21.25
CA LEU A 149 -58.03 23.51 21.52
C LEU A 149 -58.11 24.24 22.84
N ASN A 150 -57.09 24.10 23.68
CA ASN A 150 -56.96 24.88 24.92
C ASN A 150 -55.77 25.81 24.92
N VAL A 151 -56.02 27.09 25.20
CA VAL A 151 -55.03 28.16 25.03
C VAL A 151 -54.85 28.72 26.41
N PHE A 152 -53.61 29.00 26.79
CA PHE A 152 -53.40 29.59 28.10
C PHE A 152 -52.58 30.86 28.00
N VAL A 153 -52.81 31.75 28.96
CA VAL A 153 -51.98 32.96 29.15
C VAL A 153 -51.74 33.05 30.65
N TYR A 154 -50.70 33.80 31.03
CA TYR A 154 -50.42 34.00 32.48
C TYR A 154 -51.03 35.31 33.03
N THR A 155 -50.93 36.42 32.29
CA THR A 155 -51.21 37.73 32.94
C THR A 155 -52.64 38.19 32.77
N ASP A 156 -53.05 39.04 33.71
CA ASP A 156 -54.36 39.67 33.74
C ASP A 156 -54.55 40.46 32.50
N GLN A 157 -53.51 41.18 32.13
CA GLN A 157 -53.51 42.03 30.96
CA GLN A 157 -53.57 42.02 30.98
C GLN A 157 -53.80 41.22 29.71
N GLU A 158 -53.20 40.03 29.61
CA GLU A 158 -53.33 39.23 28.37
C GLU A 158 -54.74 38.73 28.28
N ARG A 159 -55.26 38.34 29.42
CA ARG A 159 -56.65 37.86 29.53
C ARG A 159 -57.66 38.93 29.05
N VAL A 160 -57.47 40.15 29.58
CA VAL A 160 -58.27 41.30 29.18
C VAL A 160 -58.19 41.56 27.69
N THR A 161 -56.97 41.61 27.14
CA THR A 161 -56.79 41.80 25.70
C THR A 161 -57.59 40.76 24.92
N ILE A 162 -57.49 39.49 25.36
CA ILE A 162 -58.22 38.43 24.64
C ILE A 162 -59.73 38.66 24.78
N GLU A 163 -60.19 38.96 25.99
CA GLU A 163 -61.63 39.22 26.24
C GLU A 163 -62.14 40.42 25.35
N ASN A 164 -61.37 41.52 25.34
CA ASN A 164 -61.67 42.72 24.53
C ASN A 164 -61.74 42.40 23.06
N PHE A 165 -60.86 41.54 22.57
CA PHE A 165 -60.92 41.13 21.19
C PHE A 165 -62.22 40.52 20.84
N PHE A 166 -62.73 39.63 21.70
CA PHE A 166 -64.00 38.97 21.42
C PHE A 166 -65.21 39.87 21.74
N ASN A 167 -65.17 40.63 22.85
CA ASN A 167 -66.29 41.43 23.33
C ASN A 167 -66.59 42.56 22.33
N GLY A 168 -65.54 42.95 21.60
CA GLY A 168 -65.60 44.08 20.73
C GLY A 168 -65.75 45.30 21.64
N ASP B 1 -24.35 22.97 0.34
CA ASP B 1 -24.35 21.60 0.98
C ASP B 1 -22.96 21.04 1.14
N LEU B 2 -22.57 20.78 2.39
CA LEU B 2 -21.22 20.37 2.72
C LEU B 2 -20.91 19.00 2.10
N ILE B 3 -21.81 18.04 2.22
CA ILE B 3 -21.50 16.69 1.76
C ILE B 3 -22.40 16.30 0.63
N LEU B 4 -21.79 15.94 -0.49
CA LEU B 4 -22.51 15.66 -1.72
C LEU B 4 -22.31 14.18 -2.10
N PRO B 5 -23.34 13.57 -2.68
CA PRO B 5 -23.18 12.19 -3.02
C PRO B 5 -22.20 12.06 -4.21
N PHE B 6 -21.46 10.95 -4.31
CA PHE B 6 -20.57 10.75 -5.45
C PHE B 6 -21.34 10.13 -6.63
N TYR B 7 -22.52 9.57 -6.37
CA TYR B 7 -23.32 9.00 -7.43
C TYR B 7 -24.78 9.04 -7.02
N LYS B 8 -25.66 9.17 -8.01
CA LYS B 8 -27.11 9.08 -7.83
C LYS B 8 -27.68 8.19 -8.91
N ALA B 9 -28.34 7.12 -8.50
CA ALA B 9 -28.99 6.23 -9.41
C ALA B 9 -30.46 6.41 -9.12
N GLY B 10 -31.12 7.21 -9.95
CA GLY B 10 -32.52 7.56 -9.72
C GLY B 10 -32.64 8.23 -8.36
N LYS B 11 -33.46 7.67 -7.46
CA LYS B 11 -33.67 8.27 -6.13
C LYS B 11 -32.69 7.78 -5.04
N VAL B 12 -31.74 6.95 -5.45
CA VAL B 12 -30.78 6.40 -4.52
C VAL B 12 -29.49 7.20 -4.63
N SER B 13 -29.11 7.91 -3.55
CA SER B 13 -27.85 8.62 -3.48
C SER B 13 -26.78 7.87 -2.66
N PHE B 14 -25.54 7.98 -3.13
CA PHE B 14 -24.39 7.26 -2.60
C PHE B 14 -23.39 8.25 -2.06
N TYR B 15 -23.01 8.04 -0.80
CA TYR B 15 -22.09 8.93 -0.09
C TYR B 15 -20.89 8.14 0.40
N GLN B 16 -19.74 8.80 0.46
CA GLN B 16 -18.61 8.25 1.18
C GLN B 16 -18.32 9.17 2.41
N GLY B 17 -18.23 8.60 3.61
CA GLY B 17 -17.94 9.42 4.81
C GLY B 17 -18.00 8.59 6.09
N ASP B 18 -17.50 9.15 7.18
CA ASP B 18 -17.66 8.52 8.50
C ASP B 18 -19.12 8.60 8.92
N LEU B 19 -19.58 7.61 9.66
CA LEU B 19 -20.93 7.51 10.10
C LEU B 19 -21.43 8.78 10.83
N ASP B 20 -20.66 9.27 11.83
CA ASP B 20 -21.19 10.37 12.66
C ASP B 20 -21.33 11.62 11.79
N VAL B 21 -20.36 11.84 10.92
CA VAL B 21 -20.39 12.97 9.95
C VAL B 21 -21.60 12.96 9.03
N LEU B 22 -21.87 11.80 8.45
CA LEU B 22 -23.04 11.66 7.59
C LEU B 22 -24.34 11.85 8.36
N ILE B 23 -24.44 11.24 9.55
CA ILE B 23 -25.64 11.49 10.36
C ILE B 23 -25.81 12.99 10.64
N ASN B 24 -24.75 13.63 11.13
CA ASN B 24 -24.80 15.01 11.49
C ASN B 24 -25.32 15.86 10.32
N PHE B 25 -24.80 15.58 9.11
CA PHE B 25 -25.07 16.48 7.98
C PHE B 25 -26.25 16.05 7.12
N LEU B 26 -26.48 14.74 6.95
CA LEU B 26 -27.63 14.30 6.18
C LEU B 26 -28.93 14.26 6.99
N GLU B 27 -28.84 14.27 8.33
CA GLU B 27 -30.06 14.36 9.14
C GLU B 27 -31.08 13.23 8.88
N PRO B 28 -30.62 11.97 8.90
CA PRO B 28 -31.64 10.93 8.66
C PRO B 28 -32.64 10.81 9.83
N ASP B 29 -33.83 10.29 9.54
CA ASP B 29 -34.79 9.77 10.50
C ASP B 29 -34.53 8.31 10.90
N VAL B 30 -34.01 7.52 9.95
CA VAL B 30 -33.79 6.10 10.13
C VAL B 30 -32.35 5.80 9.72
N LEU B 31 -31.60 5.19 10.64
CA LEU B 31 -30.30 4.68 10.36
C LEU B 31 -30.40 3.16 10.33
N VAL B 32 -29.92 2.55 9.25
CA VAL B 32 -29.88 1.10 9.18
C VAL B 32 -28.63 0.58 9.81
N ASN B 33 -28.80 -0.38 10.71
CA ASN B 33 -27.69 -1.03 11.35
C ASN B 33 -27.41 -2.36 10.62
N ALA B 34 -26.11 -2.64 10.34
CA ALA B 34 -25.69 -3.90 9.80
C ALA B 34 -25.55 -4.87 10.99
N ALA B 35 -26.65 -5.44 11.46
CA ALA B 35 -26.65 -6.21 12.67
C ALA B 35 -26.35 -7.69 12.40
N ASN B 36 -26.02 -8.38 13.49
CA ASN B 36 -26.00 -9.81 13.47
C ASN B 36 -27.19 -10.31 14.27
N GLY B 37 -27.48 -11.59 14.10
CA GLY B 37 -28.69 -12.17 14.67
C GLY B 37 -28.79 -12.15 16.18
N ASP B 38 -27.67 -12.09 16.88
CA ASP B 38 -27.81 -11.96 18.33
CA ASP B 38 -27.68 -11.96 18.32
C ASP B 38 -27.77 -10.50 18.80
N LEU B 39 -27.77 -9.55 17.87
CA LEU B 39 -27.72 -8.13 18.23
C LEU B 39 -26.52 -7.72 19.09
N ARG B 40 -25.38 -8.36 18.93
CA ARG B 40 -24.19 -7.84 19.53
C ARG B 40 -23.53 -6.85 18.58
N HIS B 41 -23.39 -5.60 18.99
CA HIS B 41 -23.14 -4.53 18.01
C HIS B 41 -21.63 -4.31 17.81
N VAL B 42 -21.02 -5.24 17.07
CA VAL B 42 -19.55 -5.23 16.88
C VAL B 42 -19.33 -4.86 15.41
N GLY B 43 -18.18 -4.32 15.05
CA GLY B 43 -17.97 -4.03 13.62
C GLY B 43 -18.13 -2.53 13.33
N GLY B 44 -17.60 -2.11 12.18
CA GLY B 44 -17.47 -0.72 11.86
C GLY B 44 -18.79 0.02 11.79
N VAL B 45 -19.89 -0.63 11.42
CA VAL B 45 -21.15 0.03 11.41
C VAL B 45 -21.79 0.00 12.80
N ALA B 46 -22.02 -1.20 13.31
CA ALA B 46 -22.79 -1.41 14.52
C ALA B 46 -22.14 -0.75 15.77
N ARG B 47 -20.81 -0.88 15.91
CA ARG B 47 -20.15 -0.27 17.05
C ARG B 47 -20.26 1.27 16.99
N ALA B 48 -20.19 1.85 15.79
CA ALA B 48 -20.24 3.30 15.63
C ALA B 48 -21.64 3.87 15.88
N ILE B 49 -22.67 3.15 15.44
CA ILE B 49 -24.03 3.53 15.81
C ILE B 49 -24.23 3.45 17.32
N ASP B 50 -23.74 2.37 17.91
CA ASP B 50 -23.95 2.21 19.35
C ASP B 50 -23.28 3.38 20.08
N VAL B 51 -22.01 3.65 19.77
CA VAL B 51 -21.32 4.80 20.38
C VAL B 51 -22.05 6.14 20.15
N PHE B 52 -22.58 6.32 18.95
CA PHE B 52 -23.25 7.58 18.58
C PHE B 52 -24.49 7.76 19.44
N THR B 53 -25.14 6.64 19.79
CA THR B 53 -26.31 6.69 20.65
C THR B 53 -25.94 6.58 22.14
N GLY B 54 -24.67 6.76 22.52
CA GLY B 54 -24.27 6.69 23.94
C GLY B 54 -24.59 5.33 24.52
N GLY B 55 -24.57 4.27 23.71
CA GLY B 55 -24.77 2.89 24.22
C GLY B 55 -26.26 2.55 24.30
N LYS B 56 -27.12 3.45 23.87
CA LYS B 56 -28.57 3.15 23.96
C LYS B 56 -29.04 2.08 23.01
N LEU B 57 -28.41 1.98 21.84
CA LEU B 57 -28.79 0.87 20.97
C LEU B 57 -28.66 -0.50 21.68
N THR B 58 -27.54 -0.73 22.35
CA THR B 58 -27.34 -1.96 23.10
C THR B 58 -28.38 -2.11 24.24
N LYS B 59 -28.70 -1.01 24.93
CA LYS B 59 -29.68 -1.06 26.02
C LYS B 59 -31.03 -1.48 25.47
N ARG B 60 -31.44 -0.88 24.34
CA ARG B 60 -32.72 -1.26 23.72
C ARG B 60 -32.64 -2.72 23.21
N SER B 61 -31.46 -3.16 22.75
CA SER B 61 -31.33 -4.49 22.15
C SER B 61 -31.51 -5.57 23.24
N LYS B 62 -30.88 -5.38 24.39
CA LYS B 62 -31.06 -6.27 25.55
CA LYS B 62 -31.07 -6.32 25.50
C LYS B 62 -32.53 -6.32 25.98
N GLU B 63 -33.17 -5.15 26.06
CA GLU B 63 -34.60 -5.11 26.39
C GLU B 63 -35.35 -5.91 25.36
N TYR B 64 -35.06 -5.63 24.09
CA TYR B 64 -35.79 -6.27 23.01
C TYR B 64 -35.75 -7.82 23.18
N LEU B 65 -34.57 -8.36 23.40
CA LEU B 65 -34.44 -9.83 23.46
C LEU B 65 -35.17 -10.48 24.65
N LYS B 66 -35.54 -9.69 25.68
CA LYS B 66 -36.27 -10.28 26.81
C LYS B 66 -37.69 -10.71 26.45
N SER B 67 -38.21 -10.24 25.32
CA SER B 67 -39.61 -10.53 25.01
C SER B 67 -39.89 -10.70 23.53
N SER B 68 -38.89 -10.93 22.69
CA SER B 68 -39.14 -10.74 21.23
C SER B 68 -38.28 -11.74 20.47
N LYS B 69 -38.64 -12.05 19.24
CA LYS B 69 -37.82 -13.02 18.53
C LYS B 69 -36.52 -12.48 17.96
N ALA B 70 -35.51 -13.33 18.14
CA ALA B 70 -34.22 -13.27 17.44
C ALA B 70 -34.45 -12.94 15.98
N ILE B 71 -33.58 -12.10 15.44
CA ILE B 71 -33.79 -11.63 14.12
C ILE B 71 -32.98 -12.56 13.21
N ALA B 72 -33.69 -13.25 12.32
CA ALA B 72 -33.06 -14.21 11.44
C ALA B 72 -32.59 -13.51 10.18
N PRO B 73 -31.51 -14.02 9.55
CA PRO B 73 -31.04 -13.41 8.30
C PRO B 73 -32.17 -13.22 7.30
N GLY B 74 -32.21 -12.10 6.59
CA GLY B 74 -33.37 -11.83 5.70
C GLY B 74 -34.44 -10.95 6.33
N ASN B 75 -34.29 -10.64 7.63
CA ASN B 75 -35.24 -9.86 8.42
C ASN B 75 -34.61 -8.57 9.00
N ALA B 76 -35.44 -7.59 9.37
CA ALA B 76 -34.95 -6.36 9.98
C ALA B 76 -35.99 -5.92 11.02
N VAL B 77 -35.56 -5.41 12.18
CA VAL B 77 -36.51 -4.86 13.17
C VAL B 77 -36.17 -3.38 13.49
N LEU B 78 -37.18 -2.52 13.41
CA LEU B 78 -37.01 -1.12 13.68
C LEU B 78 -37.14 -0.81 15.19
N PHE B 79 -36.10 -0.22 15.78
CA PHE B 79 -36.20 0.36 17.13
C PHE B 79 -36.49 1.82 16.91
N GLU B 80 -37.69 2.27 17.27
CA GLU B 80 -38.08 3.63 17.01
CA GLU B 80 -38.09 3.63 17.01
C GLU B 80 -37.47 4.62 18.00
N ASN B 81 -36.97 5.74 17.48
CA ASN B 81 -36.38 6.76 18.33
C ASN B 81 -35.40 6.30 19.40
N VAL B 82 -34.36 5.60 19.00
CA VAL B 82 -33.32 5.23 19.94
C VAL B 82 -32.76 6.51 20.51
N LEU B 83 -32.58 7.53 19.65
CA LEU B 83 -32.46 8.91 20.11
C LEU B 83 -33.66 9.68 19.59
N GLU B 84 -33.99 10.83 20.20
CA GLU B 84 -35.10 11.64 19.65
C GLU B 84 -34.91 11.80 18.13
N HIS B 85 -35.90 11.33 17.34
CA HIS B 85 -35.92 11.45 15.87
C HIS B 85 -34.73 10.71 15.22
N LEU B 86 -34.23 9.68 15.90
CA LEU B 86 -33.31 8.77 15.21
C LEU B 86 -33.70 7.33 15.53
N SER B 87 -34.34 6.68 14.58
CA SER B 87 -34.67 5.25 14.74
C SER B 87 -33.56 4.39 14.13
N VAL B 88 -33.31 3.20 14.71
CA VAL B 88 -32.30 2.30 14.16
C VAL B 88 -33.03 1.06 13.65
N MET B 89 -32.78 0.75 12.37
CA MET B 89 -33.38 -0.40 11.71
C MET B 89 -32.33 -1.48 11.72
N ASN B 90 -32.53 -2.50 12.56
CA ASN B 90 -31.53 -3.56 12.73
C ASN B 90 -31.74 -4.62 11.65
N ALA B 91 -30.92 -4.53 10.59
CA ALA B 91 -31.07 -5.39 9.40
C ALA B 91 -30.02 -6.49 9.44
N VAL B 92 -30.50 -7.71 9.50
CA VAL B 92 -29.62 -8.88 9.58
C VAL B 92 -29.50 -9.56 8.18
N GLY B 93 -28.37 -9.39 7.51
CA GLY B 93 -28.21 -9.98 6.19
C GLY B 93 -27.79 -11.43 6.23
N PRO B 94 -27.88 -12.14 5.08
CA PRO B 94 -27.25 -13.47 4.98
C PRO B 94 -25.73 -13.39 4.92
N ARG B 95 -25.12 -14.51 5.25
CA ARG B 95 -23.71 -14.69 5.10
C ARG B 95 -23.42 -15.36 3.73
N ASN B 96 -22.26 -15.07 3.16
CA ASN B 96 -21.82 -15.84 2.01
C ASN B 96 -21.86 -17.36 2.31
N GLY B 97 -22.47 -18.12 1.42
CA GLY B 97 -22.51 -19.55 1.64
C GLY B 97 -23.80 -19.99 2.28
N ASP B 98 -24.65 -19.05 2.70
CA ASP B 98 -25.99 -19.39 3.18
C ASP B 98 -26.78 -19.80 1.96
N SER B 99 -27.96 -20.35 2.17
CA SER B 99 -28.87 -20.53 1.08
C SER B 99 -29.75 -19.31 0.90
N ARG B 100 -30.18 -19.11 -0.35
CA ARG B 100 -31.06 -18.02 -0.71
C ARG B 100 -30.47 -16.64 -0.34
N VAL B 101 -29.18 -16.52 -0.53
CA VAL B 101 -28.49 -15.27 -0.24
C VAL B 101 -29.20 -14.08 -0.90
N GLU B 102 -29.41 -14.14 -2.22
CA GLU B 102 -30.04 -13.03 -2.91
C GLU B 102 -31.48 -12.85 -2.45
N GLY B 103 -32.17 -13.95 -2.16
CA GLY B 103 -33.55 -13.86 -1.71
C GLY B 103 -33.61 -13.11 -0.37
N LYS B 104 -32.74 -13.52 0.53
CA LYS B 104 -32.70 -12.93 1.86
C LYS B 104 -32.25 -11.46 1.83
N LEU B 105 -31.25 -11.15 1.01
CA LEU B 105 -30.68 -9.81 0.95
C LEU B 105 -31.68 -8.84 0.37
N CYS B 106 -32.34 -9.26 -0.71
CA CYS B 106 -33.37 -8.45 -1.33
C CYS B 106 -34.52 -8.24 -0.35
N ASN B 107 -34.87 -9.25 0.43
CA ASN B 107 -35.93 -9.10 1.43
C ASN B 107 -35.61 -8.07 2.52
N VAL B 108 -34.32 -7.97 2.89
CA VAL B 108 -33.89 -6.99 3.90
C VAL B 108 -34.07 -5.60 3.33
N TYR B 109 -33.68 -5.40 2.06
CA TYR B 109 -33.86 -4.10 1.46
C TYR B 109 -35.33 -3.70 1.33
N LYS B 110 -36.18 -4.67 1.06
CA LYS B 110 -37.62 -4.45 1.03
C LYS B 110 -38.17 -3.99 2.42
N ALA B 111 -37.68 -4.62 3.50
CA ALA B 111 -38.05 -4.19 4.87
C ALA B 111 -37.55 -2.77 5.14
N ILE B 112 -36.30 -2.49 4.79
CA ILE B 112 -35.73 -1.17 4.97
C ILE B 112 -36.60 -0.08 4.27
N ALA B 113 -36.95 -0.31 3.00
CA ALA B 113 -37.68 0.68 2.18
C ALA B 113 -39.06 1.00 2.74
N LYS B 114 -39.61 0.08 3.54
CA LYS B 114 -40.88 0.36 4.21
C LYS B 114 -40.81 1.35 5.41
N CYS B 115 -39.60 1.66 5.91
CA CYS B 115 -39.53 2.64 7.00
C CYS B 115 -39.95 4.04 6.50
N ASP B 116 -40.29 4.92 7.44
CA ASP B 116 -40.71 6.28 7.12
C ASP B 116 -39.56 7.29 7.21
N GLY B 117 -39.59 8.32 6.39
CA GLY B 117 -38.71 9.47 6.56
C GLY B 117 -37.43 9.22 5.77
N LYS B 118 -36.42 10.01 6.08
CA LYS B 118 -35.16 9.91 5.42
C LYS B 118 -34.33 8.76 5.99
N ILE B 119 -33.91 7.88 5.11
CA ILE B 119 -33.15 6.69 5.49
C ILE B 119 -31.69 6.79 5.05
N LEU B 120 -30.78 6.40 5.96
CA LEU B 120 -29.36 6.27 5.68
C LEU B 120 -28.93 4.81 5.95
N THR B 121 -28.36 4.13 4.93
CA THR B 121 -28.07 2.70 5.06
C THR B 121 -26.72 2.37 4.45
N PRO B 122 -25.99 1.41 5.08
CA PRO B 122 -24.83 0.77 4.49
C PRO B 122 -25.30 -0.31 3.46
N LEU B 123 -24.37 -0.89 2.73
CA LEU B 123 -24.69 -2.10 1.95
C LEU B 123 -24.66 -3.31 2.87
N ILE B 124 -25.79 -4.01 2.96
CA ILE B 124 -25.88 -5.13 3.91
C ILE B 124 -25.15 -6.39 3.43
N SER B 125 -24.55 -7.12 4.38
CA SER B 125 -23.82 -8.37 4.09
C SER B 125 -22.48 -8.20 3.40
N VAL B 126 -22.13 -6.97 3.06
CA VAL B 126 -20.83 -6.70 2.47
C VAL B 126 -19.75 -6.57 3.54
N GLY B 127 -18.55 -7.07 3.30
CA GLY B 127 -17.56 -7.00 4.39
C GLY B 127 -17.52 -8.29 5.20
N ILE B 128 -17.79 -8.24 6.50
CA ILE B 128 -17.60 -9.52 7.26
C ILE B 128 -18.51 -10.71 6.89
N PHE B 129 -19.71 -10.43 6.39
CA PHE B 129 -20.59 -11.52 5.94
C PHE B 129 -20.21 -12.04 4.55
N LYS B 130 -19.31 -11.29 3.88
CA LYS B 130 -18.60 -11.79 2.68
C LYS B 130 -19.43 -11.90 1.43
N VAL B 131 -20.56 -11.19 1.38
CA VAL B 131 -21.29 -11.10 0.14
C VAL B 131 -20.63 -10.02 -0.72
N LYS B 132 -20.47 -10.31 -2.00
CA LYS B 132 -19.81 -9.39 -2.90
C LYS B 132 -20.55 -8.07 -2.95
N LEU B 133 -19.81 -6.96 -2.88
CA LEU B 133 -20.43 -5.67 -2.89
C LEU B 133 -21.50 -5.62 -3.98
N GLU B 134 -21.13 -6.15 -5.15
CA GLU B 134 -21.96 -5.97 -6.34
C GLU B 134 -23.30 -6.67 -6.20
N VAL B 135 -23.30 -7.82 -5.52
CA VAL B 135 -24.50 -8.61 -5.29
C VAL B 135 -25.49 -7.89 -4.35
N SER B 136 -24.96 -7.28 -3.29
CA SER B 136 -25.80 -6.51 -2.36
C SER B 136 -26.31 -5.25 -3.07
N LEU B 137 -25.41 -4.63 -3.82
CA LEU B 137 -25.78 -3.42 -4.57
C LEU B 137 -26.94 -3.72 -5.58
N GLN B 138 -26.84 -4.82 -6.34
CA GLN B 138 -27.91 -5.13 -7.30
CA GLN B 138 -27.87 -5.26 -7.29
C GLN B 138 -29.21 -5.48 -6.60
N CYS B 139 -29.16 -6.18 -5.48
CA CYS B 139 -30.40 -6.43 -4.76
C CYS B 139 -31.07 -5.14 -4.32
N LEU B 140 -30.25 -4.17 -3.89
CA LEU B 140 -30.74 -2.91 -3.42
C LEU B 140 -31.39 -2.16 -4.58
N LEU B 141 -30.66 -2.01 -5.70
CA LEU B 141 -31.17 -1.23 -6.86
C LEU B 141 -32.43 -1.86 -7.43
N LYS B 142 -32.39 -3.18 -7.51
CA LYS B 142 -33.48 -3.95 -8.02
C LYS B 142 -34.71 -3.86 -7.10
N THR B 143 -34.48 -3.79 -5.80
CA THR B 143 -35.58 -3.81 -4.82
C THR B 143 -36.15 -2.42 -4.48
N VAL B 144 -35.29 -1.43 -4.24
CA VAL B 144 -35.76 -0.12 -3.78
C VAL B 144 -35.88 0.86 -4.95
N THR B 145 -36.98 0.75 -5.67
CA THR B 145 -37.05 1.27 -7.04
C THR B 145 -37.77 2.61 -7.13
N ASP B 146 -38.54 2.97 -6.12
CA ASP B 146 -39.23 4.26 -6.19
C ASP B 146 -39.23 4.99 -4.85
N ARG B 147 -38.06 5.10 -4.24
CA ARG B 147 -37.93 5.51 -2.84
C ARG B 147 -36.62 6.27 -2.67
N ASP B 148 -36.67 7.52 -2.24
CA ASP B 148 -35.45 8.19 -1.74
C ASP B 148 -34.70 7.31 -0.74
N LEU B 149 -33.41 7.13 -0.99
CA LEU B 149 -32.58 6.28 -0.15
C LEU B 149 -31.20 6.88 -0.20
N ASN B 150 -30.54 6.92 0.95
CA ASN B 150 -29.17 7.35 1.03
C ASN B 150 -28.30 6.19 1.49
N VAL B 151 -27.28 5.86 0.69
CA VAL B 151 -26.43 4.71 0.93
C VAL B 151 -25.07 5.26 1.31
N PHE B 152 -24.44 4.70 2.34
CA PHE B 152 -23.04 5.14 2.62
C PHE B 152 -22.02 4.02 2.60
N VAL B 153 -20.79 4.41 2.27
CA VAL B 153 -19.60 3.59 2.51
C VAL B 153 -18.53 4.42 3.14
N TYR B 154 -17.64 3.79 3.89
CA TYR B 154 -16.60 4.52 4.61
C TYR B 154 -15.35 4.85 3.79
N THR B 155 -14.98 3.98 2.85
CA THR B 155 -13.70 4.11 2.15
C THR B 155 -13.76 4.50 0.66
N ASP B 156 -12.68 5.15 0.22
CA ASP B 156 -12.46 5.52 -1.16
C ASP B 156 -12.55 4.28 -2.06
N GLN B 157 -11.95 3.18 -1.64
CA GLN B 157 -11.96 2.03 -2.48
C GLN B 157 -13.39 1.52 -2.67
N GLU B 158 -14.21 1.52 -1.62
CA GLU B 158 -15.60 1.10 -1.83
C GLU B 158 -16.30 2.05 -2.82
N ARG B 159 -16.02 3.35 -2.72
CA ARG B 159 -16.62 4.32 -3.63
C ARG B 159 -16.24 3.98 -5.09
N VAL B 160 -14.96 3.66 -5.29
CA VAL B 160 -14.43 3.31 -6.61
C VAL B 160 -15.11 2.07 -7.15
N THR B 161 -15.27 1.05 -6.33
CA THR B 161 -15.94 -0.15 -6.76
C THR B 161 -17.37 0.12 -7.18
N ILE B 162 -18.01 1.05 -6.47
CA ILE B 162 -19.38 1.39 -6.80
C ILE B 162 -19.42 2.21 -8.11
N GLU B 163 -18.57 3.20 -8.23
CA GLU B 163 -18.52 3.95 -9.47
C GLU B 163 -18.24 3.01 -10.63
N ASN B 164 -17.32 2.05 -10.46
CA ASN B 164 -17.03 1.08 -11.53
CA ASN B 164 -17.04 1.08 -11.52
C ASN B 164 -18.26 0.27 -11.93
N PHE B 165 -19.07 -0.13 -10.94
CA PHE B 165 -20.26 -0.92 -11.22
C PHE B 165 -21.24 -0.12 -12.10
N PHE B 166 -21.37 1.20 -11.88
CA PHE B 166 -22.29 1.98 -12.68
C PHE B 166 -21.69 2.41 -14.02
N ASN B 167 -20.38 2.57 -14.10
CA ASN B 167 -19.75 3.01 -15.35
C ASN B 167 -19.09 1.83 -16.04
N GLY B 168 -17.80 1.64 -15.73
CA GLY B 168 -17.04 0.44 -16.13
C GLY B 168 -17.91 -0.74 -16.55
N ASP C 1 13.14 9.88 22.89
CA ASP C 1 11.72 10.16 22.53
C ASP C 1 11.11 9.08 21.64
N LEU C 2 9.98 8.52 22.06
CA LEU C 2 9.35 7.40 21.38
C LEU C 2 8.72 7.83 20.06
N ILE C 3 8.11 9.01 20.06
CA ILE C 3 7.51 9.53 18.85
C ILE C 3 8.29 10.71 18.34
N LEU C 4 8.74 10.63 17.09
CA LEU C 4 9.54 11.67 16.49
C LEU C 4 8.75 12.32 15.38
N PRO C 5 8.99 13.61 15.14
CA PRO C 5 8.28 14.29 14.05
C PRO C 5 8.85 13.81 12.73
N PHE C 6 8.06 13.80 11.68
CA PHE C 6 8.52 13.37 10.38
C PHE C 6 9.09 14.58 9.64
N TYR C 7 8.86 15.76 10.17
CA TYR C 7 9.44 16.96 9.62
C TYR C 7 9.39 18.08 10.67
N LYS C 8 10.41 18.96 10.65
CA LYS C 8 10.39 20.21 11.40
C LYS C 8 10.67 21.38 10.48
N ALA C 9 9.71 22.29 10.30
CA ALA C 9 9.95 23.56 9.62
C ALA C 9 10.11 24.65 10.69
N GLY C 10 11.37 24.96 11.02
CA GLY C 10 11.67 25.95 12.07
C GLY C 10 11.16 25.46 13.40
N LYS C 11 10.25 26.22 14.04
CA LYS C 11 9.69 25.78 15.35
C LYS C 11 8.43 24.90 15.19
N VAL C 12 7.99 24.64 13.97
CA VAL C 12 6.80 23.79 13.76
C VAL C 12 7.22 22.33 13.53
N SER C 13 6.86 21.44 14.46
CA SER C 13 7.09 20.01 14.29
C SER C 13 5.83 19.25 13.79
N PHE C 14 6.01 18.33 12.83
CA PHE C 14 4.89 17.64 12.18
C PHE C 14 4.93 16.17 12.56
N TYR C 15 3.78 15.62 12.96
CA TYR C 15 3.71 14.25 13.47
C TYR C 15 2.60 13.48 12.79
N GLN C 16 2.76 12.15 12.79
CA GLN C 16 1.73 11.24 12.34
C GLN C 16 1.46 10.25 13.44
N GLY C 17 0.19 10.05 13.79
CA GLY C 17 -0.17 9.10 14.85
C GLY C 17 -1.63 9.22 15.23
N ASP C 18 -2.10 8.26 16.00
CA ASP C 18 -3.45 8.33 16.55
C ASP C 18 -3.44 9.47 17.57
N LEU C 19 -4.56 10.20 17.65
CA LEU C 19 -4.66 11.32 18.57
C LEU C 19 -4.32 10.90 20.02
N ASP C 20 -4.93 9.87 20.55
CA ASP C 20 -4.65 9.55 21.98
C ASP C 20 -3.15 9.21 22.23
N VAL C 21 -2.53 8.49 21.29
CA VAL C 21 -1.11 8.19 21.38
C VAL C 21 -0.24 9.47 21.34
N LEU C 22 -0.59 10.44 20.49
CA LEU C 22 0.20 11.71 20.45
C LEU C 22 -0.03 12.53 21.72
N ILE C 23 -1.28 12.61 22.20
CA ILE C 23 -1.49 13.34 23.47
C ILE C 23 -0.71 12.67 24.62
N ASN C 24 -0.79 11.34 24.68
CA ASN C 24 -0.09 10.57 25.69
C ASN C 24 1.41 10.87 25.71
N PHE C 25 2.04 10.84 24.51
CA PHE C 25 3.51 10.95 24.47
C PHE C 25 4.03 12.35 24.27
N LEU C 26 3.28 13.20 23.53
CA LEU C 26 3.72 14.58 23.36
C LEU C 26 3.35 15.52 24.53
N GLU C 27 2.42 15.11 25.38
CA GLU C 27 2.05 15.90 26.58
C GLU C 27 1.62 17.34 26.29
N PRO C 28 0.71 17.53 25.34
CA PRO C 28 0.32 18.94 25.14
C PRO C 28 -0.45 19.56 26.34
N ASP C 29 -0.37 20.90 26.49
CA ASP C 29 -1.25 21.70 27.36
C ASP C 29 -2.58 22.07 26.64
N VAL C 30 -2.49 22.32 25.33
CA VAL C 30 -3.61 22.73 24.51
C VAL C 30 -3.76 21.79 23.30
N LEU C 31 -4.95 21.26 23.12
CA LEU C 31 -5.32 20.48 22.00
C LEU C 31 -6.28 21.26 21.13
N VAL C 32 -5.94 21.43 19.87
CA VAL C 32 -6.82 22.14 19.01
C VAL C 32 -7.82 21.15 18.42
N ASN C 33 -9.10 21.50 18.53
CA ASN C 33 -10.19 20.72 17.99
C ASN C 33 -10.59 21.27 16.62
N ALA C 34 -10.76 20.39 15.64
CA ALA C 34 -11.32 20.77 14.35
C ALA C 34 -12.84 20.88 14.49
N ALA C 35 -13.32 22.02 14.99
CA ALA C 35 -14.74 22.11 15.36
C ALA C 35 -15.63 22.60 14.22
N ASN C 36 -16.92 22.24 14.33
CA ASN C 36 -17.92 22.99 13.54
CA ASN C 36 -18.05 22.89 13.59
C ASN C 36 -18.60 24.06 14.40
N GLY C 37 -19.26 25.01 13.75
CA GLY C 37 -19.83 26.17 14.48
C GLY C 37 -20.84 25.77 15.58
N ASP C 38 -21.58 24.70 15.33
CA ASP C 38 -22.56 24.31 16.34
CA ASP C 38 -22.59 24.17 16.24
C ASP C 38 -21.95 23.41 17.42
N LEU C 39 -20.63 23.21 17.36
CA LEU C 39 -19.92 22.45 18.40
C LEU C 39 -20.42 21.01 18.56
N ARG C 40 -20.96 20.42 17.50
CA ARG C 40 -21.25 18.99 17.55
C ARG C 40 -19.99 18.23 17.13
N HIS C 41 -19.43 17.44 18.06
CA HIS C 41 -18.08 16.94 17.88
C HIS C 41 -18.02 15.60 17.11
N VAL C 42 -18.23 15.72 15.79
CA VAL C 42 -18.19 14.58 14.90
C VAL C 42 -16.93 14.63 14.06
N GLY C 43 -16.50 13.47 13.54
CA GLY C 43 -15.30 13.42 12.68
C GLY C 43 -14.07 12.92 13.44
N GLY C 44 -12.98 12.65 12.70
CA GLY C 44 -11.85 11.90 13.26
C GLY C 44 -11.04 12.67 14.31
N VAL C 45 -11.18 14.00 14.31
CA VAL C 45 -10.54 14.75 15.36
C VAL C 45 -11.48 15.00 16.57
N ALA C 46 -12.61 15.65 16.31
CA ALA C 46 -13.55 16.06 17.34
C ALA C 46 -14.09 14.89 18.17
N ARG C 47 -14.46 13.79 17.51
CA ARG C 47 -14.99 12.62 18.22
C ARG C 47 -13.90 11.98 19.08
N ALA C 48 -12.66 12.00 18.59
CA ALA C 48 -11.55 11.38 19.32
C ALA C 48 -11.17 12.19 20.56
N ILE C 49 -11.16 13.52 20.40
CA ILE C 49 -10.94 14.39 21.57
C ILE C 49 -12.06 14.21 22.61
N ASP C 50 -13.31 14.20 22.15
CA ASP C 50 -14.46 14.03 23.06
C ASP C 50 -14.34 12.74 23.85
N VAL C 51 -14.10 11.62 23.16
CA VAL C 51 -13.91 10.35 23.84
C VAL C 51 -12.68 10.31 24.79
N PHE C 52 -11.56 10.90 24.37
CA PHE C 52 -10.41 10.98 25.24
C PHE C 52 -10.75 11.71 26.55
N THR C 53 -11.63 12.73 26.48
CA THR C 53 -12.05 13.49 27.67
C THR C 53 -13.29 12.91 28.36
N GLY C 54 -13.67 11.68 28.01
CA GLY C 54 -14.83 11.01 28.62
C GLY C 54 -16.12 11.81 28.39
N GLY C 55 -16.26 12.47 27.25
CA GLY C 55 -17.47 13.22 27.00
C GLY C 55 -17.50 14.62 27.61
N LYS C 56 -16.45 14.98 28.37
CA LYS C 56 -16.42 16.31 28.97
C LYS C 56 -16.37 17.44 27.94
N LEU C 57 -15.75 17.21 26.79
CA LEU C 57 -15.71 18.29 25.80
C LEU C 57 -17.17 18.65 25.40
N THR C 58 -18.00 17.63 25.12
CA THR C 58 -19.41 17.88 24.78
C THR C 58 -20.20 18.50 25.96
N LYS C 59 -19.95 18.02 27.19
CA LYS C 59 -20.60 18.68 28.36
C LYS C 59 -20.32 20.20 28.43
N ARG C 60 -19.03 20.56 28.30
CA ARG C 60 -18.64 21.97 28.35
CA ARG C 60 -18.59 21.96 28.32
C ARG C 60 -19.18 22.73 27.15
N SER C 61 -19.30 22.05 26.01
CA SER C 61 -19.82 22.73 24.81
C SER C 61 -21.30 23.12 24.99
N LYS C 62 -22.10 22.21 25.53
CA LYS C 62 -23.49 22.50 25.75
C LYS C 62 -23.62 23.62 26.78
N GLU C 63 -22.81 23.58 27.83
CA GLU C 63 -22.81 24.66 28.83
C GLU C 63 -22.46 25.97 28.10
N TYR C 64 -21.37 25.96 27.34
CA TYR C 64 -20.94 27.17 26.59
C TYR C 64 -22.07 27.83 25.81
N LEU C 65 -22.84 27.03 25.07
CA LEU C 65 -23.84 27.59 24.18
C LEU C 65 -25.04 28.11 24.98
N LYS C 66 -25.11 27.80 26.28
CA LYS C 66 -26.19 28.40 27.08
C LYS C 66 -26.06 29.90 27.33
N SER C 67 -24.86 30.44 27.19
CA SER C 67 -24.61 31.87 27.54
C SER C 67 -23.63 32.53 26.60
N SER C 68 -23.38 31.95 25.43
CA SER C 68 -22.19 32.36 24.67
C SER C 68 -22.42 32.28 23.18
N LYS C 69 -21.66 33.10 22.47
CA LYS C 69 -21.83 33.26 21.01
C LYS C 69 -21.43 31.99 20.24
N ALA C 70 -22.29 31.53 19.34
CA ALA C 70 -21.89 30.48 18.40
C ALA C 70 -20.54 30.87 17.73
N ILE C 71 -19.74 29.86 17.41
CA ILE C 71 -18.42 30.13 16.89
C ILE C 71 -18.51 30.17 15.37
N ALA C 72 -18.25 31.36 14.82
CA ALA C 72 -18.19 31.56 13.36
C ALA C 72 -16.83 31.19 12.74
N PRO C 73 -16.86 30.65 11.52
CA PRO C 73 -15.66 30.37 10.72
C PRO C 73 -14.70 31.53 10.79
N GLY C 74 -13.44 31.24 11.04
CA GLY C 74 -12.43 32.30 11.20
C GLY C 74 -12.10 32.55 12.67
N ASN C 75 -12.80 31.83 13.58
CA ASN C 75 -12.71 32.07 15.00
C ASN C 75 -12.44 30.77 15.77
N ALA C 76 -11.85 30.91 16.95
CA ALA C 76 -11.59 29.79 17.86
C ALA C 76 -11.92 30.21 19.32
N VAL C 77 -12.44 29.29 20.14
CA VAL C 77 -12.64 29.54 21.56
C VAL C 77 -11.99 28.43 22.39
N LEU C 78 -11.17 28.83 23.35
CA LEU C 78 -10.49 27.93 24.23
C LEU C 78 -11.35 27.55 25.44
N PHE C 79 -11.53 26.24 25.64
CA PHE C 79 -12.12 25.70 26.91
C PHE C 79 -10.93 25.28 27.75
N GLU C 80 -10.69 25.96 28.85
CA GLU C 80 -9.49 25.66 29.68
C GLU C 80 -9.69 24.45 30.56
N ASN C 81 -8.67 23.61 30.61
CA ASN C 81 -8.66 22.44 31.44
C ASN C 81 -9.94 21.64 31.32
N VAL C 82 -10.28 21.25 30.09
CA VAL C 82 -11.36 20.29 29.90
C VAL C 82 -11.00 19.07 30.78
N LEU C 83 -9.74 18.64 30.73
CA LEU C 83 -9.18 17.75 31.74
C LEU C 83 -8.12 18.57 32.44
N GLU C 84 -7.72 18.18 33.67
CA GLU C 84 -6.53 18.76 34.29
C GLU C 84 -5.31 18.92 33.32
N HIS C 85 -4.90 20.17 33.10
CA HIS C 85 -3.80 20.46 32.19
C HIS C 85 -4.01 20.00 30.74
N LEU C 86 -5.26 19.99 30.28
CA LEU C 86 -5.52 19.80 28.87
C LEU C 86 -6.70 20.66 28.49
N SER C 87 -6.39 21.81 27.87
CA SER C 87 -7.36 22.76 27.30
C SER C 87 -7.68 22.34 25.87
N VAL C 88 -8.91 22.60 25.43
CA VAL C 88 -9.31 22.32 24.07
C VAL C 88 -9.64 23.64 23.39
N MET C 89 -8.96 23.91 22.27
CA MET C 89 -9.11 25.17 21.56
C MET C 89 -10.00 24.82 20.39
N ASN C 90 -11.26 25.25 20.48
CA ASN C 90 -12.25 24.86 19.48
C ASN C 90 -12.14 25.79 18.27
N ALA C 91 -11.49 25.33 17.21
CA ALA C 91 -11.17 26.20 16.06
C ALA C 91 -12.13 25.88 14.97
N VAL C 92 -12.85 26.90 14.50
CA VAL C 92 -13.80 26.70 13.42
C VAL C 92 -13.26 27.31 12.12
N GLY C 93 -12.84 26.47 11.18
CA GLY C 93 -12.33 26.97 9.89
C GLY C 93 -13.41 27.20 8.86
N PRO C 94 -13.07 27.93 7.77
CA PRO C 94 -13.98 28.09 6.64
C PRO C 94 -14.14 26.79 5.84
N ARG C 95 -15.18 26.78 5.02
CA ARG C 95 -15.40 25.73 4.08
C ARG C 95 -14.94 26.17 2.67
N ASN C 96 -14.48 25.20 1.90
CA ASN C 96 -14.13 25.48 0.53
C ASN C 96 -15.36 26.05 -0.18
N GLY C 97 -15.21 27.18 -0.84
CA GLY C 97 -16.41 27.81 -1.39
C GLY C 97 -16.88 29.02 -0.61
N ASP C 98 -16.46 29.14 0.66
CA ASP C 98 -16.76 30.33 1.45
C ASP C 98 -15.97 31.50 0.88
N SER C 99 -16.34 32.72 1.24
CA SER C 99 -15.54 33.87 0.88
C SER C 99 -14.41 34.02 1.90
N ARG C 100 -13.29 34.57 1.46
CA ARG C 100 -12.16 34.83 2.35
CA ARG C 100 -12.17 34.85 2.33
C ARG C 100 -11.70 33.59 3.08
N VAL C 101 -11.61 32.49 2.35
CA VAL C 101 -11.13 31.24 2.93
C VAL C 101 -9.76 31.47 3.57
N GLU C 102 -8.90 32.11 2.79
CA GLU C 102 -7.55 32.26 3.28
C GLU C 102 -7.43 33.24 4.46
N GLY C 103 -8.12 34.37 4.40
CA GLY C 103 -8.09 35.26 5.57
C GLY C 103 -8.68 34.61 6.84
N LYS C 104 -9.80 33.91 6.72
CA LYS C 104 -10.42 33.18 7.83
C LYS C 104 -9.50 32.09 8.40
N LEU C 105 -8.90 31.32 7.51
CA LEU C 105 -8.03 30.23 7.92
C LEU C 105 -6.80 30.77 8.64
N CYS C 106 -6.15 31.75 8.02
CA CYS C 106 -5.02 32.42 8.67
C CYS C 106 -5.38 33.03 10.03
N ASN C 107 -6.57 33.64 10.13
CA ASN C 107 -7.09 34.13 11.43
C ASN C 107 -7.26 33.07 12.53
N VAL C 108 -7.76 31.90 12.16
CA VAL C 108 -7.81 30.74 13.06
C VAL C 108 -6.43 30.39 13.63
N TYR C 109 -5.41 30.31 12.75
CA TYR C 109 -4.05 29.99 13.21
C TYR C 109 -3.48 31.07 14.11
N LYS C 110 -3.84 32.31 13.83
CA LYS C 110 -3.37 33.38 14.67
C LYS C 110 -4.03 33.27 16.06
N ALA C 111 -5.32 32.91 16.09
CA ALA C 111 -5.96 32.66 17.41
C ALA C 111 -5.28 31.48 18.15
N ILE C 112 -4.99 30.41 17.42
CA ILE C 112 -4.39 29.24 18.02
C ILE C 112 -3.06 29.57 18.67
N ALA C 113 -2.24 30.33 17.93
CA ALA C 113 -0.86 30.66 18.37
C ALA C 113 -0.85 31.50 19.64
N LYS C 114 -1.92 32.25 19.87
CA LYS C 114 -2.02 33.01 21.11
C LYS C 114 -2.20 32.18 22.39
N CYS C 115 -2.55 30.90 22.25
CA CYS C 115 -2.65 30.03 23.45
C CYS C 115 -1.32 29.89 24.16
N ASP C 116 -1.38 29.55 25.45
CA ASP C 116 -0.20 29.27 26.26
C ASP C 116 0.24 27.81 26.29
N GLY C 117 1.56 27.61 26.34
CA GLY C 117 2.13 26.30 26.60
C GLY C 117 2.24 25.48 25.31
N LYS C 118 2.37 24.17 25.47
CA LYS C 118 2.55 23.28 24.32
C LYS C 118 1.29 22.98 23.52
N ILE C 119 1.31 23.30 22.22
CA ILE C 119 0.10 23.16 21.41
C ILE C 119 0.20 21.99 20.44
N LEU C 120 -0.91 21.27 20.30
CA LEU C 120 -0.99 20.16 19.35
C LEU C 120 -2.21 20.41 18.49
N THR C 121 -2.05 20.49 17.17
CA THR C 121 -3.12 20.93 16.28
C THR C 121 -3.14 20.09 14.99
N PRO C 122 -4.35 19.82 14.48
CA PRO C 122 -4.52 19.31 13.13
C PRO C 122 -4.39 20.48 12.14
N LEU C 123 -4.42 20.19 10.83
CA LEU C 123 -4.55 21.21 9.83
C LEU C 123 -6.02 21.53 9.71
N ILE C 124 -6.41 22.76 9.99
CA ILE C 124 -7.82 23.17 9.97
C ILE C 124 -8.41 23.22 8.56
N SER C 125 -9.66 22.79 8.44
CA SER C 125 -10.44 22.82 7.18
C SER C 125 -10.03 21.80 6.08
N VAL C 126 -9.03 20.99 6.35
CA VAL C 126 -8.63 19.94 5.44
C VAL C 126 -9.49 18.70 5.71
N GLY C 127 -9.91 18.00 4.66
CA GLY C 127 -10.85 16.87 4.81
C GLY C 127 -12.29 17.34 4.58
N ILE C 128 -13.15 17.14 5.57
CA ILE C 128 -14.60 17.42 5.54
C ILE C 128 -14.92 18.79 4.94
N PHE C 129 -14.13 19.82 5.33
CA PHE C 129 -14.38 21.20 4.89
C PHE C 129 -13.76 21.44 3.51
N LYS C 130 -12.92 20.50 3.06
CA LYS C 130 -12.51 20.49 1.65
C LYS C 130 -11.56 21.58 1.22
N VAL C 131 -10.89 22.23 2.16
CA VAL C 131 -9.84 23.12 1.75
C VAL C 131 -8.61 22.26 1.45
N LYS C 132 -7.93 22.60 0.35
CA LYS C 132 -6.69 21.89 -0.04
C LYS C 132 -5.68 21.90 1.08
N LEU C 133 -5.12 20.73 1.34
CA LEU C 133 -4.16 20.60 2.43
C LEU C 133 -3.09 21.70 2.37
N GLU C 134 -2.56 21.95 1.17
CA GLU C 134 -1.43 22.92 1.00
C GLU C 134 -1.80 24.33 1.37
N VAL C 135 -3.03 24.70 1.04
CA VAL C 135 -3.60 25.99 1.40
C VAL C 135 -3.66 26.20 2.95
N SER C 136 -4.11 25.19 3.69
CA SER C 136 -4.13 25.30 5.15
C SER C 136 -2.74 25.33 5.70
N LEU C 137 -1.86 24.45 5.19
CA LEU C 137 -0.47 24.42 5.62
C LEU C 137 0.22 25.80 5.44
N GLN C 138 0.03 26.41 4.27
CA GLN C 138 0.66 27.69 3.93
C GLN C 138 0.16 28.78 4.87
N CYS C 139 -1.15 28.85 5.12
CA CYS C 139 -1.65 29.77 6.19
C CYS C 139 -0.97 29.52 7.51
N LEU C 140 -0.86 28.26 7.90
CA LEU C 140 -0.22 27.99 9.17
C LEU C 140 1.22 28.54 9.19
N LEU C 141 1.99 28.19 8.15
CA LEU C 141 3.44 28.52 8.09
C LEU C 141 3.66 30.03 8.04
N LYS C 142 2.81 30.67 7.26
CA LYS C 142 2.83 32.11 7.06
C LYS C 142 2.43 32.87 8.34
N THR C 143 1.57 32.27 9.17
CA THR C 143 0.98 32.99 10.30
C THR C 143 1.71 32.71 11.61
N VAL C 144 2.04 31.45 11.88
CA VAL C 144 2.64 31.08 13.14
C VAL C 144 4.16 30.99 12.94
N THR C 145 4.81 32.14 13.00
CA THR C 145 6.17 32.30 12.48
C THR C 145 7.23 32.27 13.57
N ASP C 146 6.85 32.47 14.82
CA ASP C 146 7.88 32.39 15.82
C ASP C 146 7.42 31.73 17.13
N ARG C 147 6.78 30.56 17.03
CA ARG C 147 6.11 29.90 18.17
C ARG C 147 6.26 28.39 18.01
N ASP C 148 6.72 27.69 19.05
CA ASP C 148 6.70 26.23 18.99
C ASP C 148 5.28 25.76 18.69
N LEU C 149 5.17 24.85 17.74
CA LEU C 149 3.86 24.33 17.39
C LEU C 149 4.00 22.89 16.96
N ASN C 150 3.10 22.01 17.44
CA ASN C 150 3.01 20.61 16.95
C ASN C 150 1.78 20.37 16.15
N VAL C 151 1.98 19.86 14.95
CA VAL C 151 0.94 19.61 13.99
C VAL C 151 0.84 18.10 13.77
N PHE C 152 -0.37 17.57 13.67
CA PHE C 152 -0.53 16.13 13.44
C PHE C 152 -1.45 15.85 12.26
N VAL C 153 -1.18 14.70 11.61
CA VAL C 153 -2.10 14.11 10.62
C VAL C 153 -2.24 12.64 10.94
N TYR C 154 -3.28 11.99 10.42
CA TYR C 154 -3.44 10.57 10.65
C TYR C 154 -2.81 9.67 9.57
N THR C 155 -2.91 10.07 8.31
CA THR C 155 -2.69 9.12 7.24
C THR C 155 -1.33 9.30 6.53
N ASP C 156 -0.87 8.23 5.89
CA ASP C 156 0.36 8.26 5.11
C ASP C 156 0.22 9.26 3.96
N GLN C 157 -0.92 9.27 3.30
CA GLN C 157 -1.09 10.19 2.19
C GLN C 157 -0.92 11.69 2.62
N GLU C 158 -1.51 12.04 3.78
CA GLU C 158 -1.33 13.41 4.29
C GLU C 158 0.12 13.69 4.62
N ARG C 159 0.77 12.74 5.29
CA ARG C 159 2.13 12.93 5.71
C ARG C 159 3.05 13.18 4.50
N VAL C 160 2.89 12.34 3.49
CA VAL C 160 3.69 12.45 2.26
C VAL C 160 3.39 13.77 1.49
N THR C 161 2.13 14.16 1.45
CA THR C 161 1.73 15.46 0.89
C THR C 161 2.46 16.61 1.55
N ILE C 162 2.65 16.53 2.87
CA ILE C 162 3.37 17.58 3.57
C ILE C 162 4.88 17.51 3.30
N GLU C 163 5.45 16.31 3.33
CA GLU C 163 6.84 16.12 3.00
C GLU C 163 7.17 16.60 1.58
N ASN C 164 6.36 16.22 0.58
CA ASN C 164 6.68 16.62 -0.75
CA ASN C 164 6.51 16.64 -0.84
C ASN C 164 6.47 18.15 -0.89
N PHE C 165 5.55 18.73 -0.12
CA PHE C 165 5.41 20.19 -0.12
C PHE C 165 6.69 20.84 0.33
N PHE C 166 7.32 20.30 1.36
CA PHE C 166 8.55 20.90 1.85
C PHE C 166 9.81 20.57 1.01
N ASN C 167 9.87 19.35 0.46
CA ASN C 167 11.08 18.78 -0.14
C ASN C 167 11.14 19.00 -1.65
N GLY C 168 10.00 19.31 -2.27
CA GLY C 168 9.84 19.25 -3.73
C GLY C 168 10.20 20.53 -4.46
N ASP D 1 -17.65 -21.48 9.75
CA ASP D 1 -16.97 -20.41 10.57
C ASP D 1 -16.96 -19.08 9.82
N LEU D 2 -17.45 -18.02 10.47
CA LEU D 2 -17.50 -16.70 9.84
C LEU D 2 -16.10 -16.20 9.48
N ILE D 3 -15.16 -16.33 10.39
CA ILE D 3 -13.81 -15.81 10.19
C ILE D 3 -12.81 -16.94 10.15
N LEU D 4 -12.06 -17.07 9.08
CA LEU D 4 -11.05 -18.11 8.92
C LEU D 4 -9.68 -17.43 8.98
N PRO D 5 -8.68 -18.14 9.48
CA PRO D 5 -7.35 -17.56 9.55
C PRO D 5 -6.76 -17.40 8.15
N PHE D 6 -5.86 -16.44 7.93
CA PHE D 6 -5.28 -16.36 6.60
C PHE D 6 -3.98 -17.19 6.54
N TYR D 7 -3.50 -17.66 7.69
CA TYR D 7 -2.33 -18.52 7.72
C TYR D 7 -2.33 -19.34 9.00
N LYS D 8 -1.79 -20.56 8.92
CA LYS D 8 -1.63 -21.41 10.11
C LYS D 8 -0.21 -21.94 10.15
N ALA D 9 0.54 -21.59 11.18
CA ALA D 9 1.89 -22.13 11.36
C ALA D 9 1.78 -23.06 12.54
N GLY D 10 1.61 -24.35 12.26
CA GLY D 10 1.43 -25.31 13.34
C GLY D 10 0.13 -25.04 14.08
N LYS D 11 0.23 -24.91 15.41
CA LYS D 11 -0.92 -24.54 16.25
C LYS D 11 -1.20 -23.02 16.28
N VAL D 12 -0.35 -22.23 15.64
CA VAL D 12 -0.56 -20.77 15.61
C VAL D 12 -1.37 -20.35 14.40
N SER D 13 -2.57 -19.83 14.68
CA SER D 13 -3.43 -19.27 13.64
C SER D 13 -3.38 -17.74 13.61
N PHE D 14 -3.40 -17.18 12.39
CA PHE D 14 -3.32 -15.77 12.15
C PHE D 14 -4.60 -15.26 11.48
N TYR D 15 -5.12 -14.14 12.03
CA TYR D 15 -6.36 -13.56 11.57
C TYR D 15 -6.21 -12.08 11.30
N GLN D 16 -7.03 -11.60 10.40
CA GLN D 16 -7.14 -10.19 10.18
C GLN D 16 -8.58 -9.79 10.52
N GLY D 17 -8.77 -8.75 11.33
CA GLY D 17 -10.12 -8.28 11.63
C GLY D 17 -10.09 -7.19 12.69
N ASP D 18 -11.19 -6.47 12.85
CA ASP D 18 -11.30 -5.52 13.95
C ASP D 18 -11.38 -6.32 15.22
N LEU D 19 -10.88 -5.74 16.32
CA LEU D 19 -10.77 -6.38 17.62
C LEU D 19 -12.13 -6.88 18.12
N ASP D 20 -13.15 -6.02 18.08
CA ASP D 20 -14.43 -6.42 18.66
C ASP D 20 -15.02 -7.60 17.87
N VAL D 21 -14.95 -7.54 16.54
CA VAL D 21 -15.37 -8.68 15.69
C VAL D 21 -14.62 -10.00 16.02
N LEU D 22 -13.30 -9.94 16.12
CA LEU D 22 -12.55 -11.15 16.43
C LEU D 22 -12.91 -11.71 17.83
N ILE D 23 -13.03 -10.83 18.82
CA ILE D 23 -13.43 -11.31 20.14
C ILE D 23 -14.81 -11.97 20.10
N ASN D 24 -15.75 -11.29 19.47
CA ASN D 24 -17.10 -11.80 19.35
C ASN D 24 -17.15 -13.23 18.73
N PHE D 25 -16.40 -13.44 17.65
CA PHE D 25 -16.46 -14.67 16.90
C PHE D 25 -15.44 -15.73 17.28
N LEU D 26 -14.22 -15.33 17.64
CA LEU D 26 -13.27 -16.29 18.13
C LEU D 26 -13.46 -16.69 19.62
N GLU D 27 -14.10 -15.85 20.42
CA GLU D 27 -14.41 -16.25 21.81
C GLU D 27 -13.19 -16.59 22.68
N PRO D 28 -12.22 -15.68 22.73
CA PRO D 28 -11.06 -15.95 23.57
C PRO D 28 -11.42 -15.92 25.08
N ASP D 29 -10.62 -16.65 25.88
CA ASP D 29 -10.60 -16.54 27.32
C ASP D 29 -9.64 -15.45 27.78
N VAL D 30 -8.59 -15.25 27.00
CA VAL D 30 -7.50 -14.36 27.34
C VAL D 30 -7.22 -13.47 26.12
N LEU D 31 -7.31 -12.17 26.32
CA LEU D 31 -6.99 -11.21 25.29
C LEU D 31 -5.69 -10.51 25.69
N VAL D 32 -4.70 -10.54 24.80
CA VAL D 32 -3.45 -9.88 25.08
C VAL D 32 -3.52 -8.43 24.69
N ASN D 33 -3.16 -7.58 25.66
CA ASN D 33 -3.10 -6.15 25.45
C ASN D 33 -1.67 -5.71 25.12
N ALA D 34 -1.51 -4.89 24.06
CA ALA D 34 -0.22 -4.30 23.75
C ALA D 34 -0.06 -3.07 24.65
N ALA D 35 0.41 -3.30 25.87
CA ALA D 35 0.43 -2.28 26.91
C ALA D 35 1.72 -1.46 26.99
N ASN D 36 1.60 -0.27 27.59
CA ASN D 36 2.74 0.56 27.96
CA ASN D 36 2.84 0.43 27.93
C ASN D 36 3.07 0.29 29.42
N GLY D 37 4.31 0.52 29.83
CA GLY D 37 4.68 0.21 31.20
C GLY D 37 3.83 0.96 32.20
N ASP D 38 3.35 2.17 31.88
CA ASP D 38 2.39 2.71 32.88
C ASP D 38 0.89 2.49 32.70
N LEU D 39 0.52 1.55 31.83
CA LEU D 39 -0.87 1.13 31.72
C LEU D 39 -1.80 2.25 31.37
N ARG D 40 -1.31 3.23 30.61
CA ARG D 40 -2.24 4.14 29.96
C ARG D 40 -2.64 3.54 28.62
N HIS D 41 -3.91 3.22 28.48
CA HIS D 41 -4.37 2.34 27.40
C HIS D 41 -4.76 3.12 26.14
N VAL D 42 -3.73 3.58 25.42
CA VAL D 42 -3.87 4.37 24.22
C VAL D 42 -3.38 3.46 23.04
N GLY D 43 -3.91 3.72 21.85
CA GLY D 43 -3.49 3.02 20.66
C GLY D 43 -4.55 2.06 20.21
N GLY D 44 -4.39 1.56 18.99
CA GLY D 44 -5.41 0.76 18.34
C GLY D 44 -5.75 -0.57 19.01
N VAL D 45 -4.85 -1.11 19.79
CA VAL D 45 -5.17 -2.29 20.61
C VAL D 45 -5.70 -1.94 22.05
N ALA D 46 -4.89 -1.24 22.83
CA ALA D 46 -5.21 -0.92 24.21
C ALA D 46 -6.50 -0.09 24.35
N ARG D 47 -6.67 0.92 23.51
CA ARG D 47 -7.86 1.76 23.51
CA ARG D 47 -7.86 1.74 23.57
C ARG D 47 -9.09 0.92 23.18
N ALA D 48 -8.94 0.06 22.16
CA ALA D 48 -10.10 -0.74 21.71
C ALA D 48 -10.52 -1.76 22.78
N ILE D 49 -9.52 -2.34 23.45
CA ILE D 49 -9.81 -3.32 24.50
C ILE D 49 -10.51 -2.57 25.65
N ASP D 50 -9.95 -1.44 26.08
CA ASP D 50 -10.53 -0.68 27.18
C ASP D 50 -12.01 -0.38 26.87
N VAL D 51 -12.25 0.16 25.67
CA VAL D 51 -13.59 0.47 25.22
C VAL D 51 -14.50 -0.76 25.21
N PHE D 52 -14.01 -1.88 24.69
CA PHE D 52 -14.80 -3.10 24.71
C PHE D 52 -15.20 -3.56 26.12
N THR D 53 -14.36 -3.26 27.12
CA THR D 53 -14.66 -3.61 28.52
C THR D 53 -15.41 -2.48 29.27
N GLY D 54 -15.83 -1.45 28.54
CA GLY D 54 -16.58 -0.38 29.14
C GLY D 54 -15.71 0.38 30.13
N GLY D 55 -14.40 0.45 29.88
CA GLY D 55 -13.50 1.24 30.73
C GLY D 55 -13.01 0.42 31.92
N LYS D 56 -13.43 -0.84 32.02
CA LYS D 56 -13.04 -1.61 33.19
C LYS D 56 -11.56 -1.94 33.22
N LEU D 57 -10.96 -2.06 32.03
CA LEU D 57 -9.54 -2.36 31.97
C LEU D 57 -8.79 -1.22 32.67
N THR D 58 -9.18 0.02 32.38
CA THR D 58 -8.48 1.16 33.01
C THR D 58 -8.82 1.21 34.50
N LYS D 59 -10.08 0.92 34.86
CA LYS D 59 -10.39 0.82 36.31
C LYS D 59 -9.50 -0.15 37.05
N ARG D 60 -9.35 -1.37 36.50
CA ARG D 60 -8.47 -2.39 37.16
C ARG D 60 -7.01 -1.98 37.17
N SER D 61 -6.60 -1.22 36.14
CA SER D 61 -5.18 -0.80 36.02
C SER D 61 -4.87 0.25 37.12
N LYS D 62 -5.74 1.22 37.35
N LYS D 62 -5.76 1.21 37.30
CA LYS D 62 -5.43 2.19 38.42
CA LYS D 62 -5.60 2.20 38.37
C LYS D 62 -5.51 1.52 39.78
C LYS D 62 -5.46 1.46 39.70
N GLU D 63 -6.35 0.51 39.94
CA GLU D 63 -6.29 -0.31 41.16
C GLU D 63 -4.97 -1.04 41.30
N TYR D 64 -4.54 -1.67 40.19
CA TYR D 64 -3.35 -2.49 40.21
C TYR D 64 -2.14 -1.65 40.71
N LEU D 65 -2.01 -0.46 40.16
CA LEU D 65 -0.85 0.36 40.49
C LEU D 65 -0.87 0.87 41.93
N LYS D 66 -2.03 0.81 42.62
CA LYS D 66 -2.08 1.20 44.03
C LYS D 66 -1.25 0.32 44.96
N SER D 67 -0.94 -0.91 44.56
CA SER D 67 -0.32 -1.86 45.46
C SER D 67 0.60 -2.78 44.69
N SER D 68 0.95 -2.45 43.45
CA SER D 68 1.66 -3.47 42.66
C SER D 68 2.78 -2.88 41.84
N LYS D 69 3.72 -3.75 41.53
CA LYS D 69 4.89 -3.45 40.70
C LYS D 69 4.56 -2.92 39.30
N ALA D 70 5.18 -1.79 38.94
CA ALA D 70 5.20 -1.30 37.55
C ALA D 70 5.61 -2.43 36.59
N ILE D 71 4.99 -2.50 35.42
CA ILE D 71 5.31 -3.59 34.50
C ILE D 71 6.41 -3.10 33.55
N ALA D 72 7.57 -3.70 33.70
CA ALA D 72 8.74 -3.37 32.88
C ALA D 72 8.72 -4.14 31.56
N PRO D 73 9.21 -3.52 30.49
CA PRO D 73 9.37 -4.21 29.22
C PRO D 73 9.95 -5.59 29.42
N GLY D 74 9.45 -6.58 28.69
CA GLY D 74 9.81 -7.96 28.98
C GLY D 74 8.89 -8.73 29.91
N ASN D 75 7.93 -8.03 30.50
CA ASN D 75 7.01 -8.65 31.42
C ASN D 75 5.54 -8.46 30.99
N ALA D 76 4.69 -9.32 31.54
CA ALA D 76 3.28 -9.28 31.23
C ALA D 76 2.55 -9.59 32.54
N VAL D 77 1.42 -8.92 32.80
CA VAL D 77 0.61 -9.24 33.99
C VAL D 77 -0.82 -9.50 33.62
N LEU D 78 -1.36 -10.60 34.12
CA LEU D 78 -2.73 -11.00 33.80
C LEU D 78 -3.79 -10.40 34.74
N PHE D 79 -4.77 -9.69 34.18
CA PHE D 79 -5.96 -9.27 34.96
C PHE D 79 -7.08 -10.28 34.66
N GLU D 80 -7.42 -11.12 35.64
CA GLU D 80 -8.38 -12.20 35.38
C GLU D 80 -9.78 -11.66 35.29
N ASN D 81 -10.54 -12.12 34.30
CA ASN D 81 -11.93 -11.73 34.17
C ASN D 81 -12.18 -10.25 34.30
N VAL D 82 -11.50 -9.44 33.52
CA VAL D 82 -11.91 -8.03 33.44
C VAL D 82 -13.40 -7.97 33.10
N LEU D 83 -13.83 -8.81 32.16
CA LEU D 83 -15.26 -9.14 32.02
C LEU D 83 -15.38 -10.61 32.35
N GLU D 84 -16.60 -11.05 32.67
CA GLU D 84 -16.82 -12.47 32.85
C GLU D 84 -16.21 -13.34 31.73
N HIS D 85 -15.26 -14.21 32.07
CA HIS D 85 -14.63 -15.06 31.04
C HIS D 85 -13.83 -14.30 29.98
N LEU D 86 -13.33 -13.12 30.34
CA LEU D 86 -12.39 -12.45 29.47
C LEU D 86 -11.31 -11.80 30.32
N SER D 87 -10.15 -12.45 30.37
CA SER D 87 -9.01 -11.92 31.07
C SER D 87 -8.15 -11.10 30.11
N VAL D 88 -7.42 -10.13 30.64
CA VAL D 88 -6.58 -9.27 29.80
C VAL D 88 -5.16 -9.40 30.30
N MET D 89 -4.29 -9.91 29.41
CA MET D 89 -2.88 -10.09 29.71
C MET D 89 -2.14 -8.81 29.24
N ASN D 90 -1.71 -7.99 30.18
CA ASN D 90 -1.07 -6.72 29.86
C ASN D 90 0.43 -6.97 29.61
N ALA D 91 0.79 -7.15 28.34
CA ALA D 91 2.16 -7.48 27.92
C ALA D 91 2.88 -6.23 27.50
N VAL D 92 4.00 -5.94 28.17
CA VAL D 92 4.74 -4.70 27.89
C VAL D 92 6.01 -5.13 27.13
N GLY D 93 6.07 -4.79 25.85
CA GLY D 93 7.23 -5.17 25.05
C GLY D 93 8.29 -4.10 25.09
N PRO D 94 9.52 -4.41 24.63
CA PRO D 94 10.58 -3.39 24.51
C PRO D 94 10.34 -2.48 23.33
N ARG D 95 11.06 -1.35 23.34
CA ARG D 95 11.12 -0.42 22.21
C ARG D 95 12.37 -0.71 21.32
N ASN D 96 12.24 -0.47 20.02
CA ASN D 96 13.40 -0.44 19.15
C ASN D 96 14.48 0.45 19.81
N GLY D 97 15.69 -0.07 19.89
CA GLY D 97 16.74 0.75 20.45
C GLY D 97 17.07 0.33 21.86
N ASP D 98 16.09 -0.28 22.55
CA ASP D 98 16.31 -0.82 23.88
C ASP D 98 17.38 -1.91 23.83
N SER D 99 17.99 -2.21 24.97
CA SER D 99 18.83 -3.40 25.03
C SER D 99 17.98 -4.67 25.10
N ARG D 100 18.56 -5.77 24.64
CA ARG D 100 17.93 -7.07 24.69
C ARG D 100 16.50 -7.09 24.17
N VAL D 101 16.30 -6.51 23.00
CA VAL D 101 14.97 -6.47 22.40
C VAL D 101 14.43 -7.89 22.26
N GLU D 102 15.24 -8.79 21.73
CA GLU D 102 14.76 -10.11 21.37
C GLU D 102 14.50 -10.93 22.60
N GLY D 103 15.36 -10.76 23.61
CA GLY D 103 15.20 -11.51 24.84
C GLY D 103 13.96 -11.09 25.61
N LYS D 104 13.74 -9.78 25.67
CA LYS D 104 12.55 -9.19 26.33
C LYS D 104 11.26 -9.61 25.61
N LEU D 105 11.26 -9.51 24.28
CA LEU D 105 10.15 -9.96 23.48
C LEU D 105 9.81 -11.41 23.63
N CYS D 106 10.83 -12.25 23.49
CA CYS D 106 10.65 -13.69 23.61
C CYS D 106 10.12 -14.00 25.04
N ASN D 107 10.66 -13.31 26.06
CA ASN D 107 10.11 -13.47 27.41
C ASN D 107 8.60 -13.14 27.53
N VAL D 108 8.17 -12.02 26.95
CA VAL D 108 6.76 -11.63 26.89
C VAL D 108 5.91 -12.78 26.33
N TYR D 109 6.31 -13.35 25.15
CA TYR D 109 5.59 -14.48 24.55
C TYR D 109 5.56 -15.72 25.45
N LYS D 110 6.63 -15.90 26.21
CA LYS D 110 6.72 -17.03 27.12
C LYS D 110 5.68 -16.83 28.27
N ALA D 111 5.56 -15.60 28.79
CA ALA D 111 4.52 -15.31 29.80
C ALA D 111 3.11 -15.48 29.22
N ILE D 112 2.90 -14.99 27.99
CA ILE D 112 1.60 -15.13 27.33
C ILE D 112 1.22 -16.58 27.17
N ALA D 113 2.16 -17.41 26.76
CA ALA D 113 1.84 -18.82 26.51
C ALA D 113 1.49 -19.56 27.79
N LYS D 114 1.89 -19.03 28.94
CA LYS D 114 1.53 -19.72 30.17
C LYS D 114 0.07 -19.51 30.59
N CYS D 115 -0.66 -18.60 29.93
CA CYS D 115 -2.06 -18.35 30.30
C CYS D 115 -2.89 -19.56 29.98
N ASP D 116 -4.11 -19.63 30.53
CA ASP D 116 -5.00 -20.76 30.29
C ASP D 116 -6.05 -20.45 29.26
N GLY D 117 -6.46 -21.47 28.52
CA GLY D 117 -7.62 -21.35 27.66
C GLY D 117 -7.23 -20.73 26.33
N LYS D 118 -8.24 -20.23 25.62
CA LYS D 118 -8.04 -19.68 24.30
C LYS D 118 -7.50 -18.25 24.36
N ILE D 119 -6.33 -18.07 23.75
CA ILE D 119 -5.59 -16.81 23.72
C ILE D 119 -5.66 -16.12 22.36
N LEU D 120 -5.90 -14.81 22.41
CA LEU D 120 -5.93 -13.97 21.22
C LEU D 120 -4.97 -12.80 21.46
N THR D 121 -3.99 -12.64 20.56
CA THR D 121 -2.90 -11.73 20.82
C THR D 121 -2.51 -10.95 19.52
N PRO D 122 -2.13 -9.69 19.68
CA PRO D 122 -1.48 -8.97 18.57
C PRO D 122 0.03 -9.32 18.60
N LEU D 123 0.80 -8.79 17.66
CA LEU D 123 2.24 -8.92 17.73
C LEU D 123 2.79 -7.81 18.58
N ILE D 124 3.56 -8.16 19.60
CA ILE D 124 4.01 -7.17 20.57
C ILE D 124 5.16 -6.38 20.01
N SER D 125 5.15 -5.08 20.32
CA SER D 125 6.21 -4.11 19.96
C SER D 125 6.24 -3.67 18.51
N VAL D 126 5.34 -4.19 17.70
CA VAL D 126 5.25 -3.77 16.31
C VAL D 126 4.33 -2.53 16.23
N GLY D 127 4.64 -1.54 15.40
CA GLY D 127 3.89 -0.27 15.42
C GLY D 127 4.60 0.81 16.22
N ILE D 128 3.95 1.46 17.20
CA ILE D 128 4.71 2.55 17.80
C ILE D 128 6.01 2.20 18.50
N PHE D 129 6.17 0.98 19.03
CA PHE D 129 7.45 0.65 19.68
C PHE D 129 8.54 0.33 18.61
N LYS D 130 8.11 0.26 17.36
CA LYS D 130 9.01 0.25 16.18
C LYS D 130 9.89 -0.98 16.06
N VAL D 131 9.55 -2.05 16.74
CA VAL D 131 10.24 -3.30 16.49
C VAL D 131 9.70 -3.90 15.19
N LYS D 132 10.61 -4.40 14.37
CA LYS D 132 10.25 -4.92 13.06
C LYS D 132 9.31 -6.12 13.18
N LEU D 133 8.30 -6.15 12.32
CA LEU D 133 7.30 -7.21 12.39
C LEU D 133 7.98 -8.57 12.41
N GLU D 134 8.98 -8.77 11.55
CA GLU D 134 9.65 -10.08 11.43
CA GLU D 134 9.61 -10.07 11.46
C GLU D 134 10.36 -10.47 12.72
N VAL D 135 10.91 -9.48 13.42
CA VAL D 135 11.53 -9.75 14.70
C VAL D 135 10.53 -10.25 15.77
N SER D 136 9.34 -9.63 15.82
CA SER D 136 8.36 -10.02 16.86
C SER D 136 7.79 -11.37 16.50
N LEU D 137 7.42 -11.55 15.24
CA LEU D 137 6.87 -12.81 14.79
C LEU D 137 7.84 -13.96 15.09
N GLN D 138 9.11 -13.74 14.88
CA GLN D 138 10.08 -14.81 15.11
C GLN D 138 10.19 -15.24 16.55
N CYS D 139 10.24 -14.26 17.46
CA CYS D 139 10.22 -14.56 18.86
C CYS D 139 8.98 -15.36 19.20
N LEU D 140 7.86 -14.94 18.63
CA LEU D 140 6.62 -15.66 18.87
C LEU D 140 6.72 -17.12 18.43
N LEU D 141 7.10 -17.32 17.17
CA LEU D 141 7.14 -18.68 16.61
C LEU D 141 8.17 -19.58 17.32
N LYS D 142 9.27 -18.99 17.71
CA LYS D 142 10.34 -19.69 18.38
C LYS D 142 9.97 -20.11 19.82
N THR D 143 9.20 -19.27 20.49
CA THR D 143 8.85 -19.45 21.89
C THR D 143 7.58 -20.25 22.13
N VAL D 144 6.50 -19.91 21.42
CA VAL D 144 5.23 -20.58 21.67
C VAL D 144 5.13 -21.76 20.71
N THR D 145 5.71 -22.89 21.14
CA THR D 145 5.98 -23.98 20.21
C THR D 145 4.99 -25.13 20.22
N ASP D 146 4.23 -25.30 21.30
CA ASP D 146 3.34 -26.45 21.31
C ASP D 146 2.02 -26.07 21.98
N ARG D 147 1.49 -24.91 21.60
CA ARG D 147 0.33 -24.28 22.24
C ARG D 147 -0.58 -23.62 21.15
N ASP D 148 -1.87 -23.92 21.15
CA ASP D 148 -2.84 -23.12 20.39
C ASP D 148 -2.68 -21.64 20.72
N LEU D 149 -2.59 -20.82 19.66
CA LEU D 149 -2.48 -19.37 19.80
C LEU D 149 -3.18 -18.74 18.60
N ASN D 150 -3.93 -17.67 18.85
CA ASN D 150 -4.55 -16.88 17.77
C ASN D 150 -3.93 -15.50 17.75
N VAL D 151 -3.33 -15.16 16.62
CA VAL D 151 -2.68 -13.87 16.44
C VAL D 151 -3.51 -13.03 15.50
N PHE D 152 -3.64 -11.72 15.78
CA PHE D 152 -4.45 -10.88 14.90
C PHE D 152 -3.68 -9.68 14.44
N VAL D 153 -4.08 -9.20 13.26
CA VAL D 153 -3.62 -7.86 12.79
C VAL D 153 -4.82 -7.15 12.22
N TYR D 154 -4.78 -5.82 12.13
CA TYR D 154 -5.92 -5.10 11.61
C TYR D 154 -5.86 -4.91 10.07
N THR D 155 -4.66 -4.76 9.50
CA THR D 155 -4.63 -4.24 8.13
C THR D 155 -4.09 -5.21 7.08
N ASP D 156 -4.44 -4.93 5.82
CA ASP D 156 -3.94 -5.68 4.68
C ASP D 156 -2.42 -5.63 4.62
N GLN D 157 -1.81 -4.48 4.90
CA GLN D 157 -0.36 -4.44 4.80
C GLN D 157 0.32 -5.42 5.77
N GLU D 158 -0.19 -5.46 7.00
CA GLU D 158 0.40 -6.33 8.02
C GLU D 158 0.11 -7.77 7.66
N ARG D 159 -1.11 -8.03 7.20
CA ARG D 159 -1.40 -9.39 6.78
C ARG D 159 -0.42 -9.89 5.69
N VAL D 160 -0.20 -9.04 4.67
CA VAL D 160 0.69 -9.41 3.56
C VAL D 160 2.15 -9.57 3.99
N THR D 161 2.59 -8.74 4.94
CA THR D 161 3.93 -8.87 5.51
C THR D 161 4.09 -10.23 6.18
N ILE D 162 3.02 -10.70 6.83
CA ILE D 162 3.08 -11.99 7.50
C ILE D 162 3.07 -13.13 6.49
N GLU D 163 2.19 -13.06 5.48
CA GLU D 163 2.25 -14.00 4.37
C GLU D 163 3.68 -14.06 3.77
N ASN D 164 4.27 -12.90 3.51
CA ASN D 164 5.61 -12.82 2.93
CA ASN D 164 5.62 -12.81 2.93
C ASN D 164 6.72 -13.39 3.83
N PHE D 165 6.52 -13.35 5.14
CA PHE D 165 7.47 -13.91 6.08
C PHE D 165 7.48 -15.38 5.87
N PHE D 166 6.29 -15.93 5.63
CA PHE D 166 6.20 -17.37 5.52
C PHE D 166 6.53 -17.89 4.09
N ASN D 167 6.20 -17.12 3.07
CA ASN D 167 6.20 -17.57 1.66
C ASN D 167 7.21 -16.82 0.81
N GLY D 168 7.57 -15.61 1.17
CA GLY D 168 8.34 -14.75 0.27
C GLY D 168 9.60 -14.16 0.86
N ASP E 1 -13.37 -7.39 -19.96
CA ASP E 1 -11.89 -7.27 -19.78
C ASP E 1 -11.31 -8.33 -18.87
N LEU E 2 -10.23 -8.96 -19.29
CA LEU E 2 -9.60 -10.01 -18.51
C LEU E 2 -8.90 -9.43 -17.28
N ILE E 3 -8.16 -8.35 -17.51
CA ILE E 3 -7.34 -7.76 -16.45
C ILE E 3 -8.02 -6.47 -16.02
N LEU E 4 -8.36 -6.37 -14.73
CA LEU E 4 -9.05 -5.19 -14.23
C LEU E 4 -8.16 -4.47 -13.25
N PRO E 5 -8.26 -3.14 -13.21
CA PRO E 5 -7.42 -2.44 -12.24
C PRO E 5 -7.92 -2.68 -10.79
N PHE E 6 -7.03 -2.70 -9.80
CA PHE E 6 -7.49 -2.84 -8.40
C PHE E 6 -7.87 -1.50 -7.79
N TYR E 7 -7.43 -0.41 -8.38
CA TYR E 7 -7.81 0.92 -7.88
C TYR E 7 -7.79 1.92 -9.04
N LYS E 8 -8.55 2.99 -8.90
CA LYS E 8 -8.60 4.10 -9.87
C LYS E 8 -8.66 5.38 -9.08
N ALA E 9 -7.78 6.32 -9.40
CA ALA E 9 -7.83 7.65 -8.83
C ALA E 9 -7.93 8.63 -10.00
N GLY E 10 -9.16 9.11 -10.26
CA GLY E 10 -9.40 9.96 -11.41
C GLY E 10 -9.10 9.11 -12.64
N LYS E 11 -8.28 9.64 -13.55
CA LYS E 11 -7.89 8.90 -14.77
C LYS E 11 -6.66 7.97 -14.63
N VAL E 12 -6.14 7.79 -13.43
CA VAL E 12 -5.03 6.85 -13.19
C VAL E 12 -5.58 5.52 -12.70
N SER E 13 -5.35 4.46 -13.46
CA SER E 13 -5.73 3.13 -13.06
C SER E 13 -4.51 2.36 -12.58
N PHE E 14 -4.70 1.50 -11.57
CA PHE E 14 -3.63 0.70 -10.97
C PHE E 14 -3.83 -0.79 -11.17
N TYR E 15 -2.78 -1.49 -11.60
CA TYR E 15 -2.86 -2.90 -11.93
C TYR E 15 -1.73 -3.66 -11.26
N GLN E 16 -1.97 -4.96 -11.03
CA GLN E 16 -0.93 -5.84 -10.56
C GLN E 16 -0.86 -7.00 -11.55
N GLY E 17 0.33 -7.39 -11.97
CA GLY E 17 0.41 -8.55 -12.88
C GLY E 17 1.82 -8.61 -13.45
N ASP E 18 2.12 -9.69 -14.15
CA ASP E 18 3.40 -9.82 -14.87
C ASP E 18 3.44 -8.83 -16.02
N LEU E 19 4.62 -8.37 -16.36
CA LEU E 19 4.72 -7.25 -17.34
C LEU E 19 4.20 -7.70 -18.70
N ASP E 20 4.60 -8.88 -19.16
CA ASP E 20 4.21 -9.29 -20.51
C ASP E 20 2.68 -9.50 -20.65
N VAL E 21 2.08 -10.00 -19.56
CA VAL E 21 0.62 -10.17 -19.47
C VAL E 21 -0.10 -8.83 -19.55
N LEU E 22 0.36 -7.87 -18.77
CA LEU E 22 -0.26 -6.54 -18.79
C LEU E 22 -0.12 -5.88 -20.18
N ILE E 23 1.07 -6.07 -20.81
CA ILE E 23 1.26 -5.44 -22.15
C ILE E 23 0.33 -6.12 -23.13
N ASN E 24 0.27 -7.45 -23.04
CA ASN E 24 -0.54 -8.18 -23.97
C ASN E 24 -2.02 -7.77 -23.88
N PHE E 25 -2.55 -7.61 -22.65
CA PHE E 25 -4.00 -7.36 -22.50
C PHE E 25 -4.38 -5.90 -22.41
N LEU E 26 -3.53 -5.08 -21.81
CA LEU E 26 -3.80 -3.66 -21.80
C LEU E 26 -3.39 -2.91 -23.09
N GLU E 27 -2.52 -3.50 -23.93
CA GLU E 27 -2.24 -2.85 -25.25
C GLU E 27 -1.72 -1.41 -25.15
N PRO E 28 -0.66 -1.17 -24.35
CA PRO E 28 -0.16 0.19 -24.33
C PRO E 28 0.51 0.60 -25.66
N ASP E 29 0.59 1.92 -25.89
CA ASP E 29 1.37 2.47 -26.99
C ASP E 29 2.74 2.82 -26.46
N VAL E 30 2.81 3.15 -25.18
CA VAL E 30 4.04 3.61 -24.54
C VAL E 30 4.21 2.81 -23.27
N LEU E 31 5.38 2.18 -23.15
CA LEU E 31 5.74 1.45 -21.98
C LEU E 31 6.90 2.21 -21.31
N VAL E 32 6.70 2.56 -20.03
CA VAL E 32 7.70 3.27 -19.30
C VAL E 32 8.71 2.30 -18.73
N ASN E 33 10.00 2.59 -18.96
CA ASN E 33 11.04 1.74 -18.44
C ASN E 33 11.65 2.37 -17.19
N ALA E 34 11.87 1.57 -16.16
CA ALA E 34 12.49 2.06 -14.96
C ALA E 34 14.01 2.03 -15.22
N ALA E 35 14.55 3.02 -15.93
CA ALA E 35 15.93 2.92 -16.41
C ALA E 35 16.99 3.36 -15.38
N ASN E 36 18.24 2.89 -15.58
CA ASN E 36 19.46 3.51 -15.02
CA ASN E 36 19.36 3.61 -14.96
C ASN E 36 20.03 4.54 -15.97
N GLY E 37 20.81 5.49 -15.48
CA GLY E 37 21.39 6.48 -16.38
C GLY E 37 22.27 5.90 -17.48
N ASP E 38 22.96 4.78 -17.22
CA ASP E 38 23.77 4.24 -18.31
CA ASP E 38 23.80 4.12 -18.22
C ASP E 38 22.98 3.30 -19.22
N LEU E 39 21.67 3.22 -19.01
CA LEU E 39 20.80 2.36 -19.83
C LEU E 39 21.21 0.87 -19.87
N ARG E 40 21.79 0.36 -18.78
CA ARG E 40 21.89 -1.09 -18.67
C ARG E 40 20.62 -1.65 -18.08
N HIS E 41 19.91 -2.44 -18.88
CA HIS E 41 18.56 -2.87 -18.54
C HIS E 41 18.49 -4.11 -17.62
N VAL E 42 18.73 -3.88 -16.34
CA VAL E 42 18.70 -4.90 -15.32
C VAL E 42 17.52 -4.62 -14.39
N GLY E 43 17.07 -5.63 -13.67
CA GLY E 43 15.94 -5.46 -12.77
C GLY E 43 14.63 -5.96 -13.34
N GLY E 44 13.63 -6.05 -12.45
CA GLY E 44 12.40 -6.71 -12.76
C GLY E 44 11.57 -5.96 -13.81
N VAL E 45 11.79 -4.68 -13.98
CA VAL E 45 11.11 -4.01 -15.09
C VAL E 45 11.95 -3.97 -16.39
N ALA E 46 13.15 -3.39 -16.31
CA ALA E 46 13.99 -3.16 -17.51
C ALA E 46 14.38 -4.47 -18.22
N ARG E 47 14.71 -5.50 -17.44
CA ARG E 47 15.14 -6.78 -18.03
CA ARG E 47 15.11 -6.78 -18.03
C ARG E 47 13.94 -7.42 -18.75
N ALA E 48 12.73 -7.27 -18.16
CA ALA E 48 11.55 -7.92 -18.70
C ALA E 48 11.09 -7.24 -20.00
N ILE E 49 11.18 -5.93 -20.03
CA ILE E 49 10.92 -5.20 -21.27
C ILE E 49 11.96 -5.55 -22.33
N ASP E 50 13.22 -5.53 -21.97
CA ASP E 50 14.24 -5.84 -22.95
C ASP E 50 13.93 -7.24 -23.56
N VAL E 51 13.67 -8.25 -22.72
CA VAL E 51 13.38 -9.59 -23.23
C VAL E 51 12.11 -9.58 -24.09
N PHE E 52 11.12 -8.79 -23.72
CA PHE E 52 9.85 -8.79 -24.47
C PHE E 52 10.11 -8.24 -25.88
N THR E 53 11.05 -7.30 -25.99
CA THR E 53 11.37 -6.70 -27.27
C THR E 53 12.46 -7.49 -28.01
N GLY E 54 12.82 -8.67 -27.48
CA GLY E 54 13.81 -9.57 -28.12
C GLY E 54 15.19 -8.88 -28.10
N GLY E 55 15.46 -8.05 -27.09
CA GLY E 55 16.76 -7.38 -27.02
C GLY E 55 16.85 -6.10 -27.85
N LYS E 56 15.78 -5.68 -28.53
CA LYS E 56 15.81 -4.42 -29.30
C LYS E 56 15.95 -3.18 -28.44
N LEU E 57 15.37 -3.21 -27.24
CA LEU E 57 15.59 -2.07 -26.35
C LEU E 57 17.07 -1.81 -26.12
N THR E 58 17.80 -2.87 -25.77
CA THR E 58 19.25 -2.75 -25.58
C THR E 58 19.96 -2.31 -26.89
N LYS E 59 19.62 -2.90 -28.03
CA LYS E 59 20.16 -2.39 -29.31
C LYS E 59 19.96 -0.90 -29.52
N ARG E 60 18.73 -0.39 -29.35
CA ARG E 60 18.48 1.04 -29.52
C ARG E 60 19.24 1.84 -28.47
N SER E 61 19.44 1.28 -27.29
CA SER E 61 20.09 2.04 -26.20
C SER E 61 21.57 2.29 -26.56
N LYS E 62 22.24 1.26 -27.08
CA LYS E 62 23.64 1.38 -27.51
C LYS E 62 23.77 2.39 -28.63
N GLU E 63 22.89 2.29 -29.62
CA GLU E 63 22.77 3.33 -30.62
C GLU E 63 22.61 4.71 -30.04
N TYR E 64 21.63 4.88 -29.14
CA TYR E 64 21.35 6.19 -28.56
C TYR E 64 22.64 6.79 -27.98
N LEU E 65 23.40 5.99 -27.27
CA LEU E 65 24.52 6.53 -26.51
C LEU E 65 25.72 6.88 -27.42
N LYS E 66 25.68 6.44 -28.68
CA LYS E 66 26.71 6.88 -29.65
C LYS E 66 26.63 8.37 -30.02
N SER E 67 25.48 9.01 -29.81
CA SER E 67 25.33 10.38 -30.26
C SER E 67 24.51 11.21 -29.31
N SER E 68 24.32 10.78 -28.08
CA SER E 68 23.27 11.44 -27.31
C SER E 68 23.65 11.54 -25.87
N LYS E 69 23.08 12.56 -25.24
CA LYS E 69 23.26 12.81 -23.81
C LYS E 69 22.79 11.62 -22.93
N ALA E 70 23.76 11.11 -22.15
CA ALA E 70 23.51 10.38 -20.92
C ALA E 70 22.25 10.91 -20.18
N ILE E 71 21.43 10.00 -19.70
CA ILE E 71 20.15 10.45 -19.17
C ILE E 71 20.35 10.66 -17.67
N ALA E 72 20.23 11.88 -17.22
CA ALA E 72 20.43 12.21 -15.82
C ALA E 72 19.12 11.95 -15.05
N PRO E 73 19.24 11.55 -13.78
CA PRO E 73 18.05 11.40 -12.94
C PRO E 73 17.19 12.67 -13.02
N GLY E 74 15.89 12.49 -13.15
CA GLY E 74 15.03 13.65 -13.35
C GLY E 74 14.61 13.78 -14.81
N ASN E 75 15.10 12.89 -15.69
CA ASN E 75 14.82 12.98 -17.12
C ASN E 75 14.33 11.67 -17.68
N ALA E 76 13.66 11.74 -18.83
CA ALA E 76 13.15 10.53 -19.48
C ALA E 76 13.36 10.68 -20.96
N VAL E 77 13.73 9.61 -21.66
CA VAL E 77 13.85 9.70 -23.13
C VAL E 77 13.05 8.64 -23.84
N LEU E 78 12.22 9.06 -24.79
CA LEU E 78 11.33 8.15 -25.49
C LEU E 78 12.04 7.51 -26.70
N PHE E 79 12.10 6.17 -26.74
CA PHE E 79 12.46 5.43 -27.97
C PHE E 79 11.15 5.03 -28.67
N GLU E 80 10.85 5.66 -29.79
CA GLU E 80 9.61 5.35 -30.51
C GLU E 80 9.66 4.03 -31.23
N ASN E 81 8.57 3.29 -31.12
CA ASN E 81 8.38 2.05 -31.78
C ASN E 81 9.57 1.13 -31.68
N VAL E 82 9.98 0.81 -30.44
CA VAL E 82 10.99 -0.20 -30.23
C VAL E 82 10.49 -1.46 -30.94
N LEU E 83 9.18 -1.73 -30.79
CA LEU E 83 8.49 -2.71 -31.61
C LEU E 83 7.41 -1.89 -32.29
N GLU E 84 6.82 -2.42 -33.36
CA GLU E 84 5.66 -1.75 -33.97
C GLU E 84 4.58 -1.35 -32.91
N HIS E 85 4.31 -0.06 -32.79
CA HIS E 85 3.31 0.46 -31.86
C HIS E 85 3.61 0.15 -30.38
N LEU E 86 4.89 -0.01 -30.05
CA LEU E 86 5.35 -0.01 -28.66
C LEU E 86 6.59 0.85 -28.50
N SER E 87 6.38 2.08 -28.05
CA SER E 87 7.48 2.95 -27.68
C SER E 87 7.91 2.68 -26.24
N VAL E 88 9.19 2.87 -25.95
CA VAL E 88 9.72 2.69 -24.57
C VAL E 88 10.27 4.02 -24.10
N MET E 89 9.71 4.48 -22.97
CA MET E 89 10.03 5.76 -22.38
C MET E 89 11.03 5.47 -21.29
N ASN E 90 12.31 5.72 -21.55
CA ASN E 90 13.32 5.41 -20.56
C ASN E 90 13.38 6.49 -19.51
N ALA E 91 12.72 6.23 -18.37
CA ALA E 91 12.67 7.21 -17.26
C ALA E 91 13.75 6.92 -16.22
N VAL E 92 14.61 7.90 -15.95
CA VAL E 92 15.65 7.70 -14.97
C VAL E 92 15.29 8.50 -13.73
N GLY E 93 14.97 7.79 -12.64
CA GLY E 93 14.60 8.49 -11.42
C GLY E 93 15.82 8.71 -10.56
N PRO E 94 15.70 9.53 -9.50
CA PRO E 94 16.71 9.70 -8.46
C PRO E 94 16.78 8.48 -7.53
N ARG E 95 17.87 8.40 -6.77
CA ARG E 95 18.03 7.42 -5.74
C ARG E 95 17.79 8.05 -4.38
N ASN E 96 17.38 7.21 -3.42
CA ASN E 96 17.22 7.62 -2.04
C ASN E 96 18.57 8.19 -1.58
N GLY E 97 18.60 9.39 -1.05
CA GLY E 97 19.89 9.96 -0.71
C GLY E 97 20.42 11.04 -1.65
N ASP E 98 19.86 11.14 -2.85
CA ASP E 98 20.22 12.17 -3.82
C ASP E 98 19.67 13.54 -3.39
N SER E 99 20.24 14.59 -3.93
CA SER E 99 19.64 15.90 -3.76
C SER E 99 18.39 15.95 -4.62
N ARG E 100 17.41 16.71 -4.14
CA ARG E 100 16.16 16.94 -4.85
C ARG E 100 15.42 15.72 -5.36
N VAL E 101 15.31 14.69 -4.52
CA VAL E 101 14.52 13.56 -4.88
C VAL E 101 13.14 13.90 -5.46
N GLU E 102 12.39 14.72 -4.75
CA GLU E 102 10.98 14.92 -5.14
C GLU E 102 10.86 15.75 -6.41
N GLY E 103 11.71 16.76 -6.53
CA GLY E 103 11.69 17.60 -7.70
C GLY E 103 11.99 16.75 -8.94
N LYS E 104 13.01 15.92 -8.84
CA LYS E 104 13.41 15.09 -9.99
C LYS E 104 12.35 14.08 -10.34
N LEU E 105 11.76 13.47 -9.31
CA LEU E 105 10.80 12.40 -9.52
C LEU E 105 9.54 12.98 -10.17
N CYS E 106 9.09 14.13 -9.65
CA CYS E 106 7.95 14.83 -10.22
C CYS E 106 8.19 15.26 -11.69
N ASN E 107 9.42 15.72 -11.97
CA ASN E 107 9.85 16.00 -13.37
C ASN E 107 9.80 14.80 -14.30
N VAL E 108 10.22 13.64 -13.82
CA VAL E 108 10.08 12.43 -14.59
C VAL E 108 8.60 12.18 -14.98
N TYR E 109 7.69 12.31 -14.01
CA TYR E 109 6.28 12.03 -14.31
C TYR E 109 5.74 13.07 -15.32
N LYS E 110 6.24 14.28 -15.25
CA LYS E 110 5.82 15.34 -16.19
C LYS E 110 6.26 15.01 -17.65
N ALA E 111 7.49 14.53 -17.82
CA ALA E 111 7.96 14.04 -19.12
C ALA E 111 7.12 12.84 -19.57
N ILE E 112 6.86 11.91 -18.66
CA ILE E 112 6.03 10.75 -18.99
C ILE E 112 4.65 11.16 -19.52
N ALA E 113 4.03 12.14 -18.88
CA ALA E 113 2.64 12.49 -19.23
C ALA E 113 2.55 13.19 -20.56
N LYS E 114 3.67 13.73 -21.05
CA LYS E 114 3.71 14.34 -22.37
C LYS E 114 3.66 13.34 -23.53
N CYS E 115 3.86 12.04 -23.25
CA CYS E 115 3.80 11.04 -24.34
C CYS E 115 2.38 10.94 -24.94
N ASP E 116 2.25 10.35 -26.14
CA ASP E 116 0.99 10.15 -26.81
C ASP E 116 0.45 8.73 -26.62
N GLY E 117 -0.86 8.59 -26.59
CA GLY E 117 -1.50 7.27 -26.64
C GLY E 117 -1.55 6.68 -25.23
N LYS E 118 -1.77 5.38 -25.16
CA LYS E 118 -2.00 4.73 -23.89
C LYS E 118 -0.66 4.39 -23.27
N ILE E 119 -0.49 4.84 -22.02
CA ILE E 119 0.75 4.69 -21.28
C ILE E 119 0.66 3.69 -20.12
N LEU E 120 1.69 2.85 -19.98
CA LEU E 120 1.78 1.85 -18.95
C LEU E 120 3.14 2.03 -18.27
N THR E 121 3.12 2.27 -16.96
CA THR E 121 4.30 2.73 -16.21
C THR E 121 4.41 2.07 -14.82
N PRO E 122 5.64 1.82 -14.37
CA PRO E 122 5.81 1.44 -13.00
C PRO E 122 5.93 2.72 -12.19
N LEU E 123 6.04 2.59 -10.88
CA LEU E 123 6.31 3.73 -10.02
C LEU E 123 7.84 3.91 -10.03
N ILE E 124 8.30 5.07 -10.44
CA ILE E 124 9.71 5.29 -10.67
C ILE E 124 10.42 5.41 -9.30
N SER E 125 11.66 4.89 -9.25
CA SER E 125 12.57 4.99 -8.09
C SER E 125 12.20 4.09 -6.89
N VAL E 126 11.10 3.36 -7.00
CA VAL E 126 10.66 2.48 -5.91
C VAL E 126 11.35 1.11 -6.06
N GLY E 127 11.80 0.52 -4.97
CA GLY E 127 12.48 -0.74 -5.08
C GLY E 127 13.99 -0.52 -5.02
N ILE E 128 14.74 -0.89 -6.05
CA ILE E 128 16.18 -0.75 -5.85
C ILE E 128 16.76 0.65 -5.67
N PHE E 129 16.10 1.68 -6.17
CA PHE E 129 16.56 3.06 -5.93
C PHE E 129 16.07 3.55 -4.56
N LYS E 130 15.28 2.71 -3.87
CA LYS E 130 14.89 2.94 -2.45
C LYS E 130 14.10 4.20 -2.12
N VAL E 131 13.54 4.89 -3.10
CA VAL E 131 12.57 5.90 -2.75
C VAL E 131 11.29 5.18 -2.33
N LYS E 132 10.71 5.66 -1.23
CA LYS E 132 9.48 5.09 -0.70
C LYS E 132 8.33 5.18 -1.65
N LEU E 133 7.60 4.08 -1.75
CA LEU E 133 6.55 3.99 -2.72
C LEU E 133 5.60 5.19 -2.64
N GLU E 134 5.20 5.54 -1.41
CA GLU E 134 4.26 6.65 -1.24
CA GLU E 134 4.29 6.67 -1.16
C GLU E 134 4.81 7.97 -1.77
N VAL E 135 6.12 8.15 -1.70
CA VAL E 135 6.77 9.39 -2.19
C VAL E 135 6.66 9.48 -3.72
N SER E 136 6.94 8.37 -4.39
CA SER E 136 6.82 8.29 -5.84
C SER E 136 5.38 8.43 -6.26
N LEU E 137 4.50 7.70 -5.58
CA LEU E 137 3.07 7.74 -5.90
C LEU E 137 2.50 9.15 -5.76
N GLN E 138 2.93 9.90 -4.74
CA GLN E 138 2.40 11.26 -4.54
C GLN E 138 2.90 12.23 -5.62
N CYS E 139 4.20 12.15 -5.95
CA CYS E 139 4.70 12.89 -7.13
C CYS E 139 3.88 12.59 -8.39
N LEU E 140 3.64 11.32 -8.67
CA LEU E 140 2.78 10.97 -9.79
C LEU E 140 1.43 11.67 -9.71
N LEU E 141 0.71 11.48 -8.58
CA LEU E 141 -0.69 11.99 -8.45
C LEU E 141 -0.75 13.51 -8.54
N LYS E 142 0.23 14.14 -7.93
CA LYS E 142 0.34 15.59 -8.00
C LYS E 142 0.61 16.09 -9.45
N THR E 143 1.44 15.35 -10.19
CA THR E 143 1.92 15.80 -11.51
C THR E 143 0.99 15.41 -12.64
N VAL E 144 0.57 14.16 -12.69
CA VAL E 144 -0.21 13.67 -13.80
C VAL E 144 -1.70 13.83 -13.51
N THR E 145 -2.23 15.02 -13.74
CA THR E 145 -3.55 15.38 -13.19
C THR E 145 -4.68 15.30 -14.20
N ASP E 146 -4.40 15.39 -15.50
CA ASP E 146 -5.54 15.32 -16.40
C ASP E 146 -5.32 14.41 -17.62
N ARG E 147 -4.96 13.16 -17.36
CA ARG E 147 -4.34 12.32 -18.38
C ARG E 147 -4.61 10.91 -17.96
N ASP E 148 -5.19 10.10 -18.83
CA ASP E 148 -5.26 8.66 -18.61
C ASP E 148 -3.88 8.08 -18.41
N LEU E 149 -3.74 7.19 -17.42
CA LEU E 149 -2.46 6.63 -17.07
C LEU E 149 -2.70 5.28 -16.41
N ASN E 150 -1.88 4.30 -16.78
CA ASN E 150 -1.94 2.96 -16.20
C ASN E 150 -0.64 2.65 -15.49
N VAL E 151 -0.76 2.28 -14.22
CA VAL E 151 0.37 2.10 -13.34
C VAL E 151 0.36 0.65 -12.96
N PHE E 152 1.50 -0.02 -13.01
CA PHE E 152 1.53 -1.42 -12.57
C PHE E 152 2.52 -1.65 -11.44
N VAL E 153 2.20 -2.69 -10.65
CA VAL E 153 3.10 -3.20 -9.65
C VAL E 153 3.08 -4.74 -9.75
N TYR E 154 4.08 -5.39 -9.17
CA TYR E 154 4.14 -6.84 -9.25
C TYR E 154 3.63 -7.45 -7.96
N THR E 155 3.95 -6.89 -6.80
CA THR E 155 3.72 -7.65 -5.56
C THR E 155 2.44 -7.28 -4.76
N ASP E 156 1.95 -8.25 -3.99
CA ASP E 156 0.80 -8.00 -3.10
C ASP E 156 1.09 -6.85 -2.18
N GLN E 157 2.32 -6.79 -1.65
CA GLN E 157 2.64 -5.74 -0.68
C GLN E 157 2.50 -4.37 -1.33
N GLU E 158 2.96 -4.25 -2.60
CA GLU E 158 2.82 -2.95 -3.28
C GLU E 158 1.36 -2.63 -3.51
N ARG E 159 0.57 -3.62 -3.91
CA ARG E 159 -0.84 -3.36 -4.16
C ARG E 159 -1.58 -2.81 -2.91
N VAL E 160 -1.33 -3.48 -1.78
CA VAL E 160 -2.05 -3.12 -0.54
C VAL E 160 -1.48 -1.85 0.03
N THR E 161 -0.21 -1.59 -0.25
CA THR E 161 0.38 -0.34 0.20
C THR E 161 -0.27 0.83 -0.56
N ILE E 162 -0.52 0.64 -1.87
CA ILE E 162 -1.26 1.63 -2.68
C ILE E 162 -2.73 1.77 -2.20
N GLU E 163 -3.40 0.64 -1.99
CA GLU E 163 -4.77 0.67 -1.46
C GLU E 163 -4.78 1.45 -0.11
N ASN E 164 -3.83 1.16 0.78
CA ASN E 164 -3.74 1.94 2.03
C ASN E 164 -3.54 3.45 1.83
N PHE E 165 -2.73 3.84 0.84
CA PHE E 165 -2.48 5.24 0.59
C PHE E 165 -3.81 5.97 0.37
N PHE E 166 -4.68 5.34 -0.40
CA PHE E 166 -5.94 5.97 -0.74
C PHE E 166 -7.03 5.84 0.33
N ASN E 167 -6.99 4.76 1.11
CA ASN E 167 -8.09 4.51 2.01
C ASN E 167 -7.81 5.16 3.34
N GLY E 168 -6.53 5.28 3.67
CA GLY E 168 -6.13 5.90 4.91
C GLY E 168 -6.42 4.90 6.00
N ASP F 1 15.00 -39.92 -6.04
CA ASP F 1 14.66 -38.75 -6.89
C ASP F 1 15.06 -37.44 -6.24
N LEU F 2 15.71 -36.55 -6.98
CA LEU F 2 16.11 -35.25 -6.46
C LEU F 2 14.85 -34.50 -6.06
N ILE F 3 13.82 -34.64 -6.88
CA ILE F 3 12.62 -33.88 -6.65
C ILE F 3 11.45 -34.83 -6.47
N LEU F 4 10.72 -34.65 -5.38
CA LEU F 4 9.67 -35.58 -4.99
C LEU F 4 8.39 -34.79 -4.94
N PRO F 5 7.25 -35.44 -5.24
CA PRO F 5 5.98 -34.70 -5.23
C PRO F 5 5.59 -34.34 -3.81
N PHE F 6 4.86 -33.25 -3.60
CA PHE F 6 4.45 -32.97 -2.24
C PHE F 6 3.14 -33.73 -1.96
N TYR F 7 2.48 -34.19 -3.01
CA TYR F 7 1.29 -34.96 -2.77
C TYR F 7 1.11 -35.90 -3.92
N LYS F 8 0.39 -36.98 -3.67
CA LYS F 8 0.14 -37.95 -4.70
C LYS F 8 -1.30 -38.46 -4.52
N ALA F 9 -2.17 -38.17 -5.50
CA ALA F 9 -3.56 -38.62 -5.46
C ALA F 9 -3.75 -39.69 -6.51
N GLY F 10 -3.59 -40.95 -6.12
CA GLY F 10 -3.67 -42.03 -7.09
C GLY F 10 -2.47 -41.96 -8.04
N LYS F 11 -2.73 -41.95 -9.34
CA LYS F 11 -1.62 -41.86 -10.31
C LYS F 11 -1.23 -40.40 -10.69
N VAL F 12 -1.85 -39.42 -10.02
CA VAL F 12 -1.55 -38.01 -10.22
C VAL F 12 -0.56 -37.56 -9.15
N SER F 13 0.65 -37.13 -9.54
CA SER F 13 1.60 -36.54 -8.60
C SER F 13 1.64 -35.01 -8.71
N PHE F 14 1.79 -34.32 -7.57
CA PHE F 14 1.80 -32.87 -7.50
C PHE F 14 3.16 -32.39 -7.06
N TYR F 15 3.69 -31.40 -7.78
CA TYR F 15 5.07 -30.97 -7.59
C TYR F 15 5.11 -29.48 -7.44
N GLN F 16 6.07 -28.96 -6.69
CA GLN F 16 6.25 -27.52 -6.63
C GLN F 16 7.64 -27.26 -7.18
N GLY F 17 7.81 -26.38 -8.15
CA GLY F 17 9.18 -26.15 -8.61
C GLY F 17 9.20 -25.21 -9.81
N ASP F 18 10.39 -24.72 -10.18
CA ASP F 18 10.55 -23.94 -11.40
C ASP F 18 10.32 -24.86 -12.59
N LEU F 19 9.73 -24.33 -13.65
CA LEU F 19 9.41 -25.13 -14.82
C LEU F 19 10.65 -25.84 -15.39
N ASP F 20 11.73 -25.09 -15.60
CA ASP F 20 12.94 -25.68 -16.21
C ASP F 20 13.55 -26.76 -15.33
N VAL F 21 13.55 -26.52 -14.03
CA VAL F 21 14.03 -27.52 -13.09
C VAL F 21 13.19 -28.77 -13.17
N LEU F 22 11.89 -28.62 -13.20
CA LEU F 22 11.01 -29.80 -13.29
C LEU F 22 11.15 -30.54 -14.63
N ILE F 23 11.26 -29.82 -15.73
CA ILE F 23 11.53 -30.50 -16.99
C ILE F 23 12.83 -31.25 -16.95
N ASN F 24 13.90 -30.58 -16.51
CA ASN F 24 15.23 -31.18 -16.44
C ASN F 24 15.23 -32.49 -15.64
N PHE F 25 14.59 -32.44 -14.46
CA PHE F 25 14.65 -33.60 -13.57
C PHE F 25 13.54 -34.63 -13.80
N LEU F 26 12.33 -34.20 -14.16
CA LEU F 26 11.24 -35.16 -14.34
C LEU F 26 11.21 -35.76 -15.73
N GLU F 27 11.84 -35.09 -16.72
CA GLU F 27 11.98 -35.68 -18.05
C GLU F 27 10.70 -36.02 -18.77
N PRO F 28 9.77 -35.05 -18.83
CA PRO F 28 8.51 -35.31 -19.52
C PRO F 28 8.70 -35.44 -21.02
N ASP F 29 7.75 -36.12 -21.67
CA ASP F 29 7.66 -36.17 -23.12
C ASP F 29 6.74 -35.10 -23.60
N VAL F 30 5.71 -34.78 -22.82
CA VAL F 30 4.72 -33.79 -23.22
C VAL F 30 4.68 -32.71 -22.14
N LEU F 31 4.77 -31.45 -22.56
CA LEU F 31 4.61 -30.36 -21.65
C LEU F 31 3.32 -29.63 -22.01
N VAL F 32 2.46 -29.41 -21.01
CA VAL F 32 1.21 -28.73 -21.27
C VAL F 32 1.41 -27.26 -21.07
N ASN F 33 0.96 -26.50 -22.06
CA ASN F 33 1.10 -25.06 -22.00
C ASN F 33 -0.22 -24.43 -21.55
N ALA F 34 -0.18 -23.46 -20.63
CA ALA F 34 -1.38 -22.66 -20.33
C ALA F 34 -1.57 -21.59 -21.42
N ALA F 35 -2.16 -21.99 -22.52
CA ALA F 35 -2.18 -21.13 -23.71
C ALA F 35 -3.41 -20.19 -23.71
N ASN F 36 -3.31 -19.10 -24.50
CA ASN F 36 -4.42 -18.23 -24.88
CA ASN F 36 -4.50 -18.33 -24.81
C ASN F 36 -4.90 -18.60 -26.26
N GLY F 37 -6.14 -18.31 -26.58
CA GLY F 37 -6.64 -18.61 -27.90
C GLY F 37 -5.74 -18.16 -29.03
N ASP F 38 -5.12 -17.00 -28.93
CA ASP F 38 -4.31 -16.65 -30.11
C ASP F 38 -2.81 -16.96 -29.97
N LEU F 39 -2.47 -17.80 -29.00
CA LEU F 39 -1.12 -18.34 -28.92
C LEU F 39 -0.06 -17.28 -28.74
N ARG F 40 -0.37 -16.16 -28.11
CA ARG F 40 0.70 -15.30 -27.62
C ARG F 40 1.16 -15.82 -26.26
N HIS F 41 2.42 -16.22 -26.16
CA HIS F 41 2.88 -16.97 -25.00
C HIS F 41 3.40 -16.06 -23.89
N VAL F 42 2.47 -15.48 -23.13
CA VAL F 42 2.78 -14.57 -22.03
C VAL F 42 2.35 -15.26 -20.72
N GLY F 43 2.91 -14.82 -19.60
CA GLY F 43 2.62 -15.45 -18.32
C GLY F 43 3.68 -16.43 -17.88
N GLY F 44 3.60 -16.77 -16.59
CA GLY F 44 4.58 -17.57 -15.92
C GLY F 44 4.76 -18.98 -16.45
N VAL F 45 3.78 -19.53 -17.12
CA VAL F 45 3.96 -20.85 -17.78
C VAL F 45 4.36 -20.74 -19.25
N ALA F 46 3.56 -20.01 -20.04
CA ALA F 46 3.78 -19.95 -21.50
C ALA F 46 5.14 -19.30 -21.86
N ARG F 47 5.50 -18.23 -21.15
CA ARG F 47 6.74 -17.54 -21.45
CA ARG F 47 6.73 -17.52 -21.43
C ARG F 47 7.91 -18.40 -21.06
N ALA F 48 7.77 -19.13 -19.95
CA ALA F 48 8.89 -19.99 -19.53
C ALA F 48 9.08 -21.17 -20.53
N ILE F 49 7.98 -21.71 -21.04
CA ILE F 49 8.10 -22.78 -22.01
C ILE F 49 8.69 -22.26 -23.30
N ASP F 50 8.17 -21.14 -23.81
CA ASP F 50 8.76 -20.51 -24.99
C ASP F 50 10.30 -20.38 -24.84
N VAL F 51 10.71 -19.76 -23.77
CA VAL F 51 12.13 -19.52 -23.51
C VAL F 51 12.94 -20.82 -23.42
N PHE F 52 12.36 -21.85 -22.79
CA PHE F 52 13.04 -23.14 -22.67
C PHE F 52 13.29 -23.69 -24.06
N THR F 53 12.36 -23.40 -24.99
CA THR F 53 12.48 -23.94 -26.35
C THR F 53 13.24 -22.99 -27.29
N GLY F 54 13.80 -21.94 -26.73
CA GLY F 54 14.56 -20.97 -27.50
C GLY F 54 13.67 -20.22 -28.47
N GLY F 55 12.39 -20.03 -28.13
CA GLY F 55 11.48 -19.30 -28.99
C GLY F 55 10.83 -20.17 -30.04
N LYS F 56 11.16 -21.46 -30.05
CA LYS F 56 10.59 -22.37 -31.03
C LYS F 56 9.07 -22.57 -30.90
N LEU F 57 8.57 -22.55 -29.67
CA LEU F 57 7.11 -22.61 -29.48
C LEU F 57 6.39 -21.51 -30.25
N THR F 58 6.88 -20.29 -30.09
CA THR F 58 6.35 -19.18 -30.84
C THR F 58 6.49 -19.33 -32.39
N LYS F 59 7.66 -19.73 -32.87
CA LYS F 59 7.83 -20.00 -34.30
C LYS F 59 6.79 -20.97 -34.81
N ARG F 60 6.62 -22.08 -34.10
CA ARG F 60 5.65 -23.12 -34.51
C ARG F 60 4.24 -22.56 -34.39
N SER F 61 4.00 -21.67 -33.43
CA SER F 61 2.65 -21.10 -33.26
C SER F 61 2.24 -20.19 -34.44
N LYS F 62 3.18 -19.36 -34.85
N LYS F 62 3.17 -19.36 -34.90
CA LYS F 62 3.01 -18.50 -36.00
CA LYS F 62 2.91 -18.50 -36.03
C LYS F 62 2.72 -19.37 -37.23
C LYS F 62 2.80 -19.29 -37.33
N GLU F 63 3.54 -20.39 -37.46
CA GLU F 63 3.33 -21.34 -38.59
C GLU F 63 1.91 -21.93 -38.55
N TYR F 64 1.54 -22.46 -37.38
CA TYR F 64 0.26 -23.14 -37.19
C TYR F 64 -0.92 -22.24 -37.63
N LEU F 65 -0.88 -20.98 -37.20
CA LEU F 65 -1.99 -20.07 -37.47
C LEU F 65 -2.07 -19.63 -38.95
N LYS F 66 -1.00 -19.83 -39.72
CA LYS F 66 -1.11 -19.57 -41.15
C LYS F 66 -2.09 -20.50 -41.87
N SER F 67 -2.37 -21.68 -41.32
CA SER F 67 -3.24 -22.64 -42.03
C SER F 67 -4.19 -23.40 -41.11
N SER F 68 -4.45 -22.92 -39.90
CA SER F 68 -5.13 -23.79 -38.94
C SER F 68 -6.03 -22.97 -38.08
N LYS F 69 -6.97 -23.69 -37.49
CA LYS F 69 -8.06 -23.06 -36.73
C LYS F 69 -7.53 -22.45 -35.44
N ALA F 70 -7.88 -21.18 -35.17
CA ALA F 70 -7.58 -20.62 -33.81
C ALA F 70 -8.18 -21.52 -32.70
N ILE F 71 -7.50 -21.60 -31.57
CA ILE F 71 -7.88 -22.60 -30.57
C ILE F 71 -8.86 -21.93 -29.62
N ALA F 72 -10.08 -22.51 -29.55
CA ALA F 72 -11.15 -21.99 -28.69
C ALA F 72 -11.07 -22.59 -27.31
N PRO F 73 -11.48 -21.84 -26.30
CA PRO F 73 -11.45 -22.34 -24.93
C PRO F 73 -12.17 -23.68 -24.87
N GLY F 74 -11.62 -24.65 -24.15
CA GLY F 74 -12.21 -25.99 -24.20
C GLY F 74 -11.41 -26.95 -25.04
N ASN F 75 -10.38 -26.46 -25.74
CA ASN F 75 -9.64 -27.30 -26.67
C ASN F 75 -8.12 -27.21 -26.44
N ALA F 76 -7.36 -28.13 -27.01
CA ALA F 76 -5.91 -28.14 -26.82
C ALA F 76 -5.32 -28.63 -28.11
N VAL F 77 -4.17 -28.10 -28.52
CA VAL F 77 -3.54 -28.62 -29.74
C VAL F 77 -2.10 -28.99 -29.45
N LEU F 78 -1.73 -30.20 -29.86
CA LEU F 78 -0.39 -30.71 -29.60
C LEU F 78 0.58 -30.29 -30.70
N PHE F 79 1.67 -29.63 -30.35
CA PHE F 79 2.77 -29.48 -31.30
C PHE F 79 3.80 -30.53 -30.96
N GLU F 80 4.02 -31.46 -31.88
CA GLU F 80 4.90 -32.59 -31.63
CA GLU F 80 4.90 -32.59 -31.65
C GLU F 80 6.37 -32.22 -31.75
N ASN F 81 7.18 -32.67 -30.78
CA ASN F 81 8.63 -32.40 -30.80
C ASN F 81 9.00 -30.95 -31.14
N VAL F 82 8.48 -30.02 -30.36
CA VAL F 82 8.95 -28.66 -30.46
C VAL F 82 10.47 -28.68 -30.26
N LEU F 83 10.94 -29.44 -29.25
CA LEU F 83 12.35 -29.86 -29.18
C LEU F 83 12.34 -31.36 -29.40
N GLU F 84 13.47 -31.95 -29.78
CA GLU F 84 13.58 -33.40 -29.85
C GLU F 84 13.06 -34.05 -28.56
N HIS F 85 12.04 -34.89 -28.71
CA HIS F 85 11.35 -35.57 -27.60
C HIS F 85 10.67 -34.64 -26.57
N LEU F 86 10.19 -33.50 -27.02
CA LEU F 86 9.43 -32.65 -26.13
C LEU F 86 8.34 -31.93 -26.92
N SER F 87 7.11 -32.40 -26.68
CA SER F 87 5.98 -31.89 -27.39
C SER F 87 5.34 -30.89 -26.46
N VAL F 88 4.65 -29.91 -27.04
CA VAL F 88 3.91 -28.97 -26.22
C VAL F 88 2.43 -29.04 -26.56
N MET F 89 1.60 -29.23 -25.53
CA MET F 89 0.15 -29.38 -25.69
C MET F 89 -0.40 -28.02 -25.31
N ASN F 90 -0.87 -27.27 -26.29
CA ASN F 90 -1.32 -25.93 -26.04
C ASN F 90 -2.78 -26.03 -25.59
N ALA F 91 -3.01 -26.01 -24.28
CA ALA F 91 -4.37 -26.12 -23.71
C ALA F 91 -4.98 -24.76 -23.42
N VAL F 92 -6.08 -24.46 -24.08
CA VAL F 92 -6.72 -23.20 -23.87
C VAL F 92 -7.95 -23.38 -22.95
N GLY F 93 -7.86 -22.94 -21.69
CA GLY F 93 -8.99 -23.04 -20.78
C GLY F 93 -9.99 -21.89 -20.90
N PRO F 94 -11.16 -22.04 -20.24
CA PRO F 94 -12.14 -20.95 -20.15
C PRO F 94 -11.70 -19.89 -19.16
N ARG F 95 -12.30 -18.72 -19.24
CA ARG F 95 -12.03 -17.67 -18.28
C ARG F 95 -13.19 -17.68 -17.28
N ASN F 96 -12.94 -17.21 -16.06
CA ASN F 96 -14.02 -17.08 -15.07
C ASN F 96 -15.14 -16.20 -15.65
N GLY F 97 -16.38 -16.65 -15.56
CA GLY F 97 -17.43 -15.86 -16.15
C GLY F 97 -17.78 -16.27 -17.56
N ASP F 98 -17.07 -17.25 -18.11
CA ASP F 98 -17.46 -17.84 -19.37
C ASP F 98 -18.68 -18.74 -19.11
N SER F 99 -19.40 -19.12 -20.16
CA SER F 99 -20.40 -20.16 -19.98
C SER F 99 -19.70 -21.51 -19.95
N ARG F 100 -20.24 -22.47 -19.22
CA ARG F 100 -19.74 -23.86 -19.23
C ARG F 100 -18.27 -24.04 -18.82
N VAL F 101 -17.88 -23.27 -17.80
CA VAL F 101 -16.52 -23.32 -17.33
C VAL F 101 -16.08 -24.74 -17.06
N GLU F 102 -16.89 -25.49 -16.30
CA GLU F 102 -16.47 -26.83 -15.92
C GLU F 102 -16.46 -27.78 -17.10
N GLY F 103 -17.46 -27.64 -17.94
CA GLY F 103 -17.49 -28.46 -19.14
C GLY F 103 -16.22 -28.25 -19.95
N LYS F 104 -15.83 -26.99 -20.12
CA LYS F 104 -14.69 -26.66 -20.98
C LYS F 104 -13.40 -27.14 -20.32
N LEU F 105 -13.26 -26.80 -19.06
CA LEU F 105 -12.09 -27.17 -18.29
C LEU F 105 -11.92 -28.69 -18.29
N CYS F 106 -12.99 -29.39 -17.94
CA CYS F 106 -12.97 -30.85 -18.00
C CYS F 106 -12.61 -31.41 -19.41
N ASN F 107 -13.14 -30.81 -20.46
CA ASN F 107 -12.79 -31.24 -21.82
C ASN F 107 -11.28 -31.02 -22.13
N VAL F 108 -10.71 -29.95 -21.59
CA VAL F 108 -9.28 -29.67 -21.79
C VAL F 108 -8.49 -30.80 -21.17
N TYR F 109 -8.83 -31.20 -19.94
CA TYR F 109 -8.09 -32.28 -19.28
C TYR F 109 -8.19 -33.61 -20.01
N LYS F 110 -9.32 -33.80 -20.67
CA LYS F 110 -9.57 -35.04 -21.36
C LYS F 110 -8.66 -35.11 -22.58
N ALA F 111 -8.54 -33.97 -23.27
CA ALA F 111 -7.60 -33.81 -24.40
C ALA F 111 -6.15 -34.03 -23.90
N ILE F 112 -5.82 -33.41 -22.77
CA ILE F 112 -4.50 -33.63 -22.20
C ILE F 112 -4.18 -35.12 -22.00
N ALA F 113 -5.09 -35.84 -21.35
CA ALA F 113 -4.81 -37.23 -20.93
C ALA F 113 -4.66 -38.19 -22.11
N LYS F 114 -5.19 -37.80 -23.26
CA LYS F 114 -5.02 -38.60 -24.48
C LYS F 114 -3.64 -38.52 -25.09
N CYS F 115 -2.77 -37.64 -24.56
CA CYS F 115 -1.37 -37.57 -25.03
C CYS F 115 -0.57 -38.80 -24.63
N ASP F 116 0.50 -39.06 -25.37
CA ASP F 116 1.44 -40.15 -25.10
C ASP F 116 2.61 -39.78 -24.22
N GLY F 117 3.06 -40.76 -23.46
CA GLY F 117 4.24 -40.65 -22.66
C GLY F 117 4.02 -39.86 -21.40
N LYS F 118 5.11 -39.40 -20.81
CA LYS F 118 5.07 -38.74 -19.55
C LYS F 118 4.66 -37.26 -19.71
N ILE F 119 3.58 -36.88 -19.02
CA ILE F 119 3.00 -35.57 -19.16
C ILE F 119 3.25 -34.69 -17.93
N LEU F 120 3.72 -33.45 -18.18
CA LEU F 120 3.82 -32.46 -17.12
C LEU F 120 2.90 -31.27 -17.40
N THR F 121 2.02 -30.95 -16.43
CA THR F 121 0.99 -29.94 -16.61
C THR F 121 0.81 -29.00 -15.42
N PRO F 122 0.46 -27.74 -15.72
CA PRO F 122 -0.02 -26.82 -14.67
C PRO F 122 -1.52 -27.09 -14.46
N LEU F 123 -2.13 -26.38 -13.49
CA LEU F 123 -3.61 -26.36 -13.43
C LEU F 123 -4.15 -25.33 -14.42
N ILE F 124 -5.01 -25.75 -15.33
CA ILE F 124 -5.53 -24.86 -16.34
C ILE F 124 -6.53 -23.84 -15.77
N SER F 125 -6.40 -22.59 -16.21
CA SER F 125 -7.38 -21.55 -15.91
C SER F 125 -7.24 -20.86 -14.55
N VAL F 126 -6.29 -21.32 -13.75
CA VAL F 126 -6.02 -20.79 -12.43
C VAL F 126 -5.00 -19.67 -12.62
N GLY F 127 -5.17 -18.52 -11.97
CA GLY F 127 -4.29 -17.42 -12.23
C GLY F 127 -4.98 -16.33 -13.04
N ILE F 128 -4.51 -16.02 -14.24
CA ILE F 128 -5.14 -14.84 -14.85
C ILE F 128 -6.53 -15.09 -15.40
N PHE F 129 -6.82 -16.34 -15.66
CA PHE F 129 -8.13 -16.69 -16.15
C PHE F 129 -9.11 -16.78 -14.96
N LYS F 130 -8.55 -16.78 -13.75
CA LYS F 130 -9.34 -16.58 -12.52
C LYS F 130 -10.38 -17.64 -12.23
N VAL F 131 -10.21 -18.84 -12.75
CA VAL F 131 -11.05 -19.91 -12.27
C VAL F 131 -10.42 -20.33 -10.93
N LYS F 132 -11.28 -20.61 -9.93
CA LYS F 132 -10.84 -21.04 -8.61
C LYS F 132 -9.96 -22.29 -8.70
N LEU F 133 -8.87 -22.35 -7.94
CA LEU F 133 -7.97 -23.48 -8.08
C LEU F 133 -8.69 -24.83 -7.91
N GLU F 134 -9.62 -24.89 -6.96
CA GLU F 134 -10.26 -26.18 -6.63
C GLU F 134 -11.17 -26.66 -7.74
N VAL F 135 -11.79 -25.70 -8.43
CA VAL F 135 -12.62 -26.06 -9.57
C VAL F 135 -11.74 -26.68 -10.69
N SER F 136 -10.59 -26.07 -10.94
CA SER F 136 -9.73 -26.63 -12.01
C SER F 136 -9.23 -27.99 -11.51
N LEU F 137 -8.77 -28.01 -10.26
CA LEU F 137 -8.29 -29.26 -9.66
C LEU F 137 -9.39 -30.34 -9.59
N GLN F 138 -10.61 -30.02 -9.17
CA GLN F 138 -11.71 -31.01 -9.23
CA GLN F 138 -11.67 -31.05 -9.24
C GLN F 138 -11.85 -31.60 -10.64
N CYS F 139 -11.88 -30.75 -11.67
CA CYS F 139 -12.04 -31.25 -13.03
C CYS F 139 -10.94 -32.21 -13.45
N LEU F 140 -9.71 -31.88 -13.06
CA LEU F 140 -8.57 -32.75 -13.43
C LEU F 140 -8.80 -34.08 -12.75
N LEU F 141 -9.11 -34.05 -11.45
CA LEU F 141 -9.18 -35.30 -10.68
C LEU F 141 -10.30 -36.20 -11.20
N LYS F 142 -11.40 -35.57 -11.55
CA LYS F 142 -12.58 -36.26 -11.98
C LYS F 142 -12.40 -36.86 -13.35
N THR F 143 -11.61 -36.17 -14.19
CA THR F 143 -11.46 -36.55 -15.60
C THR F 143 -10.28 -37.47 -15.82
N VAL F 144 -9.15 -37.17 -15.22
CA VAL F 144 -7.96 -37.93 -15.57
C VAL F 144 -7.84 -39.05 -14.56
N THR F 145 -8.55 -40.15 -14.81
CA THR F 145 -8.76 -41.13 -13.72
C THR F 145 -7.94 -42.39 -13.75
N ASP F 146 -7.34 -42.74 -14.88
CA ASP F 146 -6.48 -43.93 -14.88
C ASP F 146 -5.18 -43.72 -15.65
N ARG F 147 -4.50 -42.61 -15.38
CA ARG F 147 -3.40 -42.13 -16.26
C ARG F 147 -2.37 -41.47 -15.36
N ASP F 148 -1.13 -41.92 -15.42
CA ASP F 148 -0.03 -41.15 -14.80
C ASP F 148 -0.06 -39.69 -15.27
N LEU F 149 0.15 -38.77 -14.35
CA LEU F 149 0.03 -37.36 -14.65
C LEU F 149 0.83 -36.59 -13.64
N ASN F 150 1.69 -35.65 -14.08
CA ASN F 150 2.43 -34.81 -13.15
C ASN F 150 1.96 -33.38 -13.24
N VAL F 151 1.61 -32.79 -12.08
CA VAL F 151 1.00 -31.47 -12.03
C VAL F 151 1.98 -30.59 -11.30
N PHE F 152 2.21 -29.34 -11.77
CA PHE F 152 3.13 -28.52 -11.03
C PHE F 152 2.49 -27.20 -10.63
N VAL F 153 2.99 -26.62 -9.52
CA VAL F 153 2.66 -25.25 -9.16
C VAL F 153 3.93 -24.57 -8.79
N TYR F 154 3.93 -23.23 -8.80
CA TYR F 154 5.16 -22.51 -8.53
C TYR F 154 5.27 -22.12 -7.07
N THR F 155 4.16 -21.79 -6.41
CA THR F 155 4.25 -21.15 -5.09
C THR F 155 3.72 -21.99 -3.89
N ASP F 156 4.21 -21.63 -2.69
CA ASP F 156 3.85 -22.29 -1.41
C ASP F 156 2.36 -22.21 -1.23
N GLN F 157 1.84 -21.01 -1.46
CA GLN F 157 0.41 -20.77 -1.34
CA GLN F 157 0.42 -20.77 -1.32
C GLN F 157 -0.43 -21.77 -2.13
N GLU F 158 -0.05 -22.02 -3.39
CA GLU F 158 -0.82 -22.96 -4.21
C GLU F 158 -0.60 -24.35 -3.66
N ARG F 159 0.59 -24.62 -3.14
CA ARG F 159 0.82 -25.94 -2.52
C ARG F 159 -0.12 -26.12 -1.31
N VAL F 160 -0.12 -25.13 -0.42
CA VAL F 160 -1.04 -25.22 0.73
C VAL F 160 -2.49 -25.38 0.26
N THR F 161 -2.96 -24.51 -0.66
CA THR F 161 -4.31 -24.68 -1.17
C THR F 161 -4.60 -26.10 -1.65
N ILE F 162 -3.61 -26.81 -2.19
CA ILE F 162 -3.89 -28.14 -2.74
C ILE F 162 -3.81 -29.18 -1.60
N GLU F 163 -2.93 -28.92 -0.65
CA GLU F 163 -2.85 -29.81 0.49
C GLU F 163 -4.15 -29.69 1.31
N ASN F 164 -4.58 -28.46 1.60
CA ASN F 164 -5.85 -28.25 2.29
C ASN F 164 -6.97 -28.93 1.54
N PHE F 165 -7.06 -28.71 0.24
CA PHE F 165 -8.07 -29.40 -0.52
C PHE F 165 -8.08 -30.93 -0.27
N PHE F 166 -6.92 -31.57 -0.18
CA PHE F 166 -6.95 -33.01 0.00
C PHE F 166 -7.15 -33.44 1.46
N ASN F 167 -6.61 -32.65 2.39
CA ASN F 167 -6.62 -33.02 3.80
C ASN F 167 -7.85 -32.40 4.44
N GLY F 168 -7.67 -31.26 5.11
CA GLY F 168 -8.81 -30.50 5.63
C GLY F 168 -9.91 -30.31 4.59
N ASP G 1 27.24 3.57 -1.95
CA ASP G 1 26.79 2.47 -2.86
C ASP G 1 25.27 2.35 -2.84
N LEU G 2 24.69 2.01 -3.99
CA LEU G 2 23.28 1.77 -4.08
C LEU G 2 22.90 0.48 -3.33
N ILE G 3 23.71 -0.55 -3.50
CA ILE G 3 23.38 -1.83 -2.92
C ILE G 3 24.30 -2.12 -1.73
N LEU G 4 23.71 -2.23 -0.56
CA LEU G 4 24.47 -2.47 0.68
C LEU G 4 24.19 -3.87 1.23
N PRO G 5 25.19 -4.50 1.87
CA PRO G 5 25.04 -5.87 2.40
C PRO G 5 24.07 -5.90 3.59
N PHE G 6 23.30 -6.96 3.82
CA PHE G 6 22.47 -6.92 5.01
C PHE G 6 23.26 -7.45 6.20
N TYR G 7 24.46 -7.97 5.96
CA TYR G 7 25.27 -8.44 7.03
C TYR G 7 26.68 -8.60 6.51
N LYS G 8 27.62 -8.62 7.44
CA LYS G 8 29.01 -8.63 7.07
C LYS G 8 29.74 -9.38 8.18
N ALA G 9 30.39 -10.47 7.82
CA ALA G 9 31.09 -11.31 8.79
C ALA G 9 32.55 -11.29 8.38
N GLY G 10 33.34 -10.45 9.01
CA GLY G 10 34.74 -10.39 8.61
C GLY G 10 34.78 -9.84 7.17
N LYS G 11 35.54 -10.51 6.30
CA LYS G 11 35.65 -10.13 4.90
C LYS G 11 34.44 -10.61 4.04
N VAL G 12 33.49 -11.30 4.66
CA VAL G 12 32.33 -11.84 3.94
C VAL G 12 31.08 -10.95 4.01
N SER G 13 30.63 -10.41 2.86
CA SER G 13 29.39 -9.62 2.83
C SER G 13 28.23 -10.36 2.19
N PHE G 14 27.04 -10.16 2.74
CA PHE G 14 25.87 -10.90 2.36
C PHE G 14 24.89 -9.91 1.79
N TYR G 15 24.35 -10.24 0.61
CA TYR G 15 23.42 -9.37 -0.10
C TYR G 15 22.14 -10.09 -0.42
N GLN G 16 21.08 -9.33 -0.62
CA GLN G 16 19.85 -9.89 -1.12
C GLN G 16 19.41 -9.10 -2.36
N GLY G 17 19.13 -9.74 -3.49
CA GLY G 17 18.72 -8.98 -4.66
C GLY G 17 18.68 -9.87 -5.88
N ASP G 18 18.09 -9.37 -6.96
CA ASP G 18 18.18 -10.05 -8.27
C ASP G 18 19.63 -10.11 -8.74
N LEU G 19 19.98 -11.21 -9.37
CA LEU G 19 21.40 -11.46 -9.74
C LEU G 19 21.93 -10.43 -10.73
N ASP G 20 21.15 -10.12 -11.77
CA ASP G 20 21.59 -9.14 -12.79
C ASP G 20 21.85 -7.77 -12.15
N VAL G 21 20.97 -7.40 -11.21
CA VAL G 21 21.14 -6.15 -10.43
C VAL G 21 22.40 -6.21 -9.58
N LEU G 22 22.65 -7.33 -8.88
CA LEU G 22 23.88 -7.44 -8.09
C LEU G 22 25.16 -7.40 -8.96
N ILE G 23 25.13 -8.11 -10.09
CA ILE G 23 26.27 -8.05 -11.02
C ILE G 23 26.47 -6.59 -11.50
N ASN G 24 25.41 -6.00 -11.99
CA ASN G 24 25.52 -4.64 -12.48
C ASN G 24 26.17 -3.74 -11.45
N PHE G 25 25.72 -3.81 -10.19
CA PHE G 25 26.17 -2.83 -9.22
C PHE G 25 27.36 -3.26 -8.39
N LEU G 26 27.51 -4.56 -8.13
CA LEU G 26 28.69 -4.96 -7.36
C LEU G 26 29.92 -5.17 -8.21
N GLU G 27 29.76 -5.35 -9.54
CA GLU G 27 30.94 -5.48 -10.42
C GLU G 27 31.92 -6.62 -10.16
N PRO G 28 31.40 -7.85 -10.02
CA PRO G 28 32.36 -8.95 -9.79
C PRO G 28 33.22 -9.31 -11.01
N ASP G 29 34.41 -9.85 -10.76
CA ASP G 29 35.21 -10.49 -11.73
C ASP G 29 34.80 -11.96 -11.94
N VAL G 30 34.31 -12.60 -10.88
CA VAL G 30 34.01 -14.05 -10.89
C VAL G 30 32.62 -14.23 -10.29
N LEU G 31 31.75 -14.90 -11.04
CA LEU G 31 30.43 -15.23 -10.60
C LEU G 31 30.37 -16.72 -10.45
N VAL G 32 29.93 -17.22 -9.28
CA VAL G 32 29.84 -18.64 -9.01
C VAL G 32 28.51 -19.12 -9.47
N ASN G 33 28.50 -20.17 -10.28
CA ASN G 33 27.28 -20.79 -10.73
C ASN G 33 26.96 -22.00 -9.81
N ALA G 34 25.68 -22.14 -9.43
CA ALA G 34 25.21 -23.34 -8.72
C ALA G 34 24.89 -24.36 -9.79
N ALA G 35 25.93 -25.08 -10.22
CA ALA G 35 25.79 -25.94 -11.40
C ALA G 35 25.39 -27.37 -10.98
N ASN G 36 24.88 -28.12 -11.97
CA ASN G 36 24.61 -29.53 -11.88
CA ASN G 36 24.70 -29.53 -11.76
C ASN G 36 25.77 -30.22 -12.58
N GLY G 37 26.00 -31.47 -12.26
CA GLY G 37 27.14 -32.20 -12.81
C GLY G 37 27.11 -32.21 -14.32
N ASP G 38 25.92 -32.16 -14.92
CA ASP G 38 25.92 -32.20 -16.39
CA ASP G 38 25.72 -32.22 -16.38
C ASP G 38 25.82 -30.85 -17.05
N LEU G 39 26.00 -29.80 -16.24
CA LEU G 39 26.05 -28.43 -16.77
C LEU G 39 24.81 -28.06 -17.55
N ARG G 40 23.65 -28.57 -17.16
CA ARG G 40 22.43 -28.11 -17.77
C ARG G 40 21.95 -26.91 -16.90
N HIS G 41 22.02 -25.68 -17.44
CA HIS G 41 21.88 -24.51 -16.57
C HIS G 41 20.41 -24.10 -16.28
N VAL G 42 19.78 -24.84 -15.38
CA VAL G 42 18.40 -24.67 -14.94
C VAL G 42 18.40 -24.12 -13.50
N GLY G 43 17.32 -23.43 -13.14
CA GLY G 43 17.17 -22.93 -11.77
C GLY G 43 17.47 -21.45 -11.68
N GLY G 44 17.20 -20.88 -10.51
CA GLY G 44 17.21 -19.45 -10.38
C GLY G 44 18.59 -18.85 -10.46
N VAL G 45 19.64 -19.64 -10.24
CA VAL G 45 20.98 -19.10 -10.37
C VAL G 45 21.49 -19.35 -11.79
N ALA G 46 21.57 -20.61 -12.20
CA ALA G 46 22.21 -20.99 -13.48
C ALA G 46 21.53 -20.39 -14.70
N ARG G 47 20.19 -20.39 -14.67
CA ARG G 47 19.38 -19.88 -15.76
CA ARG G 47 19.42 -19.87 -15.78
C ARG G 47 19.62 -18.37 -15.87
N ALA G 48 19.67 -17.70 -14.73
CA ALA G 48 19.83 -16.27 -14.72
C ALA G 48 21.22 -15.86 -15.20
N ILE G 49 22.26 -16.60 -14.80
CA ILE G 49 23.61 -16.31 -15.36
C ILE G 49 23.64 -16.54 -16.86
N ASP G 50 23.07 -17.65 -17.33
CA ASP G 50 23.13 -17.99 -18.73
C ASP G 50 22.51 -16.87 -19.53
N VAL G 51 21.33 -16.44 -19.10
CA VAL G 51 20.62 -15.35 -19.79
C VAL G 51 21.38 -14.04 -19.71
N PHE G 52 21.93 -13.71 -18.55
CA PHE G 52 22.78 -12.53 -18.46
C PHE G 52 23.96 -12.60 -19.45
N THR G 53 24.44 -13.82 -19.73
CA THR G 53 25.58 -13.94 -20.68
C THR G 53 25.10 -14.18 -22.11
N GLY G 54 23.82 -13.96 -22.39
CA GLY G 54 23.33 -14.14 -23.77
C GLY G 54 23.48 -15.58 -24.22
N GLY G 55 23.48 -16.54 -23.31
CA GLY G 55 23.52 -17.97 -23.67
C GLY G 55 24.98 -18.44 -23.89
N LYS G 56 25.95 -17.56 -23.64
CA LYS G 56 27.37 -17.93 -23.80
C LYS G 56 27.82 -18.96 -22.77
N LEU G 57 27.23 -18.89 -21.58
CA LEU G 57 27.57 -19.89 -20.56
C LEU G 57 27.21 -21.30 -21.08
N THR G 58 26.04 -21.48 -21.64
CA THR G 58 25.70 -22.78 -22.25
C THR G 58 26.61 -23.20 -23.41
N LYS G 59 26.90 -22.28 -24.32
CA LYS G 59 27.83 -22.57 -25.43
C LYS G 59 29.22 -23.02 -24.98
N ARG G 60 29.77 -22.35 -23.96
CA ARG G 60 31.03 -22.71 -23.44
C ARG G 60 30.93 -24.07 -22.72
N SER G 61 29.77 -24.36 -22.12
CA SER G 61 29.57 -25.62 -21.37
C SER G 61 29.53 -26.79 -22.37
N LYS G 62 28.83 -26.60 -23.50
CA LYS G 62 28.81 -27.61 -24.56
CA LYS G 62 28.81 -27.67 -24.48
C LYS G 62 30.21 -27.93 -25.05
N GLU G 63 30.97 -26.85 -25.29
CA GLU G 63 32.36 -26.99 -25.78
C GLU G 63 33.15 -27.73 -24.75
N TYR G 64 33.02 -27.29 -23.50
CA TYR G 64 33.80 -27.87 -22.40
C TYR G 64 33.68 -29.41 -22.39
N LEU G 65 32.44 -29.86 -22.44
CA LEU G 65 32.15 -31.28 -22.36
C LEU G 65 32.65 -32.09 -23.57
N LYS G 66 33.08 -31.43 -24.64
CA LYS G 66 33.65 -32.16 -25.76
C LYS G 66 35.07 -32.70 -25.48
N SER G 67 35.72 -32.15 -24.45
CA SER G 67 37.09 -32.53 -24.26
C SER G 67 37.46 -32.52 -22.81
N SER G 68 36.47 -32.53 -21.92
CA SER G 68 36.86 -32.27 -20.54
C SER G 68 36.06 -33.11 -19.55
N LYS G 69 36.67 -33.35 -18.41
CA LYS G 69 36.09 -34.20 -17.37
C LYS G 69 34.77 -33.63 -16.87
N ALA G 70 33.75 -34.50 -16.79
CA ALA G 70 32.49 -34.13 -16.13
C ALA G 70 32.79 -33.63 -14.74
N ILE G 71 31.99 -32.69 -14.26
CA ILE G 71 32.31 -32.09 -12.97
C ILE G 71 31.52 -32.81 -11.87
N ALA G 72 32.21 -33.48 -10.97
CA ALA G 72 31.56 -34.27 -9.91
C ALA G 72 31.33 -33.43 -8.68
N PRO G 73 30.28 -33.76 -7.90
CA PRO G 73 30.04 -32.99 -6.67
C PRO G 73 31.31 -32.86 -5.85
N GLY G 74 31.52 -31.71 -5.23
CA GLY G 74 32.78 -31.46 -4.53
C GLY G 74 33.81 -30.74 -5.40
N ASN G 75 33.48 -30.50 -6.67
CA ASN G 75 34.40 -29.85 -7.60
C ASN G 75 33.76 -28.61 -8.26
N ALA G 76 34.62 -27.74 -8.81
CA ALA G 76 34.17 -26.50 -9.45
C ALA G 76 35.18 -26.21 -10.59
N VAL G 77 34.71 -25.81 -11.76
CA VAL G 77 35.61 -25.47 -12.87
C VAL G 77 35.31 -24.05 -13.35
N LEU G 78 36.37 -23.25 -13.47
CA LEU G 78 36.24 -21.85 -13.82
C LEU G 78 36.22 -21.71 -15.36
N PHE G 79 35.19 -21.08 -15.91
CA PHE G 79 35.26 -20.65 -17.32
C PHE G 79 35.71 -19.19 -17.31
N GLU G 80 36.92 -18.88 -17.80
CA GLU G 80 37.38 -17.51 -17.81
C GLU G 80 36.73 -16.64 -18.86
N ASN G 81 36.38 -15.42 -18.43
CA ASN G 81 35.80 -14.43 -19.26
C ASN G 81 34.76 -14.98 -20.17
N VAL G 82 33.72 -15.58 -19.60
CA VAL G 82 32.58 -15.94 -20.42
C VAL G 82 32.08 -14.63 -21.11
N LEU G 83 32.10 -13.51 -20.36
CA LEU G 83 31.96 -12.18 -20.97
C LEU G 83 33.26 -11.48 -20.63
N GLU G 84 33.63 -10.40 -21.35
CA GLU G 84 34.82 -9.62 -20.98
C GLU G 84 34.80 -9.30 -19.46
N HIS G 85 35.83 -9.77 -18.73
CA HIS G 85 35.95 -9.49 -17.31
C HIS G 85 34.81 -10.06 -16.43
N LEU G 86 34.18 -11.14 -16.91
CA LEU G 86 33.22 -11.89 -16.08
C LEU G 86 33.47 -13.39 -16.26
N SER G 87 34.14 -14.00 -15.29
CA SER G 87 34.37 -15.46 -15.35
C SER G 87 33.24 -16.16 -14.60
N VAL G 88 32.91 -17.39 -14.99
CA VAL G 88 31.88 -18.12 -14.29
C VAL G 88 32.51 -19.40 -13.69
N MET G 89 32.39 -19.52 -12.37
CA MET G 89 32.97 -20.65 -11.63
C MET G 89 31.84 -21.63 -11.46
N ASN G 90 31.88 -22.69 -12.21
CA ASN G 90 30.80 -23.66 -12.19
C ASN G 90 31.04 -24.66 -11.03
N ALA G 91 30.27 -24.50 -9.96
CA ALA G 91 30.48 -25.23 -8.69
C ALA G 91 29.37 -26.24 -8.49
N VAL G 92 29.75 -27.51 -8.45
CA VAL G 92 28.79 -28.58 -8.35
C VAL G 92 28.80 -29.10 -6.88
N GLY G 93 27.75 -28.81 -6.13
CA GLY G 93 27.75 -29.24 -4.74
C GLY G 93 27.17 -30.65 -4.59
N PRO G 94 27.35 -31.23 -3.40
CA PRO G 94 26.65 -32.49 -3.08
C PRO G 94 25.15 -32.27 -2.90
N ARG G 95 24.39 -33.36 -2.96
CA ARG G 95 22.98 -33.36 -2.61
C ARG G 95 22.77 -33.93 -1.18
N ASN G 96 21.69 -33.55 -0.54
CA ASN G 96 21.45 -34.08 0.80
C ASN G 96 21.34 -35.62 0.72
N GLY G 97 22.01 -36.33 1.62
CA GLY G 97 21.96 -37.80 1.54
C GLY G 97 23.09 -38.40 0.71
N ASP G 98 23.93 -37.55 0.13
CA ASP G 98 25.17 -38.04 -0.45
C ASP G 98 26.07 -38.33 0.72
N SER G 99 27.11 -39.11 0.47
CA SER G 99 28.13 -39.25 1.48
C SER G 99 29.02 -38.00 1.44
N ARG G 100 29.57 -37.65 2.61
CA ARG G 100 30.57 -36.62 2.72
C ARG G 100 30.06 -35.26 2.24
N VAL G 101 28.79 -34.97 2.51
CA VAL G 101 28.22 -33.68 2.16
C VAL G 101 29.15 -32.56 2.61
N GLU G 102 29.58 -32.58 3.87
CA GLU G 102 30.31 -31.45 4.38
C GLU G 102 31.70 -31.37 3.77
N GLY G 103 32.32 -32.52 3.57
CA GLY G 103 33.65 -32.54 2.99
C GLY G 103 33.66 -32.00 1.56
N LYS G 104 32.65 -32.39 0.80
CA LYS G 104 32.50 -32.00 -0.60
C LYS G 104 32.16 -30.50 -0.74
N LEU G 105 31.25 -30.02 0.11
CA LEU G 105 30.88 -28.61 0.15
C LEU G 105 32.03 -27.73 0.54
N CYS G 106 32.70 -28.08 1.63
CA CYS G 106 33.82 -27.29 2.05
C CYS G 106 34.87 -27.25 0.93
N ASN G 107 35.04 -28.37 0.23
CA ASN G 107 36.01 -28.44 -0.86
C ASN G 107 35.69 -27.52 -2.03
N VAL G 108 34.40 -27.38 -2.33
CA VAL G 108 33.90 -26.46 -3.35
C VAL G 108 34.23 -25.04 -2.95
N TYR G 109 34.03 -24.70 -1.67
CA TYR G 109 34.33 -23.33 -1.23
C TYR G 109 35.83 -23.03 -1.29
N LYS G 110 36.62 -24.06 -0.98
CA LYS G 110 38.04 -23.98 -1.14
C LYS G 110 38.38 -23.64 -2.60
N ALA G 111 37.78 -24.35 -3.55
CA ALA G 111 38.14 -24.10 -4.96
C ALA G 111 37.67 -22.68 -5.34
N ILE G 112 36.49 -22.28 -4.86
CA ILE G 112 35.98 -20.93 -5.11
C ILE G 112 36.94 -19.86 -4.59
N ALA G 113 37.41 -20.05 -3.36
CA ALA G 113 38.28 -19.03 -2.75
C ALA G 113 39.61 -18.91 -3.49
N LYS G 114 39.99 -19.91 -4.26
CA LYS G 114 41.21 -19.75 -5.05
C LYS G 114 41.08 -18.84 -6.27
N CYS G 115 39.87 -18.42 -6.62
CA CYS G 115 39.74 -17.54 -7.78
C CYS G 115 40.31 -16.14 -7.52
N ASP G 116 40.63 -15.43 -8.61
CA ASP G 116 41.14 -14.07 -8.50
C ASP G 116 40.05 -13.04 -8.56
N GLY G 117 40.24 -11.96 -7.83
CA GLY G 117 39.41 -10.76 -8.01
C GLY G 117 38.19 -10.76 -7.14
N LYS G 118 37.22 -9.94 -7.53
CA LYS G 118 35.99 -9.84 -6.79
C LYS G 118 35.01 -10.99 -7.13
N ILE G 119 34.62 -11.73 -6.10
CA ILE G 119 33.79 -12.92 -6.26
C ILE G 119 32.40 -12.70 -5.73
N LEU G 120 31.41 -13.11 -6.51
CA LEU G 120 30.01 -13.11 -6.07
C LEU G 120 29.45 -14.56 -6.17
N THR G 121 28.97 -15.09 -5.04
CA THR G 121 28.55 -16.51 -4.97
C THR G 121 27.21 -16.69 -4.28
N PRO G 122 26.41 -17.67 -4.75
CA PRO G 122 25.30 -18.08 -3.90
C PRO G 122 25.85 -19.09 -2.85
N LEU G 123 24.97 -19.60 -1.98
CA LEU G 123 25.39 -20.69 -1.08
C LEU G 123 25.11 -22.02 -1.79
N ILE G 124 26.15 -22.80 -1.99
CA ILE G 124 26.09 -24.02 -2.74
C ILE G 124 25.27 -25.10 -2.01
N SER G 125 24.48 -25.84 -2.80
CA SER G 125 23.69 -27.01 -2.37
C SER G 125 22.42 -26.70 -1.58
N VAL G 126 22.17 -25.41 -1.37
CA VAL G 126 20.97 -24.93 -0.63
C VAL G 126 19.85 -24.77 -1.62
N GLY G 127 18.67 -25.27 -1.28
CA GLY G 127 17.60 -25.22 -2.24
C GLY G 127 17.32 -26.58 -2.82
N ILE G 128 17.37 -26.71 -4.15
CA ILE G 128 16.97 -28.02 -4.69
C ILE G 128 17.86 -29.18 -4.30
N PHE G 129 19.10 -28.94 -3.91
CA PHE G 129 20.01 -30.03 -3.55
C PHE G 129 19.76 -30.39 -2.05
N LYS G 130 18.99 -29.50 -1.40
CA LYS G 130 18.39 -29.74 -0.08
C LYS G 130 19.36 -29.84 1.06
N VAL G 131 20.53 -29.24 0.94
CA VAL G 131 21.41 -29.18 2.07
C VAL G 131 20.96 -27.99 2.90
N LYS G 132 21.00 -28.19 4.23
CA LYS G 132 20.46 -27.23 5.16
C LYS G 132 21.28 -25.97 5.00
N LEU G 133 20.61 -24.83 4.92
CA LEU G 133 21.32 -23.61 4.67
C LEU G 133 22.55 -23.47 5.55
N GLU G 134 22.39 -23.80 6.84
CA GLU G 134 23.43 -23.43 7.80
C GLU G 134 24.67 -24.30 7.67
N VAL G 135 24.45 -25.50 7.15
CA VAL G 135 25.56 -26.40 6.85
C VAL G 135 26.43 -25.83 5.71
N SER G 136 25.80 -25.33 4.64
CA SER G 136 26.59 -24.71 3.51
C SER G 136 27.30 -23.46 4.04
N LEU G 137 26.52 -22.67 4.79
CA LEU G 137 27.02 -21.42 5.36
C LEU G 137 28.27 -21.67 6.23
N GLN G 138 28.23 -22.73 7.06
CA GLN G 138 29.33 -23.03 7.97
CA GLN G 138 29.35 -22.99 7.97
C GLN G 138 30.59 -23.47 7.25
N CYS G 139 30.42 -24.26 6.20
CA CYS G 139 31.57 -24.69 5.41
C CYS G 139 32.21 -23.45 4.77
N LEU G 140 31.35 -22.56 4.28
CA LEU G 140 31.85 -21.31 3.72
C LEU G 140 32.68 -20.54 4.74
N LEU G 141 32.07 -20.29 5.90
CA LEU G 141 32.71 -19.46 6.95
C LEU G 141 34.04 -20.06 7.41
N LYS G 142 34.03 -21.37 7.54
CA LYS G 142 35.17 -22.09 8.08
C LYS G 142 36.24 -22.27 7.02
N THR G 143 35.81 -22.31 5.76
CA THR G 143 36.78 -22.45 4.66
C THR G 143 37.39 -21.15 4.11
N VAL G 144 36.59 -20.09 3.96
CA VAL G 144 37.06 -18.88 3.26
C VAL G 144 37.34 -17.82 4.35
N THR G 145 38.51 -17.89 4.97
CA THR G 145 38.69 -17.23 6.28
C THR G 145 39.33 -15.85 6.25
N ASP G 146 40.10 -15.56 5.22
CA ASP G 146 40.77 -14.27 5.16
C ASP G 146 40.72 -13.78 3.70
N ARG G 147 39.52 -13.80 3.12
CA ARG G 147 39.36 -13.49 1.69
C ARG G 147 38.08 -12.67 1.54
N ASP G 148 38.15 -11.51 0.90
CA ASP G 148 36.88 -10.83 0.55
C ASP G 148 36.00 -11.76 -0.26
N LEU G 149 34.71 -11.81 0.11
CA LEU G 149 33.76 -12.66 -0.55
C LEU G 149 32.38 -12.00 -0.49
N ASN G 150 31.59 -12.08 -1.57
CA ASN G 150 30.23 -11.56 -1.58
C ASN G 150 29.27 -12.69 -1.88
N VAL G 151 28.31 -12.88 -0.97
CA VAL G 151 27.38 -14.00 -1.03
C VAL G 151 26.02 -13.38 -1.30
N PHE G 152 25.16 -14.04 -2.10
CA PHE G 152 23.84 -13.44 -2.33
C PHE G 152 22.77 -14.45 -2.10
N VAL G 153 21.59 -13.95 -1.70
CA VAL G 153 20.41 -14.77 -1.61
C VAL G 153 19.27 -14.01 -2.25
N TYR G 154 18.23 -14.72 -2.68
CA TYR G 154 17.09 -14.05 -3.27
C TYR G 154 16.01 -13.70 -2.23
N THR G 155 15.67 -14.63 -1.33
CA THR G 155 14.45 -14.50 -0.51
C THR G 155 14.69 -13.96 0.90
N ASP G 156 13.61 -13.43 1.47
CA ASP G 156 13.58 -12.98 2.87
C ASP G 156 13.83 -14.08 3.89
N GLN G 157 13.29 -15.27 3.64
CA GLN G 157 13.52 -16.40 4.52
CA GLN G 157 13.52 -16.41 4.53
C GLN G 157 15.00 -16.76 4.57
N GLU G 158 15.67 -16.72 3.42
CA GLU G 158 17.09 -17.01 3.43
C GLU G 158 17.81 -15.99 4.23
N ARG G 159 17.50 -14.72 3.98
CA ARG G 159 18.16 -13.62 4.69
C ARG G 159 18.00 -13.80 6.21
N VAL G 160 16.75 -13.97 6.64
CA VAL G 160 16.47 -14.12 8.08
C VAL G 160 17.27 -15.31 8.66
N THR G 161 17.24 -16.45 7.97
CA THR G 161 17.98 -17.60 8.46
C THR G 161 19.46 -17.29 8.67
N ILE G 162 20.01 -16.43 7.80
CA ILE G 162 21.43 -16.14 7.89
C ILE G 162 21.68 -15.19 9.05
N GLU G 163 20.75 -14.26 9.23
CA GLU G 163 20.88 -13.31 10.33
C GLU G 163 20.71 -14.03 11.67
N ASN G 164 19.73 -14.91 11.79
CA ASN G 164 19.67 -15.75 12.99
C ASN G 164 20.99 -16.46 13.23
N PHE G 165 21.50 -17.11 12.20
CA PHE G 165 22.70 -17.88 12.38
C PHE G 165 23.73 -17.00 13.06
N PHE G 166 23.73 -15.72 12.72
CA PHE G 166 24.77 -14.86 13.26
C PHE G 166 24.36 -14.24 14.60
N ASN G 167 23.11 -14.40 14.97
CA ASN G 167 22.66 -13.81 16.22
C ASN G 167 22.31 -14.90 17.22
N GLY G 168 21.00 -15.09 17.44
CA GLY G 168 20.49 -16.21 18.22
C GLY G 168 20.85 -17.53 17.59
N ASP H 1 63.78 -5.48 -42.05
CA ASP H 1 62.43 -4.91 -41.70
C ASP H 1 61.95 -3.77 -42.59
N LEU H 2 60.66 -3.83 -42.91
CA LEU H 2 60.03 -2.88 -43.81
C LEU H 2 59.81 -1.51 -43.15
N ILE H 3 59.40 -1.53 -41.89
CA ILE H 3 59.15 -0.29 -41.17
C ILE H 3 60.21 -0.08 -40.08
N LEU H 4 60.97 1.00 -40.17
CA LEU H 4 62.04 1.32 -39.23
C LEU H 4 61.67 2.57 -38.42
N PRO H 5 62.19 2.68 -37.18
CA PRO H 5 61.80 3.81 -36.38
C PRO H 5 62.50 5.09 -36.87
N PHE H 6 61.85 6.22 -36.63
CA PHE H 6 62.48 7.54 -36.87
C PHE H 6 63.33 8.01 -35.69
N TYR H 7 63.17 7.36 -34.53
CA TYR H 7 64.05 7.63 -33.39
C TYR H 7 64.01 6.46 -32.45
N LYS H 8 65.10 6.28 -31.69
CA LYS H 8 65.17 5.29 -30.62
C LYS H 8 65.81 5.93 -29.41
N ALA H 9 65.10 5.95 -28.29
CA ALA H 9 65.61 6.48 -27.03
C ALA H 9 65.70 5.32 -26.07
N GLY H 10 66.91 4.76 -25.90
CA GLY H 10 67.08 3.58 -25.08
C GLY H 10 66.28 2.46 -25.72
N LYS H 11 65.40 1.81 -24.98
CA LYS H 11 64.60 0.73 -25.57
C LYS H 11 63.27 1.21 -26.16
N VAL H 12 63.04 2.51 -26.19
CA VAL H 12 61.84 3.10 -26.78
C VAL H 12 62.08 3.48 -28.26
N SER H 13 61.40 2.78 -29.16
CA SER H 13 61.43 3.10 -30.61
C SER H 13 60.16 3.85 -31.04
N PHE H 14 60.31 4.85 -31.91
CA PHE H 14 59.24 5.75 -32.28
C PHE H 14 59.03 5.59 -33.81
N TYR H 15 57.77 5.45 -34.19
CA TYR H 15 57.40 5.12 -35.55
C TYR H 15 56.34 6.10 -36.03
N GLN H 16 56.33 6.35 -37.35
CA GLN H 16 55.25 7.11 -37.95
C GLN H 16 54.59 6.21 -38.98
N GLY H 17 53.27 6.09 -38.98
CA GLY H 17 52.60 5.27 -40.06
C GLY H 17 51.11 5.10 -39.76
N ASP H 18 50.34 4.59 -40.72
CA ASP H 18 48.98 4.17 -40.43
C ASP H 18 48.98 3.03 -39.43
N LEU H 19 47.98 3.01 -38.57
CA LEU H 19 47.90 2.03 -37.51
C LEU H 19 47.87 0.57 -38.04
N ASP H 20 47.06 0.29 -39.07
CA ASP H 20 46.94 -1.09 -39.57
C ASP H 20 48.26 -1.54 -40.12
N VAL H 21 48.95 -0.64 -40.82
CA VAL H 21 50.30 -0.96 -41.35
C VAL H 21 51.29 -1.27 -40.23
N LEU H 22 51.29 -0.46 -39.16
CA LEU H 22 52.24 -0.70 -38.05
C LEU H 22 51.91 -2.00 -37.32
N ILE H 23 50.62 -2.26 -37.06
CA ILE H 23 50.28 -3.56 -36.47
C ILE H 23 50.76 -4.72 -37.37
N ASN H 24 50.42 -4.66 -38.65
CA ASN H 24 50.76 -5.72 -39.60
C ASN H 24 52.28 -6.02 -39.61
N PHE H 25 53.11 -4.98 -39.64
CA PHE H 25 54.56 -5.18 -39.79
C PHE H 25 55.35 -5.17 -38.48
N LEU H 26 54.90 -4.44 -37.45
CA LEU H 26 55.58 -4.53 -36.16
C LEU H 26 55.11 -5.70 -35.30
N GLU H 27 53.96 -6.31 -35.63
CA GLU H 27 53.52 -7.52 -34.88
C GLU H 27 53.46 -7.37 -33.39
N PRO H 28 52.71 -6.37 -32.91
CA PRO H 28 52.62 -6.33 -31.42
C PRO H 28 51.74 -7.48 -30.81
N ASP H 29 52.03 -7.83 -29.54
CA ASP H 29 51.12 -8.59 -28.67
C ASP H 29 50.02 -7.70 -28.00
N VAL H 30 50.40 -6.46 -27.73
CA VAL H 30 49.55 -5.56 -26.97
C VAL H 30 49.51 -4.23 -27.72
N LEU H 31 48.29 -3.77 -27.99
CA LEU H 31 48.08 -2.54 -28.69
C LEU H 31 47.36 -1.69 -27.66
N VAL H 32 47.93 -0.51 -27.37
CA VAL H 32 47.32 0.43 -26.44
C VAL H 32 46.30 1.27 -27.20
N ASN H 33 45.09 1.34 -26.66
CA ASN H 33 44.04 2.16 -27.22
C ASN H 33 44.05 3.48 -26.42
N ALA H 34 43.93 4.62 -27.12
CA ALA H 34 43.71 5.92 -26.49
C ALA H 34 42.21 6.02 -26.17
N ALA H 35 41.79 5.43 -25.06
CA ALA H 35 40.38 5.28 -24.81
C ALA H 35 39.78 6.46 -24.09
N ASN H 36 38.45 6.56 -24.19
CA ASN H 36 37.60 7.43 -23.36
CA ASN H 36 37.78 7.44 -23.26
C ASN H 36 37.08 6.61 -22.21
N GLY H 37 36.71 7.28 -21.12
CA GLY H 37 36.15 6.58 -19.97
C GLY H 37 34.93 5.74 -20.27
N ASP H 38 34.07 6.18 -21.20
CA ASP H 38 32.88 5.34 -21.44
CA ASP H 38 32.84 5.45 -21.57
C ASP H 38 33.11 4.28 -22.53
N LEU H 39 34.36 4.14 -22.97
CA LEU H 39 34.75 3.15 -23.99
C LEU H 39 34.02 3.31 -25.31
N ARG H 40 33.61 4.52 -25.68
CA ARG H 40 33.15 4.75 -27.02
C ARG H 40 34.35 4.97 -27.93
N HIS H 41 34.58 4.04 -28.85
CA HIS H 41 35.83 4.03 -29.62
C HIS H 41 35.81 4.96 -30.86
N VAL H 42 35.97 6.26 -30.60
CA VAL H 42 35.96 7.26 -31.66
C VAL H 42 37.34 7.87 -31.79
N GLY H 43 37.67 8.37 -32.97
CA GLY H 43 38.94 9.03 -33.12
C GLY H 43 39.97 8.19 -33.86
N GLY H 44 41.07 8.87 -34.24
CA GLY H 44 42.14 8.30 -35.05
C GLY H 44 42.80 7.00 -34.56
N VAL H 45 42.82 6.81 -33.25
CA VAL H 45 43.37 5.60 -32.68
C VAL H 45 42.21 4.60 -32.41
N ALA H 46 41.28 4.97 -31.53
CA ALA H 46 40.25 4.02 -31.08
C ALA H 46 39.42 3.45 -32.21
N ARG H 47 39.00 4.30 -33.14
CA ARG H 47 38.19 3.82 -34.24
C ARG H 47 39.01 2.91 -35.14
N ALA H 48 40.29 3.26 -35.36
CA ALA H 48 41.07 2.45 -36.29
C ALA H 48 41.32 1.10 -35.63
N ILE H 49 41.59 1.07 -34.31
CA ILE H 49 41.72 -0.24 -33.66
C ILE H 49 40.39 -1.05 -33.74
N ASP H 50 39.26 -0.43 -33.39
CA ASP H 50 38.00 -1.13 -33.43
C ASP H 50 37.76 -1.77 -34.81
N VAL H 51 37.91 -0.97 -35.85
CA VAL H 51 37.70 -1.45 -37.21
C VAL H 51 38.71 -2.58 -37.56
N PHE H 52 39.95 -2.43 -37.12
CA PHE H 52 40.93 -3.47 -37.40
C PHE H 52 40.48 -4.85 -36.77
N THR H 53 39.78 -4.80 -35.64
CA THR H 53 39.32 -6.00 -34.94
C THR H 53 37.92 -6.36 -35.40
N GLY H 54 37.44 -5.78 -36.51
CA GLY H 54 36.08 -6.10 -37.02
C GLY H 54 34.95 -5.75 -36.04
N GLY H 55 35.15 -4.72 -35.20
CA GLY H 55 34.13 -4.39 -34.20
C GLY H 55 34.22 -5.20 -32.89
N LYS H 56 35.18 -6.13 -32.79
CA LYS H 56 35.28 -6.95 -31.54
C LYS H 56 35.69 -6.12 -30.34
N LEU H 57 36.54 -5.13 -30.56
CA LEU H 57 36.90 -4.27 -29.43
C LEU H 57 35.61 -3.68 -28.81
N THR H 58 34.70 -3.15 -29.62
CA THR H 58 33.44 -2.61 -29.04
C THR H 58 32.54 -3.69 -28.39
N LYS H 59 32.47 -4.88 -29.02
CA LYS H 59 31.72 -5.98 -28.41
C LYS H 59 32.24 -6.32 -27.04
N ARG H 60 33.56 -6.42 -26.90
CA ARG H 60 34.16 -6.72 -25.62
C ARG H 60 33.93 -5.57 -24.61
N SER H 61 33.92 -4.32 -25.13
CA SER H 61 33.70 -3.12 -24.29
C SER H 61 32.31 -3.12 -23.68
N LYS H 62 31.30 -3.42 -24.47
CA LYS H 62 29.93 -3.47 -23.97
CA LYS H 62 29.94 -3.43 -23.94
C LYS H 62 29.81 -4.57 -22.95
N GLU H 63 30.41 -5.74 -23.27
CA GLU H 63 30.42 -6.84 -22.29
C GLU H 63 31.04 -6.39 -20.98
N TYR H 64 32.23 -5.77 -21.05
CA TYR H 64 32.98 -5.30 -19.86
C TYR H 64 32.11 -4.45 -18.92
N LEU H 65 31.34 -3.54 -19.50
CA LEU H 65 30.61 -2.56 -18.69
C LEU H 65 29.36 -3.19 -18.05
N LYS H 66 29.03 -4.41 -18.48
CA LYS H 66 27.93 -5.11 -17.85
C LYS H 66 28.23 -5.54 -16.42
N SER H 67 29.49 -5.66 -16.05
CA SER H 67 29.83 -6.21 -14.75
C SER H 67 31.07 -5.54 -14.19
N SER H 68 31.46 -4.41 -14.73
CA SER H 68 32.78 -3.92 -14.36
C SER H 68 32.82 -2.41 -14.28
N LYS H 69 33.80 -1.91 -13.52
CA LYS H 69 33.84 -0.49 -13.25
C LYS H 69 34.33 0.33 -14.45
N ALA H 70 33.71 1.49 -14.62
CA ALA H 70 34.14 2.47 -15.61
C ALA H 70 35.61 2.85 -15.38
N ILE H 71 36.31 3.15 -16.47
CA ILE H 71 37.73 3.31 -16.38
C ILE H 71 37.93 4.79 -16.20
N ALA H 72 38.40 5.18 -15.02
CA ALA H 72 38.67 6.59 -14.69
C ALA H 72 40.01 7.05 -15.28
N PRO H 73 40.11 8.34 -15.65
CA PRO H 73 41.39 8.89 -16.09
C PRO H 73 42.51 8.55 -15.10
N GLY H 74 43.68 8.12 -15.60
CA GLY H 74 44.77 7.64 -14.76
C GLY H 74 44.83 6.12 -14.70
N ASN H 75 43.90 5.45 -15.36
CA ASN H 75 43.80 3.99 -15.31
C ASN H 75 43.71 3.37 -16.71
N ALA H 76 44.03 2.07 -16.81
CA ALA H 76 44.03 1.36 -18.09
C ALA H 76 43.53 -0.07 -17.81
N VAL H 77 42.76 -0.66 -18.71
CA VAL H 77 42.30 -2.05 -18.51
C VAL H 77 42.59 -2.86 -19.76
N LEU H 78 43.22 -4.02 -19.57
CA LEU H 78 43.64 -4.87 -20.69
C LEU H 78 42.51 -5.86 -21.05
N PHE H 79 42.14 -5.86 -22.33
CA PHE H 79 41.28 -6.94 -22.84
C PHE H 79 42.21 -7.91 -23.56
N GLU H 80 42.32 -9.14 -23.09
CA GLU H 80 43.31 -10.02 -23.64
C GLU H 80 42.79 -10.66 -24.90
N ASN H 81 43.67 -10.83 -25.87
CA ASN H 81 43.27 -11.45 -27.13
C ASN H 81 41.91 -10.95 -27.68
N VAL H 82 41.76 -9.64 -27.87
CA VAL H 82 40.56 -9.20 -28.62
C VAL H 82 40.56 -9.89 -30.00
N LEU H 83 41.75 -10.04 -30.60
CA LEU H 83 41.92 -10.99 -31.65
C LEU H 83 42.97 -11.96 -31.14
N GLU H 84 43.08 -13.16 -31.75
CA GLU H 84 44.14 -14.09 -31.38
C GLU H 84 45.52 -13.38 -31.37
N HIS H 85 46.16 -13.33 -30.19
CA HIS H 85 47.50 -12.69 -30.05
C HIS H 85 47.55 -11.19 -30.35
N LEU H 86 46.40 -10.56 -30.17
CA LEU H 86 46.33 -9.09 -30.08
C LEU H 86 45.44 -8.64 -28.92
N SER H 87 46.07 -8.19 -27.83
CA SER H 87 45.36 -7.72 -26.65
C SER H 87 45.23 -6.22 -26.78
N VAL H 88 44.13 -5.65 -26.31
CA VAL H 88 44.01 -4.19 -26.41
C VAL H 88 44.02 -3.61 -24.99
N MET H 89 44.98 -2.72 -24.73
CA MET H 89 45.09 -2.07 -23.42
C MET H 89 44.36 -0.74 -23.52
N ASN H 90 43.20 -0.66 -22.88
CA ASN H 90 42.35 0.55 -22.96
C ASN H 90 42.81 1.57 -21.90
N ALA H 91 43.62 2.52 -22.33
CA ALA H 91 44.26 3.48 -21.43
C ALA H 91 43.49 4.78 -21.43
N VAL H 92 43.04 5.22 -20.27
CA VAL H 92 42.24 6.44 -20.25
C VAL H 92 43.08 7.56 -19.63
N GLY H 93 43.56 8.47 -20.48
CA GLY H 93 44.36 9.60 -19.98
C GLY H 93 43.53 10.75 -19.40
N PRO H 94 44.18 11.67 -18.65
CA PRO H 94 43.52 12.95 -18.23
C PRO H 94 43.32 13.94 -19.38
N ARG H 95 42.44 14.92 -19.17
CA ARG H 95 42.28 16.00 -20.13
C ARG H 95 43.06 17.24 -19.64
N ASN H 96 43.52 18.05 -20.58
CA ASN H 96 44.21 19.31 -20.29
C ASN H 96 43.33 20.07 -19.31
N GLY H 97 43.85 20.41 -18.14
CA GLY H 97 42.97 21.13 -17.23
C GLY H 97 42.39 20.32 -16.10
N ASP H 98 42.46 18.99 -16.18
CA ASP H 98 42.10 18.16 -15.03
C ASP H 98 43.11 18.47 -13.94
N SER H 99 42.87 17.98 -12.74
CA SER H 99 43.90 18.01 -11.75
C SER H 99 44.81 16.79 -11.92
N ARG H 100 46.04 16.94 -11.44
CA ARG H 100 47.01 15.86 -11.45
C ARG H 100 47.23 15.25 -12.84
N VAL H 101 47.32 16.10 -13.86
CA VAL H 101 47.50 15.62 -15.20
C VAL H 101 48.74 14.75 -15.27
N GLU H 102 49.83 15.24 -14.72
CA GLU H 102 51.08 14.48 -14.82
C GLU H 102 51.06 13.18 -14.04
N GLY H 103 50.54 13.19 -12.82
CA GLY H 103 50.52 11.97 -12.03
C GLY H 103 49.59 10.91 -12.66
N LYS H 104 48.45 11.35 -13.19
CA LYS H 104 47.51 10.48 -13.90
C LYS H 104 48.13 9.82 -15.16
N LEU H 105 48.81 10.63 -15.96
CA LEU H 105 49.42 10.21 -17.20
C LEU H 105 50.53 9.27 -16.90
N CYS H 106 51.38 9.64 -15.93
CA CYS H 106 52.48 8.77 -15.56
C CYS H 106 51.94 7.43 -15.06
N ASN H 107 50.84 7.46 -14.31
CA ASN H 107 50.19 6.24 -13.81
CA ASN H 107 50.22 6.23 -13.83
C ASN H 107 49.67 5.31 -14.94
N VAL H 108 49.09 5.90 -15.98
CA VAL H 108 48.72 5.12 -17.19
C VAL H 108 49.94 4.40 -17.81
N TYR H 109 51.03 5.14 -17.99
CA TYR H 109 52.24 4.55 -18.59
C TYR H 109 52.76 3.39 -17.75
N LYS H 110 52.61 3.53 -16.43
CA LYS H 110 52.98 2.49 -15.51
C LYS H 110 52.14 1.21 -15.74
N ALA H 111 50.83 1.37 -15.91
CA ALA H 111 49.94 0.22 -16.14
C ALA H 111 50.31 -0.41 -17.50
N ILE H 112 50.65 0.43 -18.48
CA ILE H 112 50.97 -0.09 -19.83
C ILE H 112 52.25 -0.93 -19.76
N ALA H 113 53.24 -0.44 -19.01
CA ALA H 113 54.53 -1.10 -18.92
C ALA H 113 54.46 -2.47 -18.24
N LYS H 114 53.42 -2.73 -17.43
CA LYS H 114 53.27 -4.08 -16.86
C LYS H 114 52.72 -5.14 -17.80
N CYS H 115 52.23 -4.73 -18.97
CA CYS H 115 51.71 -5.74 -19.91
C CYS H 115 52.88 -6.60 -20.37
N ASP H 116 52.54 -7.76 -20.93
CA ASP H 116 53.52 -8.73 -21.41
C ASP H 116 53.70 -8.61 -22.92
N GLY H 117 54.93 -8.85 -23.40
CA GLY H 117 55.17 -9.01 -24.82
C GLY H 117 55.48 -7.67 -25.53
N LYS H 118 55.34 -7.65 -26.84
CA LYS H 118 55.66 -6.48 -27.62
C LYS H 118 54.47 -5.49 -27.56
N ILE H 119 54.74 -4.28 -27.08
CA ILE H 119 53.72 -3.25 -26.92
C ILE H 119 53.85 -2.15 -28.01
N LEU H 120 52.72 -1.79 -28.62
CA LEU H 120 52.67 -0.67 -29.56
C LEU H 120 51.68 0.36 -28.97
N THR H 121 52.11 1.62 -28.79
CA THR H 121 51.27 2.58 -28.10
C THR H 121 51.35 4.00 -28.73
N PRO H 122 50.23 4.73 -28.70
CA PRO H 122 50.27 6.16 -29.03
C PRO H 122 50.71 6.94 -27.79
N LEU H 123 50.85 8.26 -27.91
CA LEU H 123 51.04 9.09 -26.73
C LEU H 123 49.67 9.44 -26.13
N ILE H 124 49.44 9.01 -24.89
CA ILE H 124 48.17 9.19 -24.29
C ILE H 124 47.88 10.68 -24.01
N SER H 125 46.63 11.07 -24.25
CA SER H 125 46.11 12.41 -23.94
C SER H 125 46.55 13.50 -24.93
N VAL H 126 47.29 13.12 -25.98
CA VAL H 126 47.75 14.12 -26.93
C VAL H 126 46.68 14.15 -28.01
N GLY H 127 46.35 15.33 -28.51
CA GLY H 127 45.31 15.45 -29.54
C GLY H 127 44.04 15.94 -28.86
N ILE H 128 42.97 15.13 -28.86
CA ILE H 128 41.71 15.67 -28.34
C ILE H 128 41.61 15.94 -26.86
N PHE H 129 42.41 15.28 -26.04
CA PHE H 129 42.42 15.58 -24.60
C PHE H 129 43.29 16.83 -24.32
N LYS H 130 43.94 17.30 -25.38
CA LYS H 130 44.68 18.57 -25.41
C LYS H 130 45.88 18.68 -24.45
N VAL H 131 46.40 17.56 -23.95
CA VAL H 131 47.61 17.61 -23.15
C VAL H 131 48.79 17.74 -24.09
N LYS H 132 49.74 18.62 -23.76
CA LYS H 132 50.90 18.81 -24.63
C LYS H 132 51.70 17.56 -24.87
N LEU H 133 52.08 17.37 -26.13
CA LEU H 133 52.85 16.22 -26.53
C LEU H 133 54.02 15.96 -25.58
N GLU H 134 54.79 17.01 -25.30
CA GLU H 134 55.96 16.87 -24.44
CA GLU H 134 55.96 16.86 -24.44
C GLU H 134 55.60 16.45 -23.02
N VAL H 135 54.43 16.85 -22.56
CA VAL H 135 54.04 16.40 -21.21
C VAL H 135 53.85 14.87 -21.19
N SER H 136 53.09 14.35 -22.15
CA SER H 136 52.88 12.91 -22.26
C SER H 136 54.19 12.20 -22.54
N LEU H 137 55.00 12.76 -23.42
CA LEU H 137 56.28 12.09 -23.78
C LEU H 137 57.24 11.96 -22.55
N GLN H 138 57.39 13.03 -21.77
N GLN H 138 57.33 13.05 -21.79
CA GLN H 138 58.24 12.90 -20.57
CA GLN H 138 58.14 13.07 -20.57
C GLN H 138 57.68 11.90 -19.59
C GLN H 138 57.67 12.02 -19.57
N CYS H 139 56.36 11.90 -19.37
CA CYS H 139 55.83 10.89 -18.46
C CYS H 139 56.22 9.50 -18.94
N LEU H 140 56.10 9.27 -20.23
CA LEU H 140 56.40 7.97 -20.77
C LEU H 140 57.86 7.66 -20.49
N LEU H 141 58.72 8.61 -20.84
CA LEU H 141 60.18 8.39 -20.75
C LEU H 141 60.61 8.12 -19.33
N LYS H 142 60.03 8.87 -18.41
CA LYS H 142 60.39 8.81 -17.01
C LYS H 142 59.87 7.52 -16.36
N THR H 143 58.75 7.01 -16.86
CA THR H 143 58.09 5.91 -16.22
C THR H 143 58.52 4.56 -16.79
N VAL H 144 58.62 4.47 -18.11
CA VAL H 144 58.92 3.21 -18.77
C VAL H 144 60.41 3.14 -19.11
N THR H 145 61.22 2.86 -18.11
CA THR H 145 62.68 3.12 -18.20
C THR H 145 63.56 1.94 -18.62
N ASP H 146 63.09 0.70 -18.50
CA ASP H 146 63.90 -0.44 -18.88
C ASP H 146 63.02 -1.54 -19.50
N ARG H 147 62.28 -1.15 -20.54
CA ARG H 147 61.26 -1.97 -21.13
C ARG H 147 61.25 -1.61 -22.64
N ASP H 148 61.36 -2.59 -23.52
CA ASP H 148 61.10 -2.34 -24.93
C ASP H 148 59.70 -1.74 -25.11
N LEU H 149 59.61 -0.66 -25.87
CA LEU H 149 58.31 -0.07 -26.14
C LEU H 149 58.36 0.52 -27.51
N ASN H 150 57.25 0.38 -28.25
CA ASN H 150 57.07 1.02 -29.57
C ASN H 150 55.96 2.04 -29.49
N VAL H 151 56.27 3.26 -29.88
CA VAL H 151 55.38 4.40 -29.79
C VAL H 151 55.09 4.87 -31.23
N PHE H 152 53.84 5.21 -31.54
CA PHE H 152 53.59 5.70 -32.89
C PHE H 152 52.90 7.05 -32.89
N VAL H 153 53.11 7.82 -33.97
CA VAL H 153 52.35 9.03 -34.20
C VAL H 153 51.96 8.97 -35.66
N TYR H 154 50.98 9.77 -36.05
CA TYR H 154 50.56 9.81 -37.41
C TYR H 154 51.20 11.00 -38.15
N THR H 155 51.24 12.20 -37.56
CA THR H 155 51.54 13.35 -38.43
C THR H 155 53.02 13.73 -38.43
N ASP H 156 53.43 14.34 -39.56
CA ASP H 156 54.77 14.92 -39.71
C ASP H 156 55.14 15.81 -38.55
N GLN H 157 54.21 16.67 -38.16
CA GLN H 157 54.43 17.66 -37.11
CA GLN H 157 54.57 17.64 -37.14
C GLN H 157 54.78 17.01 -35.78
N GLU H 158 54.03 15.94 -35.46
CA GLU H 158 54.26 15.23 -34.19
C GLU H 158 55.62 14.57 -34.19
N ARG H 159 56.01 13.99 -35.32
CA ARG H 159 57.33 13.38 -35.45
C ARG H 159 58.46 14.42 -35.22
N VAL H 160 58.34 15.57 -35.85
CA VAL H 160 59.32 16.66 -35.69
C VAL H 160 59.40 17.12 -34.23
N THR H 161 58.24 17.28 -33.62
CA THR H 161 58.17 17.68 -32.22
C THR H 161 58.88 16.70 -31.35
N ILE H 162 58.68 15.41 -31.62
CA ILE H 162 59.39 14.40 -30.84
C ILE H 162 60.92 14.47 -31.10
N GLU H 163 61.29 14.56 -32.38
CA GLU H 163 62.72 14.66 -32.74
C GLU H 163 63.38 15.89 -32.06
N ASN H 164 62.68 17.03 -32.10
CA ASN H 164 63.18 18.29 -31.53
C ASN H 164 63.38 18.15 -30.05
N PHE H 165 62.50 17.41 -29.40
CA PHE H 165 62.63 17.17 -28.00
C PHE H 165 63.92 16.44 -27.66
N PHE H 166 64.25 15.41 -28.43
CA PHE H 166 65.47 14.67 -28.21
C PHE H 166 66.67 15.46 -28.75
N ASN H 167 66.52 16.17 -29.87
CA ASN H 167 67.68 16.81 -30.51
C ASN H 167 68.25 17.95 -29.64
N GLY H 168 67.37 18.56 -28.85
CA GLY H 168 67.77 19.65 -27.94
C GLY H 168 67.39 21.01 -28.52
#